data_8ZKK
#
_entry.id   8ZKK
#
loop_
_entity.id
_entity.type
_entity.pdbx_description
1 polymer 'nozzle gp16'
2 polymer 'portal gp5'
3 polymer 'adaptor gp12'
4 polymer 'ring protein gp10'
5 polymer gp13
#
loop_
_entity_poly.entity_id
_entity_poly.type
_entity_poly.pdbx_seq_one_letter_code
_entity_poly.pdbx_strand_id
1 'polypeptide(L)'
;MEVTHKQFDLSGFLPDQAPDTLKSGAISRGFNVKPTILGWEKSGGFRETNTAPTNEKDFIFFWSPAIGDNRWFSGGDKTV
QQVEGNVVSDVSRTGGYTAGSGRRWNAVNFNGVLLMNNELDSPQYLAASGKLEDFPNLPSNVRFRTVAVYKNFILGLGVN
FGSGFLDDEIYWSHQADPGTMPPNWDYANAASDSGRTPLPSEGYCVTSEELGSMNIVYKSDSIWTMQLIGGQWIFRFENK
FPGQGILNKKSVVSFEGKHFVVTQKDIIVHDGYQVRSVADKRVRNFFFTDMNSDYFERVFVVKDPRVAEVYVFYPSKNSV
DGLCDRALVWNWRDDVWSLLNLRPLKHAAYGYEITGVSITWDNFVGGWESTGLWQADEDVAKYAPVLHYSFRDVPKLLAP
TPQALFIDEEIEAVWEREDIVIGSISRDGVPYQDYERNKSVSSISFDVDTTEPFDVYIGYKGSLEDSVEWEFAGTVNPME
DKRLFCLLTAGLFSMRIISKAQTFILRSYKITYEFAGEMWS
;
O
2 'polypeptide(L)'
;MEILYTGASESLHSTILKALLERIDLGDTFISDNYTRWQATERYYMMYKIPNKKDKAAIEKWNKGDTDFKSLVMPYSYAQ
LMTAHAYMVNVFLNRDPIFQTDSLNGDGTERELALESMLQYQVKAGEMEPSLLVWFMDALRYGVGVLGDYWEEHVFHQTV
FEEEEEIIDGVPTGNMKKVKKTRVVKGYEGCKTFNVMVYDFIPDPRVALCKYQEGEFFGRRLDLNVLDLKKGAKFGKYFN
VEHAEALVAASKEEMYRRDPSIGQQRSLKDSTMTPKGKQVGDISCVEIFVRLVPKDWGLGDSEFPEMWVFTVADKKYIVA
AEPVNTLDDKFPFHILECEIDGYMNKSRGLLEISAPMNDILTWLFDSHMYNKRQIMNNQFIGDPSALVVKDVESKEPGKF
IRLRPTAYGRDVRSIISQLPVTDVTAQNIQDVQVVERNMQRIVGVNDDVAGQSSPSSRRSATEFRGTTSFASSRLANLAY
FFSVTGFRSLAKSLIVKTQQLYTVEMKVKVAGDNIKGAQSIIVKPEDISGQFDIMPVDGTLPVDRMAQAQFWMQIMSMVA
GNPVLGAEYRLGDIFSYTARLAGLKGIDKMKIRILDDDQILALILAQQKGGADVQPTGQPTTQGVGNPTGVNEPAPSVTQ
GTPGLSGLQALM
;
A,U
3 'polypeptide(L)'
;MDKATLVKTIAYRMGNVKGQDTAIDFELALSIERLEGQEFVPWFLLSENNFFEGTAQENRIPVPRGFIREYEEGSLYLRR
VAGTGKCLIKKSQDQLLKYEGMTGEPSHYSLTNQYFRIYPVPQEDFKVELLFYRKSSTLNVEDNPWYEYAAELLVAETIW
AMLSARRDKMADYWKSVAADQMRRLTILDAERRLANQEIFMG
;
B,D
4 'polypeptide(L)'
;MSSWDRFDTPWDSIIDESTWEHYTFKYDASFEAFSSMEVDEDLTITVSVLFASTSDNTVTVGQVLGLTMDNRAGSYFGAG
SSWTSEAAVNNEAGSGFQSSHALQLSYSVEDGVISSFGSEAFCSFYNTVSFESSSDVQAAVNSLYNLDVLFSSGSGDSEQ
HYVVFGETASFESLAEHETSSQYITHVECMFNSVVEFEVKTYDWGRPVKPVGSDWSTDTPVVGVWVNEIYNGNKDWGES
;
m
5 'polypeptide(L)'
;MALETWDANSTPATLNTAWPEATDPLNKGDDHIRLLKTVVVNFWNKVFDGSKLKTAVVPAAVNSATAGSGFGGFRYQVVN
NSDGTKTLRLFTS
;
p,u,z
#
# COMPACT_ATOMS: atom_id res chain seq x y z
N MET A 1 -30.91 -19.87 -41.78
CA MET A 1 -30.98 -21.02 -42.67
C MET A 1 -30.68 -20.61 -44.12
N GLU A 2 -30.51 -21.61 -44.99
CA GLU A 2 -30.12 -21.37 -46.37
C GLU A 2 -31.15 -21.98 -47.32
N VAL A 3 -31.31 -21.33 -48.47
CA VAL A 3 -32.19 -21.82 -49.53
C VAL A 3 -31.39 -21.83 -50.83
N THR A 4 -31.42 -22.96 -51.52
CA THR A 4 -30.60 -23.16 -52.71
C THR A 4 -31.51 -23.34 -53.93
N HIS A 5 -31.46 -22.38 -54.84
CA HIS A 5 -32.23 -22.43 -56.07
C HIS A 5 -31.31 -22.81 -57.21
N LYS A 6 -31.60 -23.92 -57.88
CA LYS A 6 -30.75 -24.47 -58.93
C LYS A 6 -31.38 -24.24 -60.29
N GLN A 7 -30.58 -23.73 -61.21
CA GLN A 7 -31.00 -23.52 -62.60
C GLN A 7 -30.98 -24.85 -63.33
N PHE A 8 -30.97 -24.81 -64.65
CA PHE A 8 -30.92 -25.99 -65.53
C PHE A 8 -32.06 -26.96 -65.30
N ASP A 9 -33.20 -26.48 -64.78
CA ASP A 9 -34.41 -27.28 -64.77
C ASP A 9 -35.30 -27.00 -65.97
N LEU A 10 -34.87 -26.13 -66.88
CA LEU A 10 -35.54 -25.87 -68.16
C LEU A 10 -36.97 -25.35 -67.95
N SER A 11 -37.05 -24.20 -67.28
CA SER A 11 -38.31 -23.49 -67.12
C SER A 11 -38.38 -22.26 -68.00
N GLY A 12 -37.35 -21.42 -67.98
CA GLY A 12 -37.23 -20.35 -68.92
C GLY A 12 -38.09 -19.13 -68.59
N PHE A 13 -38.09 -18.20 -69.54
CA PHE A 13 -38.84 -16.95 -69.47
C PHE A 13 -40.32 -17.21 -69.28
N LEU A 14 -40.87 -16.83 -68.13
CA LEU A 14 -42.29 -17.02 -67.82
C LEU A 14 -42.88 -15.70 -67.33
N PRO A 15 -43.07 -14.74 -68.23
CA PRO A 15 -43.54 -13.41 -67.79
C PRO A 15 -45.03 -13.31 -67.57
N ASP A 16 -45.78 -14.39 -67.70
CA ASP A 16 -47.23 -14.31 -67.53
C ASP A 16 -47.69 -14.82 -66.16
N GLN A 17 -46.97 -15.76 -65.56
CA GLN A 17 -47.33 -16.22 -64.24
C GLN A 17 -46.93 -15.18 -63.19
N ALA A 18 -47.41 -15.36 -61.98
CA ALA A 18 -47.12 -14.46 -60.90
C ALA A 18 -45.69 -14.61 -60.55
N PRO A 19 -44.96 -13.53 -60.44
CA PRO A 19 -43.54 -13.72 -60.19
C PRO A 19 -43.30 -14.47 -58.92
N ASP A 20 -44.12 -14.25 -57.90
CA ASP A 20 -43.88 -14.83 -56.60
C ASP A 20 -43.84 -16.33 -56.66
N THR A 21 -44.42 -16.93 -57.67
CA THR A 21 -44.50 -18.38 -57.70
C THR A 21 -43.96 -19.14 -58.87
N LEU A 22 -42.92 -18.69 -59.55
CA LEU A 22 -42.54 -19.37 -60.78
C LEU A 22 -41.53 -20.50 -60.84
N LYS A 23 -40.90 -20.89 -59.75
CA LYS A 23 -39.93 -22.01 -59.69
C LYS A 23 -38.56 -21.57 -60.02
N SER A 24 -37.59 -22.27 -59.51
CA SER A 24 -36.24 -21.86 -59.68
C SER A 24 -35.89 -22.18 -61.05
N GLY A 25 -35.04 -21.41 -61.68
CA GLY A 25 -34.79 -21.68 -63.07
C GLY A 25 -35.73 -20.92 -63.96
N ALA A 26 -36.57 -20.07 -63.38
CA ALA A 26 -37.47 -19.25 -64.14
C ALA A 26 -37.17 -17.83 -63.85
N ILE A 27 -37.27 -16.97 -64.84
CA ILE A 27 -37.09 -15.55 -64.60
C ILE A 27 -38.30 -14.79 -65.12
N SER A 28 -38.42 -13.54 -64.67
CA SER A 28 -39.56 -12.70 -65.02
C SER A 28 -39.23 -11.63 -66.04
N ARG A 29 -37.98 -11.19 -66.11
CA ARG A 29 -37.54 -10.19 -67.08
C ARG A 29 -36.18 -10.61 -67.62
N GLY A 30 -35.52 -9.69 -68.30
CA GLY A 30 -34.18 -9.91 -68.80
C GLY A 30 -34.18 -10.27 -70.28
N PHE A 31 -32.97 -10.25 -70.85
CA PHE A 31 -32.81 -10.48 -72.28
C PHE A 31 -31.37 -10.90 -72.54
N ASN A 32 -31.15 -11.39 -73.76
CA ASN A 32 -29.83 -11.82 -74.24
C ASN A 32 -29.27 -13.00 -73.45
N VAL A 33 -30.13 -13.76 -72.78
CA VAL A 33 -29.76 -15.01 -72.16
C VAL A 33 -30.78 -16.07 -72.58
N LYS A 34 -30.32 -17.31 -72.69
CA LYS A 34 -31.20 -18.40 -73.04
C LYS A 34 -30.95 -19.61 -72.15
N PRO A 35 -31.99 -20.37 -71.83
CA PRO A 35 -31.83 -21.48 -70.89
C PRO A 35 -31.37 -22.76 -71.56
N THR A 36 -30.34 -23.39 -71.00
CA THR A 36 -29.83 -24.66 -71.48
C THR A 36 -29.82 -25.66 -70.34
N ILE A 37 -29.35 -26.87 -70.63
CA ILE A 37 -29.15 -27.86 -69.58
C ILE A 37 -27.92 -27.58 -68.74
N LEU A 38 -27.14 -26.57 -69.10
CA LEU A 38 -25.98 -26.16 -68.32
C LEU A 38 -26.30 -25.06 -67.32
N GLY A 39 -27.32 -24.25 -67.61
CA GLY A 39 -27.71 -23.17 -66.71
C GLY A 39 -28.43 -22.05 -67.43
N TRP A 40 -28.00 -20.81 -67.19
CA TRP A 40 -28.53 -19.62 -67.86
C TRP A 40 -27.34 -18.92 -68.50
N GLU A 41 -27.00 -19.31 -69.72
CA GLU A 41 -25.82 -18.79 -70.38
C GLU A 41 -26.16 -17.61 -71.29
N LYS A 42 -25.12 -17.01 -71.85
CA LYS A 42 -25.22 -15.79 -72.62
C LYS A 42 -25.06 -16.08 -74.12
N SER A 43 -25.87 -15.41 -74.93
CA SER A 43 -25.89 -15.62 -76.36
C SER A 43 -24.75 -14.88 -77.05
N GLY A 44 -24.38 -15.37 -78.23
CA GLY A 44 -23.25 -14.83 -78.97
C GLY A 44 -23.58 -13.57 -79.74
N GLY A 45 -22.58 -13.12 -80.50
CA GLY A 45 -22.66 -11.88 -81.24
C GLY A 45 -22.75 -12.07 -82.73
N PHE A 46 -22.38 -11.01 -83.47
CA PHE A 46 -22.59 -10.95 -84.90
C PHE A 46 -21.30 -10.60 -85.62
N ARG A 47 -21.06 -11.27 -86.74
CA ARG A 47 -19.99 -10.96 -87.66
C ARG A 47 -20.58 -10.40 -88.94
N GLU A 48 -19.72 -10.08 -89.90
CA GLU A 48 -20.16 -9.52 -91.17
C GLU A 48 -19.81 -10.47 -92.30
N THR A 49 -20.66 -10.49 -93.33
CA THR A 49 -20.44 -11.29 -94.52
C THR A 49 -20.04 -10.37 -95.67
N ASN A 50 -19.77 -10.99 -96.82
CA ASN A 50 -19.34 -10.24 -97.99
C ASN A 50 -20.52 -9.66 -98.77
N THR A 51 -21.72 -10.16 -98.54
CA THR A 51 -22.88 -9.70 -99.30
C THR A 51 -23.26 -8.29 -98.90
N ALA A 52 -23.48 -7.43 -99.90
CA ALA A 52 -23.90 -6.05 -99.67
C ALA A 52 -24.65 -5.55 -100.90
N PRO A 53 -25.95 -5.28 -100.79
CA PRO A 53 -26.72 -4.87 -101.96
C PRO A 53 -26.71 -3.36 -102.22
N THR A 54 -26.43 -2.57 -101.18
CA THR A 54 -26.35 -1.10 -101.24
C THR A 54 -27.66 -0.44 -101.69
N ASN A 55 -28.76 -1.19 -101.77
CA ASN A 55 -30.07 -0.59 -101.94
C ASN A 55 -30.80 -0.59 -100.60
N GLU A 56 -32.09 -0.27 -100.63
CA GLU A 56 -32.88 -0.12 -99.41
C GLU A 56 -33.07 -1.44 -98.66
N LYS A 57 -32.75 -2.57 -99.29
CA LYS A 57 -32.88 -3.91 -98.69
C LYS A 57 -34.34 -4.25 -98.44
N ASP A 58 -34.72 -4.34 -97.17
CA ASP A 58 -36.11 -4.55 -96.74
C ASP A 58 -36.61 -5.96 -97.05
N PHE A 59 -35.84 -6.74 -97.81
CA PHE A 59 -36.24 -8.10 -98.17
C PHE A 59 -35.08 -8.83 -98.82
N ILE A 60 -34.78 -10.04 -98.36
CA ILE A 60 -33.71 -10.84 -98.94
C ILE A 60 -34.21 -12.26 -99.17
N PHE A 61 -33.95 -12.79 -100.36
CA PHE A 61 -34.32 -14.14 -100.75
C PHE A 61 -33.09 -14.84 -101.30
N PHE A 62 -33.08 -16.17 -101.23
CA PHE A 62 -31.96 -16.97 -101.67
C PHE A 62 -32.34 -17.81 -102.88
N TRP A 63 -31.47 -17.84 -103.88
CA TRP A 63 -31.66 -18.65 -105.08
C TRP A 63 -30.39 -19.43 -105.36
N SER A 64 -30.52 -20.74 -105.59
CA SER A 64 -29.37 -21.57 -105.85
C SER A 64 -29.78 -22.83 -106.62
N PRO A 65 -29.72 -22.81 -107.95
CA PRO A 65 -30.06 -24.02 -108.72
C PRO A 65 -29.16 -25.21 -108.44
N ALA A 66 -27.89 -24.98 -108.15
CA ALA A 66 -26.94 -26.06 -107.94
C ALA A 66 -25.92 -25.64 -106.90
N ILE A 67 -25.02 -26.56 -106.55
CA ILE A 67 -24.00 -26.29 -105.55
C ILE A 67 -23.01 -25.27 -106.10
N GLY A 68 -22.68 -24.26 -105.29
CA GLY A 68 -21.78 -23.21 -105.69
C GLY A 68 -22.46 -22.01 -106.34
N ASP A 69 -23.71 -22.16 -106.74
CA ASP A 69 -24.45 -21.09 -107.42
C ASP A 69 -25.18 -20.27 -106.35
N ASN A 70 -24.39 -19.51 -105.59
CA ASN A 70 -24.93 -18.74 -104.47
C ASN A 70 -25.38 -17.38 -105.00
N ARG A 71 -26.69 -17.23 -105.17
CA ARG A 71 -27.29 -16.00 -105.68
C ARG A 71 -28.18 -15.39 -104.61
N TRP A 72 -27.92 -14.14 -104.26
CA TRP A 72 -28.68 -13.42 -103.25
C TRP A 72 -29.53 -12.35 -103.92
N PHE A 73 -30.81 -12.29 -103.54
CA PHE A 73 -31.74 -11.29 -104.05
C PHE A 73 -32.09 -10.33 -102.94
N SER A 74 -32.07 -9.04 -103.24
CA SER A 74 -32.41 -7.98 -102.29
C SER A 74 -33.51 -7.13 -102.90
N GLY A 75 -34.75 -7.36 -102.47
CA GLY A 75 -35.87 -6.60 -102.99
C GLY A 75 -36.20 -5.37 -102.18
N GLY A 76 -35.69 -4.22 -102.61
CA GLY A 76 -35.92 -2.96 -101.93
C GLY A 76 -37.16 -2.26 -102.44
N ASP A 77 -37.12 -0.94 -102.36
CA ASP A 77 -38.21 -0.10 -102.84
C ASP A 77 -37.89 0.41 -104.23
N LYS A 78 -38.77 0.12 -105.19
CA LYS A 78 -38.69 0.62 -106.56
C LYS A 78 -37.52 0.02 -107.34
N THR A 79 -36.71 -0.80 -106.69
CA THR A 79 -35.56 -1.44 -107.32
C THR A 79 -35.34 -2.82 -106.71
N VAL A 80 -35.15 -3.81 -107.56
CA VAL A 80 -34.85 -5.17 -107.14
C VAL A 80 -33.49 -5.53 -107.73
N GLN A 81 -32.55 -5.89 -106.87
CA GLN A 81 -31.18 -6.15 -107.28
C GLN A 81 -30.79 -7.59 -106.95
N GLN A 82 -29.77 -8.08 -107.66
CA GLN A 82 -29.21 -9.40 -107.46
C GLN A 82 -27.77 -9.25 -107.03
N VAL A 83 -27.39 -9.92 -105.95
CA VAL A 83 -26.04 -9.87 -105.41
C VAL A 83 -25.42 -11.25 -105.58
N GLU A 84 -24.36 -11.34 -106.36
CA GLU A 84 -23.66 -12.59 -106.60
C GLU A 84 -22.16 -12.34 -106.58
N GLY A 85 -21.45 -13.11 -105.78
CA GLY A 85 -20.02 -12.89 -105.66
C GLY A 85 -19.74 -11.51 -105.11
N ASN A 86 -18.97 -10.72 -105.87
CA ASN A 86 -18.64 -9.36 -105.49
C ASN A 86 -19.31 -8.33 -106.37
N VAL A 87 -20.37 -8.70 -107.07
CA VAL A 87 -21.06 -7.80 -107.99
C VAL A 87 -22.53 -7.71 -107.60
N VAL A 88 -23.12 -6.54 -107.83
CA VAL A 88 -24.55 -6.32 -107.65
C VAL A 88 -25.12 -5.85 -108.98
N SER A 89 -26.19 -6.51 -109.43
CA SER A 89 -26.78 -6.25 -110.73
C SER A 89 -28.27 -6.05 -110.59
N ASP A 90 -28.83 -5.22 -111.47
CA ASP A 90 -30.25 -4.94 -111.41
C ASP A 90 -31.05 -6.01 -112.15
N VAL A 91 -32.18 -6.44 -111.61
CA VAL A 91 -33.00 -7.43 -112.30
C VAL A 91 -34.44 -6.99 -112.39
N SER A 92 -34.69 -5.73 -112.11
CA SER A 92 -36.05 -5.25 -112.06
C SER A 92 -36.74 -5.09 -113.37
N ARG A 93 -38.07 -5.00 -113.33
CA ARG A 93 -38.87 -4.83 -114.54
C ARG A 93 -38.49 -3.50 -115.16
N THR A 94 -38.81 -3.33 -116.42
CA THR A 94 -38.45 -2.10 -117.12
C THR A 94 -39.15 -0.99 -116.39
N GLY A 95 -40.35 -1.26 -115.95
CA GLY A 95 -41.05 -0.26 -115.16
C GLY A 95 -40.78 -0.59 -113.72
N GLY A 96 -40.06 0.27 -113.05
CA GLY A 96 -39.71 -0.01 -111.68
C GLY A 96 -40.97 -0.06 -110.88
N TYR A 97 -40.97 -0.86 -109.84
CA TYR A 97 -42.17 -1.03 -109.07
C TYR A 97 -42.56 0.22 -108.31
N THR A 98 -43.85 0.34 -107.98
CA THR A 98 -44.36 1.52 -107.31
C THR A 98 -43.89 1.69 -105.89
N ALA A 99 -43.95 2.91 -105.38
CA ALA A 99 -43.49 3.21 -104.03
C ALA A 99 -44.21 2.49 -102.93
N GLY A 100 -43.49 2.06 -101.91
CA GLY A 100 -44.15 1.41 -100.79
C GLY A 100 -43.90 -0.06 -100.84
N SER A 101 -43.32 -0.51 -101.93
CA SER A 101 -42.99 -1.91 -102.05
C SER A 101 -41.82 -2.13 -101.12
N GLY A 102 -41.57 -3.37 -100.76
CA GLY A 102 -40.51 -3.66 -99.83
C GLY A 102 -41.10 -3.81 -98.48
N ARG A 103 -42.34 -3.42 -98.34
CA ARG A 103 -42.98 -3.69 -97.10
C ARG A 103 -43.79 -4.90 -97.46
N ARG A 104 -43.98 -5.10 -98.75
CA ARG A 104 -44.81 -6.20 -99.21
C ARG A 104 -44.20 -6.95 -100.37
N TRP A 105 -43.11 -7.66 -100.16
CA TRP A 105 -42.55 -8.46 -101.21
C TRP A 105 -42.62 -9.89 -100.75
N ASN A 106 -43.15 -10.77 -101.57
CA ASN A 106 -43.19 -12.18 -101.23
C ASN A 106 -42.64 -12.99 -102.36
N ALA A 107 -41.95 -14.07 -102.05
CA ALA A 107 -41.34 -14.87 -103.08
C ALA A 107 -41.58 -16.34 -102.84
N VAL A 108 -41.55 -17.15 -103.90
CA VAL A 108 -41.84 -18.57 -103.77
C VAL A 108 -41.21 -19.33 -104.95
N ASN A 109 -40.79 -20.57 -104.74
CA ASN A 109 -40.22 -21.36 -105.81
C ASN A 109 -41.27 -22.33 -106.35
N PHE A 110 -41.62 -22.18 -107.63
CA PHE A 110 -42.65 -22.98 -108.28
C PHE A 110 -41.96 -23.98 -109.21
N ASN A 111 -41.61 -25.14 -108.71
CA ASN A 111 -40.91 -26.11 -109.51
C ASN A 111 -39.80 -25.46 -110.25
N GLY A 112 -38.93 -24.72 -109.58
CA GLY A 112 -37.79 -24.12 -110.25
C GLY A 112 -37.89 -22.74 -110.83
N VAL A 113 -39.01 -22.04 -110.61
CA VAL A 113 -39.12 -20.66 -111.08
C VAL A 113 -39.41 -19.72 -109.92
N LEU A 114 -38.94 -18.47 -110.00
CA LEU A 114 -39.15 -17.55 -108.90
C LEU A 114 -40.18 -16.49 -109.21
N LEU A 115 -41.12 -16.31 -108.31
CA LEU A 115 -42.19 -15.38 -108.54
C LEU A 115 -42.23 -14.39 -107.43
N MET A 116 -42.33 -13.10 -107.74
CA MET A 116 -42.48 -12.07 -106.71
C MET A 116 -43.70 -11.16 -106.85
N ASN A 117 -44.48 -11.02 -105.79
CA ASN A 117 -45.65 -10.13 -105.81
C ASN A 117 -45.54 -8.96 -104.86
N ASN A 118 -45.64 -7.73 -105.35
CA ASN A 118 -45.67 -6.58 -104.45
C ASN A 118 -47.08 -6.10 -104.15
N GLU A 119 -48.08 -6.55 -104.88
CA GLU A 119 -49.50 -6.22 -104.61
C GLU A 119 -49.79 -4.80 -105.09
N LEU A 120 -48.75 -4.08 -105.44
CA LEU A 120 -48.90 -2.72 -105.86
C LEU A 120 -48.59 -2.63 -107.32
N ASP A 121 -48.24 -3.74 -107.93
CA ASP A 121 -47.93 -3.77 -109.35
C ASP A 121 -48.16 -5.19 -109.77
N SER A 122 -48.24 -5.45 -111.07
CA SER A 122 -48.56 -6.81 -111.52
C SER A 122 -47.58 -7.91 -111.13
N PRO A 123 -48.09 -9.13 -110.80
CA PRO A 123 -47.16 -10.15 -110.35
C PRO A 123 -46.10 -10.37 -111.35
N GLN A 124 -44.91 -10.73 -110.91
CA GLN A 124 -43.81 -10.90 -111.80
C GLN A 124 -43.20 -12.27 -111.68
N TYR A 125 -42.40 -12.69 -112.65
CA TYR A 125 -41.69 -13.95 -112.58
C TYR A 125 -40.29 -13.66 -113.10
N LEU A 126 -39.28 -14.39 -112.68
CA LEU A 126 -37.97 -14.13 -113.24
C LEU A 126 -37.86 -14.92 -114.48
N ALA A 127 -37.71 -14.21 -115.59
CA ALA A 127 -37.63 -14.85 -116.87
C ALA A 127 -36.31 -15.45 -117.14
N ALA A 128 -36.25 -16.23 -118.21
CA ALA A 128 -35.01 -16.88 -118.58
C ALA A 128 -33.99 -15.82 -118.87
N SER A 129 -34.44 -14.67 -119.34
CA SER A 129 -33.54 -13.59 -119.69
C SER A 129 -32.72 -13.17 -118.50
N GLY A 130 -33.32 -13.20 -117.33
CA GLY A 130 -32.62 -12.70 -116.18
C GLY A 130 -33.21 -11.40 -115.72
N LYS A 131 -34.41 -11.06 -116.16
CA LYS A 131 -35.05 -9.88 -115.61
C LYS A 131 -36.40 -10.32 -115.13
N LEU A 132 -36.84 -9.78 -114.00
CA LEU A 132 -38.17 -10.08 -113.56
C LEU A 132 -39.08 -9.49 -114.60
N GLU A 133 -40.03 -10.28 -115.09
CA GLU A 133 -40.98 -9.78 -116.07
C GLU A 133 -42.34 -10.06 -115.54
N ASP A 134 -43.33 -9.38 -116.06
CA ASP A 134 -44.68 -9.53 -115.56
C ASP A 134 -45.27 -10.86 -115.96
N PHE A 135 -46.41 -11.20 -115.39
CA PHE A 135 -46.99 -12.52 -115.65
C PHE A 135 -47.33 -12.83 -117.10
N PRO A 136 -47.00 -14.04 -117.55
CA PRO A 136 -47.17 -14.44 -118.97
C PRO A 136 -48.51 -14.53 -119.69
N ASN A 137 -49.57 -15.10 -119.11
CA ASN A 137 -50.83 -15.31 -119.84
C ASN A 137 -52.01 -14.93 -119.01
N LEU A 138 -51.83 -13.93 -118.17
CA LEU A 138 -52.91 -13.49 -117.31
C LEU A 138 -53.18 -12.03 -117.65
N PRO A 139 -54.43 -11.61 -117.52
CA PRO A 139 -54.79 -10.22 -117.84
C PRO A 139 -54.08 -9.26 -116.94
N SER A 140 -53.70 -8.08 -117.41
CA SER A 140 -52.89 -7.17 -116.60
C SER A 140 -53.46 -6.63 -115.29
N ASN A 141 -54.73 -6.23 -115.27
CA ASN A 141 -55.34 -5.61 -114.10
C ASN A 141 -55.45 -6.46 -112.85
N VAL A 142 -55.65 -7.75 -113.00
CA VAL A 142 -55.86 -8.56 -111.81
C VAL A 142 -54.69 -8.58 -110.85
N ARG A 143 -54.96 -8.46 -109.55
CA ARG A 143 -53.92 -8.40 -108.53
C ARG A 143 -54.20 -9.40 -107.41
N PHE A 144 -53.16 -9.97 -106.84
CA PHE A 144 -53.35 -10.93 -105.78
C PHE A 144 -52.60 -10.34 -104.64
N ARG A 145 -53.17 -10.37 -103.43
CA ARG A 145 -52.37 -9.91 -102.31
C ARG A 145 -51.13 -10.75 -102.06
N THR A 146 -51.22 -12.07 -102.22
CA THR A 146 -50.05 -12.94 -102.08
C THR A 146 -49.98 -14.06 -103.13
N VAL A 147 -48.79 -14.58 -103.40
CA VAL A 147 -48.64 -15.60 -104.44
C VAL A 147 -48.11 -16.93 -103.89
N ALA A 148 -48.82 -18.03 -104.06
CA ALA A 148 -48.40 -19.31 -103.50
C ALA A 148 -48.47 -20.36 -104.55
N VAL A 149 -47.95 -21.55 -104.26
CA VAL A 149 -47.99 -22.67 -105.19
C VAL A 149 -48.49 -23.95 -104.56
N TYR A 150 -49.30 -24.73 -105.25
CA TYR A 150 -49.71 -26.05 -104.75
C TYR A 150 -49.43 -27.03 -105.85
N LYS A 151 -48.35 -27.78 -105.75
CA LYS A 151 -47.98 -28.69 -106.82
C LYS A 151 -47.86 -27.89 -108.09
N ASN A 152 -48.60 -28.24 -109.12
CA ASN A 152 -48.51 -27.55 -110.40
C ASN A 152 -49.38 -26.30 -110.63
N PHE A 153 -50.19 -25.92 -109.66
CA PHE A 153 -51.03 -24.75 -109.79
C PHE A 153 -50.51 -23.55 -109.00
N ILE A 154 -50.32 -22.38 -109.61
CA ILE A 154 -49.93 -21.24 -108.82
C ILE A 154 -51.16 -20.51 -108.32
N LEU A 155 -51.33 -20.46 -107.00
CA LEU A 155 -52.52 -19.84 -106.42
C LEU A 155 -52.35 -18.36 -106.13
N GLY A 156 -53.46 -17.64 -106.01
CA GLY A 156 -53.39 -16.22 -105.72
C GLY A 156 -54.44 -15.88 -104.69
N LEU A 157 -54.18 -14.97 -103.77
CA LEU A 157 -55.15 -14.73 -102.70
C LEU A 157 -55.60 -13.30 -102.66
N GLY A 158 -56.79 -13.02 -102.12
CA GLY A 158 -57.27 -11.66 -102.15
C GLY A 158 -57.28 -11.09 -103.55
N VAL A 159 -58.13 -11.60 -104.41
CA VAL A 159 -58.07 -11.20 -105.81
C VAL A 159 -58.90 -10.00 -106.26
N ASN A 160 -58.28 -9.12 -107.03
CA ASN A 160 -58.96 -7.95 -107.55
C ASN A 160 -59.19 -8.30 -108.99
N PHE A 161 -60.40 -8.11 -109.49
CA PHE A 161 -60.72 -8.48 -110.85
C PHE A 161 -60.80 -7.29 -111.81
N GLY A 162 -60.45 -6.10 -111.36
CA GLY A 162 -60.62 -4.91 -112.20
C GLY A 162 -61.81 -4.09 -111.72
N SER A 163 -62.62 -4.66 -110.84
CA SER A 163 -63.77 -3.97 -110.28
C SER A 163 -63.46 -3.54 -108.86
N GLY A 164 -62.71 -4.35 -108.13
CA GLY A 164 -62.35 -4.04 -106.75
C GLY A 164 -61.70 -5.27 -106.16
N PHE A 165 -61.43 -5.29 -104.85
CA PHE A 165 -60.86 -6.48 -104.18
C PHE A 165 -61.92 -7.29 -103.51
N LEU A 166 -61.91 -8.59 -103.72
CA LEU A 166 -62.92 -9.45 -103.10
C LEU A 166 -62.53 -10.32 -101.91
N ASP A 167 -61.26 -10.37 -101.53
CA ASP A 167 -60.82 -11.29 -100.46
C ASP A 167 -61.26 -12.75 -100.67
N ASP A 168 -60.95 -13.33 -101.84
CA ASP A 168 -61.34 -14.70 -102.22
C ASP A 168 -60.25 -15.13 -103.14
N GLU A 169 -60.17 -16.40 -103.53
CA GLU A 169 -59.01 -16.87 -104.30
C GLU A 169 -59.19 -17.57 -105.62
N ILE A 170 -58.16 -17.54 -106.47
CA ILE A 170 -58.23 -18.11 -107.79
C ILE A 170 -57.28 -19.31 -107.98
N TYR A 171 -57.78 -20.42 -108.52
CA TYR A 171 -56.93 -21.57 -108.75
C TYR A 171 -56.30 -21.30 -110.04
N TRP A 172 -55.52 -20.24 -110.09
CA TRP A 172 -54.94 -19.82 -111.34
C TRP A 172 -54.13 -20.90 -111.96
N SER A 173 -53.97 -20.79 -113.26
CA SER A 173 -53.19 -21.73 -114.03
C SER A 173 -53.94 -22.92 -114.52
N HIS A 174 -53.34 -23.60 -115.47
CA HIS A 174 -53.92 -24.79 -115.97
C HIS A 174 -52.75 -25.74 -115.90
N GLN A 175 -52.36 -26.16 -114.72
CA GLN A 175 -51.33 -27.18 -114.63
C GLN A 175 -50.04 -26.98 -115.39
N ALA A 176 -49.30 -25.94 -115.07
CA ALA A 176 -48.04 -25.72 -115.73
C ALA A 176 -47.13 -26.90 -115.60
N ASP A 177 -46.44 -27.24 -116.68
CA ASP A 177 -45.57 -28.40 -116.68
C ASP A 177 -44.30 -28.01 -115.95
N PRO A 178 -43.58 -29.00 -115.35
CA PRO A 178 -42.45 -28.55 -114.55
C PRO A 178 -41.47 -27.73 -115.33
N GLY A 179 -41.00 -26.63 -114.75
CA GLY A 179 -40.06 -25.75 -115.41
C GLY A 179 -40.71 -24.72 -116.31
N THR A 180 -42.03 -24.69 -116.38
CA THR A 180 -42.73 -23.76 -117.26
C THR A 180 -43.78 -22.94 -116.56
N MET A 181 -43.99 -21.71 -117.03
CA MET A 181 -45.04 -20.89 -116.47
C MET A 181 -46.38 -21.39 -116.95
N PRO A 182 -47.43 -21.13 -116.18
CA PRO A 182 -48.77 -21.66 -116.50
C PRO A 182 -49.36 -21.28 -117.83
N PRO A 183 -50.04 -22.23 -118.49
CA PRO A 183 -50.71 -21.96 -119.77
C PRO A 183 -51.64 -20.75 -119.86
N ASN A 184 -52.65 -20.65 -119.00
CA ASN A 184 -53.65 -19.58 -119.07
C ASN A 184 -54.55 -19.52 -117.86
N TRP A 185 -55.25 -18.40 -117.71
CA TRP A 185 -56.23 -18.26 -116.66
C TRP A 185 -57.44 -18.28 -117.48
N ASP A 186 -58.32 -19.21 -117.25
CA ASP A 186 -59.57 -19.19 -117.94
C ASP A 186 -60.53 -19.89 -117.05
N TYR A 187 -61.23 -19.18 -116.17
CA TYR A 187 -62.11 -19.91 -115.28
C TYR A 187 -63.31 -20.45 -115.99
N ALA A 188 -63.32 -20.37 -117.32
CA ALA A 188 -64.50 -20.79 -118.07
C ALA A 188 -64.36 -21.99 -118.99
N ASN A 189 -63.16 -22.28 -119.47
CA ASN A 189 -63.04 -23.36 -120.44
C ASN A 189 -62.29 -24.66 -120.11
N ALA A 190 -60.99 -24.71 -120.37
CA ALA A 190 -60.21 -25.95 -120.17
C ALA A 190 -60.05 -26.49 -118.75
N ALA A 191 -59.78 -25.63 -117.77
CA ALA A 191 -59.57 -26.09 -116.40
C ALA A 191 -60.89 -25.90 -115.71
N SER A 192 -61.94 -25.62 -116.48
CA SER A 192 -63.28 -25.38 -115.93
C SER A 192 -63.10 -24.29 -114.95
N ASP A 193 -63.61 -24.45 -113.75
CA ASP A 193 -63.35 -23.42 -112.76
C ASP A 193 -61.85 -23.36 -112.49
N SER A 194 -61.17 -22.36 -113.01
CA SER A 194 -59.76 -22.16 -112.75
C SER A 194 -59.74 -21.05 -111.75
N GLY A 195 -60.76 -21.01 -110.89
CA GLY A 195 -60.79 -20.02 -109.82
C GLY A 195 -62.12 -19.55 -109.32
N ARG A 196 -62.24 -18.25 -109.07
CA ARG A 196 -63.47 -17.65 -108.58
C ARG A 196 -64.17 -18.36 -107.43
N THR A 197 -63.58 -18.39 -106.24
CA THR A 197 -64.19 -19.14 -105.16
C THR A 197 -64.37 -18.33 -103.90
N PRO A 198 -65.57 -18.34 -103.32
CA PRO A 198 -65.87 -17.60 -102.08
C PRO A 198 -65.21 -17.96 -100.72
N LEU A 199 -64.98 -19.21 -100.29
CA LEU A 199 -64.40 -19.47 -98.94
C LEU A 199 -65.00 -18.60 -97.86
N PRO A 200 -66.32 -18.64 -97.67
CA PRO A 200 -66.94 -17.67 -96.76
C PRO A 200 -66.51 -17.68 -95.32
N SER A 201 -66.25 -16.51 -94.75
CA SER A 201 -65.89 -16.42 -93.33
C SER A 201 -65.91 -14.97 -92.95
N GLU A 202 -65.75 -14.69 -91.67
CA GLU A 202 -65.68 -13.32 -91.24
C GLU A 202 -64.37 -12.68 -91.62
N GLY A 203 -63.34 -13.48 -91.89
CA GLY A 203 -62.04 -12.96 -92.28
C GLY A 203 -61.65 -12.73 -93.72
N TYR A 204 -60.39 -12.37 -93.93
CA TYR A 204 -59.92 -12.02 -95.26
C TYR A 204 -58.88 -12.90 -96.01
N CYS A 205 -58.77 -14.19 -95.72
CA CYS A 205 -57.88 -15.11 -96.48
C CYS A 205 -56.48 -14.64 -96.62
N VAL A 206 -55.78 -14.45 -95.53
CA VAL A 206 -54.43 -13.94 -95.57
C VAL A 206 -53.41 -14.79 -96.34
N THR A 207 -52.92 -15.83 -95.74
CA THR A 207 -51.95 -16.68 -96.41
C THR A 207 -52.33 -18.12 -96.40
N SER A 208 -52.30 -18.74 -97.56
CA SER A 208 -52.65 -20.14 -97.72
C SER A 208 -51.41 -20.81 -98.11
N GLU A 209 -50.31 -20.14 -97.88
CA GLU A 209 -49.07 -20.65 -98.39
C GLU A 209 -48.60 -22.00 -97.98
N GLU A 210 -48.70 -22.37 -96.72
CA GLU A 210 -48.08 -23.65 -96.35
C GLU A 210 -48.80 -24.92 -96.68
N LEU A 211 -48.03 -25.96 -96.95
CA LEU A 211 -48.60 -27.26 -97.26
C LEU A 211 -48.12 -28.35 -96.30
N GLY A 212 -49.02 -29.15 -95.76
CA GLY A 212 -48.61 -30.27 -94.94
C GLY A 212 -48.58 -31.48 -95.84
N SER A 213 -49.07 -31.36 -97.07
CA SER A 213 -49.19 -32.44 -98.08
C SER A 213 -50.48 -31.97 -98.73
N MET A 214 -51.39 -31.43 -97.91
CA MET A 214 -52.63 -30.89 -98.41
C MET A 214 -52.50 -29.45 -98.01
N ASN A 215 -52.64 -28.51 -98.93
CA ASN A 215 -52.39 -27.13 -98.56
C ASN A 215 -53.31 -26.71 -97.48
N ILE A 216 -52.79 -25.96 -96.55
CA ILE A 216 -53.63 -25.41 -95.55
C ILE A 216 -53.80 -23.95 -95.93
N VAL A 217 -55.03 -23.45 -95.87
CA VAL A 217 -55.30 -22.06 -96.17
C VAL A 217 -55.64 -21.36 -94.88
N TYR A 218 -55.00 -20.24 -94.62
CA TYR A 218 -55.23 -19.58 -93.36
C TYR A 218 -55.98 -18.33 -93.65
N LYS A 219 -57.16 -18.18 -93.04
CA LYS A 219 -57.90 -16.96 -93.20
C LYS A 219 -57.81 -16.35 -91.85
N SER A 220 -57.99 -15.04 -91.74
CA SER A 220 -58.02 -14.45 -90.43
C SER A 220 -59.29 -15.01 -89.84
N ASP A 221 -59.26 -15.42 -88.57
CA ASP A 221 -60.43 -15.97 -87.88
C ASP A 221 -60.78 -17.46 -88.09
N SER A 222 -60.04 -18.18 -88.93
CA SER A 222 -60.40 -19.56 -89.24
C SER A 222 -59.32 -20.31 -89.97
N ILE A 223 -59.34 -21.64 -89.91
CA ILE A 223 -58.37 -22.42 -90.66
C ILE A 223 -59.19 -23.29 -91.61
N TRP A 224 -58.71 -23.54 -92.82
CA TRP A 224 -59.40 -24.36 -93.78
C TRP A 224 -58.37 -25.28 -94.41
N THR A 225 -58.78 -26.42 -94.97
CA THR A 225 -57.84 -27.31 -95.68
C THR A 225 -58.13 -27.34 -97.17
N MET A 226 -57.19 -27.81 -97.98
CA MET A 226 -57.38 -27.93 -99.41
C MET A 226 -56.89 -29.28 -99.93
N GLN A 227 -57.61 -29.94 -100.83
CA GLN A 227 -57.16 -31.20 -101.40
C GLN A 227 -57.49 -31.27 -102.88
N LEU A 228 -56.59 -31.89 -103.64
CA LEU A 228 -56.76 -32.05 -105.08
C LEU A 228 -57.61 -33.28 -105.35
N ILE A 229 -58.81 -33.07 -105.88
CA ILE A 229 -59.71 -34.18 -106.19
C ILE A 229 -59.96 -34.33 -107.69
N GLY A 230 -59.80 -33.27 -108.47
CA GLY A 230 -59.92 -33.36 -109.91
C GLY A 230 -61.36 -33.43 -110.39
N GLY A 231 -61.51 -33.46 -111.70
CA GLY A 231 -62.83 -33.53 -112.31
C GLY A 231 -63.42 -32.16 -112.58
N GLN A 232 -64.76 -32.07 -112.52
CA GLN A 232 -65.40 -30.78 -112.75
C GLN A 232 -64.99 -29.77 -111.68
N TRP A 233 -64.94 -30.20 -110.43
CA TRP A 233 -64.44 -29.38 -109.34
C TRP A 233 -63.03 -29.82 -109.02
N ILE A 234 -62.06 -28.92 -109.24
CA ILE A 234 -60.66 -29.30 -109.15
C ILE A 234 -60.25 -29.55 -107.69
N PHE A 235 -60.76 -28.74 -106.77
CA PHE A 235 -60.30 -28.77 -105.39
C PHE A 235 -61.48 -28.93 -104.43
N ARG A 236 -61.17 -29.40 -103.22
CA ARG A 236 -62.14 -29.60 -102.16
C ARG A 236 -61.79 -28.68 -100.99
N PHE A 237 -62.79 -28.31 -100.19
CA PHE A 237 -62.64 -27.33 -99.13
C PHE A 237 -63.39 -27.78 -97.89
N GLU A 238 -62.71 -27.72 -96.74
CA GLU A 238 -63.33 -27.95 -95.43
C GLU A 238 -62.85 -26.90 -94.45
N ASN A 239 -63.67 -26.67 -93.43
CA ASN A 239 -63.34 -25.72 -92.36
C ASN A 239 -62.80 -26.51 -91.17
N LYS A 240 -61.50 -26.38 -90.92
CA LYS A 240 -60.84 -27.05 -89.81
C LYS A 240 -60.37 -26.00 -88.81
N PHE A 241 -60.72 -26.19 -87.54
CA PHE A 241 -60.29 -25.29 -86.47
C PHE A 241 -60.82 -23.88 -86.68
N PRO A 242 -62.12 -23.65 -86.58
CA PRO A 242 -62.62 -22.27 -86.58
C PRO A 242 -62.18 -21.52 -85.34
N GLY A 243 -62.01 -20.21 -85.49
CA GLY A 243 -61.63 -19.36 -84.38
C GLY A 243 -60.14 -19.11 -84.25
N GLN A 244 -59.31 -19.86 -84.96
CA GLN A 244 -57.85 -19.68 -84.93
C GLN A 244 -57.41 -19.13 -86.28
N GLY A 245 -57.05 -17.85 -86.29
CA GLY A 245 -56.66 -17.17 -87.51
C GLY A 245 -55.17 -17.15 -87.73
N ILE A 246 -54.69 -16.14 -88.45
CA ILE A 246 -53.27 -15.89 -88.62
C ILE A 246 -53.03 -14.39 -88.52
N LEU A 247 -51.96 -14.01 -87.84
CA LEU A 247 -51.66 -12.59 -87.65
C LEU A 247 -51.24 -11.92 -88.94
N ASN A 248 -50.31 -12.52 -89.68
CA ASN A 248 -49.60 -11.81 -90.73
C ASN A 248 -49.20 -12.79 -91.81
N LYS A 249 -48.90 -12.25 -92.99
CA LYS A 249 -48.47 -13.08 -94.11
C LYS A 249 -47.08 -13.66 -93.92
N LYS A 250 -46.34 -13.23 -92.91
CA LYS A 250 -44.98 -13.69 -92.66
C LYS A 250 -44.85 -14.46 -91.36
N SER A 251 -45.96 -14.91 -90.77
CA SER A 251 -45.94 -15.53 -89.46
C SER A 251 -46.25 -17.02 -89.50
N VAL A 252 -45.71 -17.75 -90.47
CA VAL A 252 -45.92 -19.18 -90.58
C VAL A 252 -44.61 -19.84 -91.01
N VAL A 253 -44.39 -21.06 -90.51
CA VAL A 253 -43.20 -21.83 -90.86
C VAL A 253 -43.51 -23.29 -90.56
N SER A 254 -42.79 -24.19 -91.21
CA SER A 254 -42.96 -25.62 -91.03
C SER A 254 -41.72 -26.25 -90.43
N PHE A 255 -41.93 -27.30 -89.64
CA PHE A 255 -40.82 -28.07 -89.08
C PHE A 255 -41.34 -29.45 -88.70
N GLU A 256 -40.61 -30.49 -89.12
CA GLU A 256 -40.87 -31.86 -88.70
C GLU A 256 -42.32 -32.26 -88.93
N GLY A 257 -42.88 -31.81 -90.05
CA GLY A 257 -44.27 -32.11 -90.34
C GLY A 257 -45.25 -31.45 -89.41
N LYS A 258 -45.01 -30.19 -89.03
CA LYS A 258 -45.96 -29.46 -88.21
C LYS A 258 -45.79 -28.01 -88.57
N HIS A 259 -46.68 -27.15 -88.11
CA HIS A 259 -46.61 -25.75 -88.47
C HIS A 259 -46.63 -24.88 -87.23
N PHE A 260 -45.84 -23.80 -87.20
CA PHE A 260 -45.84 -22.90 -86.07
C PHE A 260 -46.50 -21.68 -86.59
N VAL A 261 -47.59 -21.27 -85.98
CA VAL A 261 -48.35 -20.14 -86.51
C VAL A 261 -48.59 -19.09 -85.47
N VAL A 262 -48.39 -17.81 -85.79
CA VAL A 262 -48.74 -16.76 -84.83
C VAL A 262 -50.11 -16.26 -85.19
N THR A 263 -51.12 -16.70 -84.47
CA THR A 263 -52.50 -16.28 -84.68
C THR A 263 -52.68 -14.92 -84.07
N GLN A 264 -53.71 -14.19 -84.43
CA GLN A 264 -53.96 -12.90 -83.79
C GLN A 264 -54.20 -13.03 -82.26
N LYS A 265 -54.73 -14.14 -81.78
CA LYS A 265 -54.90 -14.35 -80.34
C LYS A 265 -53.98 -15.33 -79.63
N ASP A 266 -53.13 -16.07 -80.33
CA ASP A 266 -52.34 -17.14 -79.70
C ASP A 266 -51.17 -17.60 -80.55
N ILE A 267 -50.32 -18.46 -80.02
CA ILE A 267 -49.26 -19.02 -80.84
C ILE A 267 -49.53 -20.49 -80.73
N ILE A 268 -49.59 -21.20 -81.84
CA ILE A 268 -49.98 -22.59 -81.80
C ILE A 268 -49.16 -23.44 -82.71
N VAL A 269 -49.15 -24.75 -82.49
CA VAL A 269 -48.51 -25.66 -83.40
C VAL A 269 -49.61 -26.65 -83.77
N HIS A 270 -49.71 -27.06 -85.03
CA HIS A 270 -50.77 -27.98 -85.48
C HIS A 270 -50.36 -28.97 -86.59
N ASP A 271 -51.08 -30.09 -86.70
CA ASP A 271 -50.80 -31.06 -87.76
C ASP A 271 -52.04 -31.51 -88.50
N GLY A 272 -53.08 -30.69 -88.52
CA GLY A 272 -54.31 -31.11 -89.14
C GLY A 272 -55.18 -31.99 -88.29
N TYR A 273 -54.61 -32.97 -87.59
CA TYR A 273 -55.35 -33.79 -86.63
C TYR A 273 -55.94 -32.98 -85.48
N GLN A 274 -55.17 -32.05 -84.91
CA GLN A 274 -55.60 -31.31 -83.74
C GLN A 274 -54.70 -30.09 -83.57
N VAL A 275 -54.93 -29.33 -82.51
CA VAL A 275 -54.18 -28.11 -82.22
C VAL A 275 -53.65 -28.18 -80.80
N ARG A 276 -52.64 -27.36 -80.55
CA ARG A 276 -52.04 -27.23 -79.22
C ARG A 276 -51.62 -25.79 -79.03
N SER A 277 -52.10 -25.17 -77.95
CA SER A 277 -51.81 -23.76 -77.66
C SER A 277 -50.51 -23.68 -76.86
N VAL A 278 -49.40 -23.50 -77.59
CA VAL A 278 -48.12 -23.30 -76.92
C VAL A 278 -48.24 -21.87 -76.44
N ALA A 279 -47.39 -21.44 -75.54
CA ALA A 279 -47.41 -20.06 -75.09
C ALA A 279 -48.59 -19.61 -74.24
N ASP A 280 -49.39 -20.53 -73.75
CA ASP A 280 -50.60 -20.13 -73.02
C ASP A 280 -50.47 -19.48 -71.63
N LYS A 281 -49.66 -20.02 -70.76
CA LYS A 281 -49.53 -19.44 -69.48
C LYS A 281 -48.15 -18.87 -69.37
N ARG A 282 -47.39 -18.93 -70.43
CA ARG A 282 -46.06 -18.37 -70.47
C ARG A 282 -46.09 -17.57 -71.71
N VAL A 283 -45.72 -16.31 -71.68
CA VAL A 283 -45.66 -15.42 -72.87
C VAL A 283 -46.88 -15.03 -73.70
N ARG A 284 -48.06 -15.61 -73.51
CA ARG A 284 -49.19 -15.15 -74.33
C ARG A 284 -49.51 -13.69 -74.04
N ASN A 285 -49.70 -13.34 -72.77
CA ASN A 285 -50.09 -11.97 -72.44
C ASN A 285 -48.98 -10.98 -72.79
N PHE A 286 -47.73 -11.36 -72.54
CA PHE A 286 -46.62 -10.44 -72.73
C PHE A 286 -46.46 -10.04 -74.19
N PHE A 287 -46.60 -11.00 -75.11
CA PHE A 287 -46.40 -10.72 -76.52
C PHE A 287 -47.41 -9.70 -77.04
N PHE A 288 -48.67 -9.84 -76.65
CA PHE A 288 -49.71 -8.92 -77.11
C PHE A 288 -49.76 -7.64 -76.29
N THR A 289 -49.11 -7.61 -75.13
CA THR A 289 -49.02 -6.36 -74.37
C THR A 289 -47.74 -5.59 -74.67
N ASP A 290 -46.82 -6.14 -75.46
CA ASP A 290 -45.58 -5.45 -75.80
C ASP A 290 -45.32 -5.51 -77.30
N MET A 291 -46.29 -5.09 -78.11
CA MET A 291 -46.13 -5.20 -79.58
C MET A 291 -46.41 -3.99 -80.45
N ASN A 292 -46.86 -2.89 -79.89
CA ASN A 292 -47.24 -1.67 -80.64
C ASN A 292 -48.54 -1.83 -81.39
N SER A 293 -48.59 -2.75 -82.33
CA SER A 293 -49.81 -3.05 -83.06
C SER A 293 -50.17 -2.02 -84.11
N ASP A 294 -49.51 -0.87 -84.07
CA ASP A 294 -49.71 0.10 -85.13
C ASP A 294 -49.07 -0.67 -86.22
N TYR A 295 -47.99 -1.34 -85.89
CA TYR A 295 -47.32 -2.16 -86.85
C TYR A 295 -47.61 -3.58 -86.46
N PHE A 296 -48.32 -4.34 -87.26
CA PHE A 296 -48.52 -5.74 -86.91
C PHE A 296 -48.10 -6.49 -88.10
N GLU A 297 -47.96 -5.77 -89.18
CA GLU A 297 -47.49 -6.37 -90.42
C GLU A 297 -45.99 -6.51 -90.46
N ARG A 298 -45.27 -5.87 -89.55
CA ARG A 298 -43.82 -5.89 -89.55
C ARG A 298 -43.23 -7.12 -88.88
N VAL A 299 -44.06 -7.98 -88.29
CA VAL A 299 -43.53 -9.19 -87.67
C VAL A 299 -43.24 -10.23 -88.74
N PHE A 300 -42.34 -11.16 -88.42
CA PHE A 300 -42.06 -12.28 -89.30
C PHE A 300 -41.47 -13.41 -88.48
N VAL A 301 -41.44 -14.60 -89.07
CA VAL A 301 -41.01 -15.82 -88.41
C VAL A 301 -39.92 -16.48 -89.24
N VAL A 302 -38.82 -16.85 -88.61
CA VAL A 302 -37.68 -17.45 -89.27
C VAL A 302 -37.30 -18.72 -88.51
N LYS A 303 -36.71 -19.67 -89.22
CA LYS A 303 -36.26 -20.93 -88.62
C LYS A 303 -34.75 -21.03 -88.73
N ASP A 304 -34.10 -21.34 -87.62
CA ASP A 304 -32.64 -21.49 -87.61
C ASP A 304 -32.26 -22.88 -88.12
N PRO A 305 -31.40 -22.97 -89.13
CA PRO A 305 -31.04 -24.29 -89.66
C PRO A 305 -30.00 -25.02 -88.82
N ARG A 306 -29.09 -24.28 -88.20
CA ARG A 306 -28.00 -24.92 -87.46
C ARG A 306 -28.49 -25.53 -86.16
N VAL A 307 -29.37 -24.82 -85.45
CA VAL A 307 -29.90 -25.28 -84.17
C VAL A 307 -31.42 -25.17 -84.22
N ALA A 308 -32.08 -26.03 -83.44
CA ALA A 308 -33.53 -26.12 -83.42
C ALA A 308 -34.08 -24.93 -82.64
N GLU A 309 -34.49 -23.90 -83.37
CA GLU A 309 -35.07 -22.72 -82.75
C GLU A 309 -36.01 -22.05 -83.74
N VAL A 310 -37.02 -21.36 -83.21
CA VAL A 310 -37.92 -20.54 -84.01
C VAL A 310 -37.84 -19.12 -83.51
N TYR A 311 -37.63 -18.17 -84.41
CA TYR A 311 -37.46 -16.76 -84.06
C TYR A 311 -38.70 -15.98 -84.46
N VAL A 312 -39.20 -15.16 -83.55
CA VAL A 312 -40.40 -14.34 -83.79
C VAL A 312 -39.96 -12.89 -83.60
N PHE A 313 -39.57 -12.25 -84.71
CA PHE A 313 -39.19 -10.85 -84.66
C PHE A 313 -40.43 -9.98 -84.65
N TYR A 314 -40.40 -8.92 -83.83
CA TYR A 314 -41.57 -8.07 -83.71
C TYR A 314 -41.13 -6.70 -83.23
N PRO A 315 -41.89 -5.65 -83.52
CA PRO A 315 -41.59 -4.33 -82.96
C PRO A 315 -42.07 -4.21 -81.52
N SER A 316 -41.33 -3.41 -80.76
CA SER A 316 -41.69 -3.08 -79.39
C SER A 316 -42.43 -1.74 -79.36
N LYS A 317 -42.94 -1.41 -78.17
CA LYS A 317 -43.52 -0.09 -77.99
C LYS A 317 -42.44 0.99 -78.09
N ASN A 318 -41.25 0.70 -77.58
CA ASN A 318 -40.15 1.66 -77.59
C ASN A 318 -39.62 1.95 -78.98
N SER A 319 -40.00 1.18 -79.98
CA SER A 319 -39.56 1.43 -81.34
C SER A 319 -40.18 2.70 -81.88
N VAL A 320 -39.35 3.57 -82.45
CA VAL A 320 -39.82 4.84 -82.98
C VAL A 320 -39.96 4.82 -84.50
N ASP A 321 -39.14 4.05 -85.21
CA ASP A 321 -39.20 3.99 -86.66
C ASP A 321 -40.10 2.86 -87.17
N GLY A 322 -40.65 2.05 -86.28
CA GLY A 322 -41.52 0.97 -86.70
C GLY A 322 -40.83 -0.30 -87.12
N LEU A 323 -39.52 -0.36 -87.02
CA LEU A 323 -38.77 -1.57 -87.38
C LEU A 323 -38.87 -2.58 -86.25
N CYS A 324 -38.00 -3.58 -86.24
CA CYS A 324 -38.12 -4.59 -85.23
C CYS A 324 -36.97 -4.59 -84.23
N ASP A 325 -37.30 -4.41 -82.95
CA ASP A 325 -36.27 -4.33 -81.95
C ASP A 325 -36.13 -5.52 -81.00
N ARG A 326 -36.97 -6.54 -81.09
CA ARG A 326 -36.93 -7.63 -80.13
C ARG A 326 -37.29 -8.96 -80.75
N ALA A 327 -37.04 -10.07 -80.06
CA ALA A 327 -37.42 -11.39 -80.57
C ALA A 327 -37.80 -12.46 -79.53
N LEU A 328 -38.79 -13.31 -79.81
CA LEU A 328 -39.17 -14.40 -78.92
C LEU A 328 -38.70 -15.71 -79.53
N VAL A 329 -37.70 -16.33 -78.91
CA VAL A 329 -37.06 -17.53 -79.44
C VAL A 329 -37.64 -18.74 -78.74
N TRP A 330 -38.07 -19.73 -79.54
CA TRP A 330 -38.66 -20.95 -79.02
C TRP A 330 -37.81 -22.14 -79.45
N ASN A 331 -37.46 -22.99 -78.49
CA ASN A 331 -36.72 -24.21 -78.77
C ASN A 331 -37.69 -25.38 -78.73
N TRP A 332 -37.82 -26.09 -79.85
CA TRP A 332 -38.81 -27.16 -79.94
C TRP A 332 -38.27 -28.52 -79.52
N ARG A 333 -36.95 -28.68 -79.45
CA ARG A 333 -36.41 -29.90 -78.86
C ARG A 333 -36.76 -29.98 -77.38
N ASP A 334 -36.71 -28.84 -76.69
CA ASP A 334 -37.11 -28.71 -75.31
C ASP A 334 -37.80 -27.37 -75.09
N ASP A 335 -39.06 -27.41 -74.68
CA ASP A 335 -39.93 -26.23 -74.75
C ASP A 335 -39.44 -25.16 -73.79
N VAL A 336 -38.78 -24.14 -74.32
CA VAL A 336 -38.37 -22.98 -73.54
C VAL A 336 -38.55 -21.74 -74.40
N TRP A 337 -38.69 -20.60 -73.75
CA TRP A 337 -38.85 -19.32 -74.44
C TRP A 337 -37.73 -18.37 -74.01
N SER A 338 -37.30 -17.53 -74.93
CA SER A 338 -36.22 -16.58 -74.69
C SER A 338 -36.59 -15.23 -75.29
N LEU A 339 -35.87 -14.20 -74.87
CA LEU A 339 -36.07 -12.86 -75.40
C LEU A 339 -34.72 -12.25 -75.74
N LEU A 340 -34.64 -11.57 -76.88
CA LEU A 340 -33.42 -10.94 -77.34
C LEU A 340 -33.69 -9.46 -77.60
N ASN A 341 -32.83 -8.60 -77.07
CA ASN A 341 -32.92 -7.16 -77.24
C ASN A 341 -31.81 -6.72 -78.18
N LEU A 342 -32.17 -6.36 -79.41
CA LEU A 342 -31.18 -6.15 -80.46
C LEU A 342 -31.51 -4.87 -81.24
N ARG A 343 -30.53 -4.43 -82.03
CA ARG A 343 -30.63 -3.17 -82.76
C ARG A 343 -31.68 -3.27 -83.87
N PRO A 344 -32.19 -2.13 -84.34
CA PRO A 344 -33.27 -2.16 -85.33
C PRO A 344 -32.92 -2.97 -86.56
N LEU A 345 -33.88 -3.77 -87.02
CA LEU A 345 -33.65 -4.79 -88.04
C LEU A 345 -34.76 -4.73 -89.07
N LYS A 346 -34.41 -4.95 -90.34
CA LYS A 346 -35.39 -4.91 -91.42
C LYS A 346 -35.94 -6.29 -91.74
N HIS A 347 -35.06 -7.21 -92.14
CA HIS A 347 -35.47 -8.56 -92.48
C HIS A 347 -34.29 -9.51 -92.28
N ALA A 348 -34.60 -10.80 -92.25
CA ALA A 348 -33.59 -11.82 -92.03
C ALA A 348 -33.93 -13.08 -92.82
N ALA A 349 -32.91 -13.75 -93.34
CA ALA A 349 -33.08 -15.02 -94.02
C ALA A 349 -31.77 -15.79 -93.97
N TYR A 350 -31.86 -17.08 -94.22
CA TYR A 350 -30.71 -17.96 -94.16
C TYR A 350 -30.35 -18.48 -95.54
N GLY A 351 -29.06 -18.63 -95.79
CA GLY A 351 -28.59 -19.16 -97.05
C GLY A 351 -27.11 -19.48 -96.99
N TYR A 352 -26.67 -20.29 -97.94
CA TYR A 352 -25.28 -20.70 -98.00
C TYR A 352 -24.36 -19.51 -98.19
N GLU A 353 -23.17 -19.60 -97.61
CA GLU A 353 -22.18 -18.54 -97.68
C GLU A 353 -20.97 -19.03 -98.47
N ILE A 354 -20.47 -18.17 -99.37
CA ILE A 354 -19.27 -18.51 -100.13
C ILE A 354 -18.05 -18.52 -99.19
N THR A 355 -16.97 -19.14 -99.66
CA THR A 355 -15.77 -19.28 -98.86
C THR A 355 -14.97 -17.98 -98.89
N GLY A 356 -13.74 -18.04 -98.37
CA GLY A 356 -12.86 -16.90 -98.36
C GLY A 356 -11.42 -17.32 -98.55
N VAL A 357 -10.55 -16.36 -98.82
CA VAL A 357 -9.15 -16.68 -99.07
C VAL A 357 -8.52 -17.19 -97.80
N SER A 358 -7.64 -18.18 -97.91
CA SER A 358 -7.06 -18.77 -96.72
C SER A 358 -6.24 -17.77 -95.97
N ILE A 359 -6.39 -17.74 -94.65
CA ILE A 359 -5.64 -16.83 -93.83
C ILE A 359 -4.34 -17.50 -93.48
N THR A 360 -3.23 -16.80 -93.64
CA THR A 360 -1.94 -17.40 -93.38
C THR A 360 -1.19 -16.53 -92.40
N TRP A 361 -0.16 -17.08 -91.76
CA TRP A 361 0.59 -16.33 -90.78
C TRP A 361 1.19 -15.11 -91.46
N ASP A 362 1.64 -15.25 -92.70
CA ASP A 362 2.13 -14.10 -93.46
C ASP A 362 1.12 -12.98 -93.77
N ASN A 363 -0.12 -13.32 -94.14
CA ASN A 363 -1.05 -12.26 -94.52
C ASN A 363 -1.87 -11.58 -93.45
N PHE A 364 -1.89 -12.09 -92.22
CA PHE A 364 -2.75 -11.49 -91.19
C PHE A 364 -2.29 -10.09 -90.81
N VAL A 365 -3.23 -9.16 -90.68
CA VAL A 365 -2.87 -7.77 -90.38
C VAL A 365 -3.08 -7.21 -88.95
N GLY A 366 -3.52 -8.03 -88.00
CA GLY A 366 -3.80 -7.51 -86.67
C GLY A 366 -3.00 -8.07 -85.52
N GLY A 367 -3.00 -7.38 -84.37
CA GLY A 367 -2.31 -7.84 -83.19
C GLY A 367 -3.19 -8.85 -82.49
N TRP A 368 -2.72 -9.45 -81.41
CA TRP A 368 -3.48 -10.51 -80.76
C TRP A 368 -4.82 -9.96 -80.26
N GLU A 369 -4.92 -8.66 -80.06
CA GLU A 369 -6.15 -8.03 -79.60
C GLU A 369 -7.28 -7.96 -80.63
N SER A 370 -7.02 -8.30 -81.88
CA SER A 370 -8.06 -8.31 -82.90
C SER A 370 -9.07 -9.45 -82.85
N THR A 371 -10.22 -9.25 -83.47
CA THR A 371 -11.28 -10.25 -83.44
C THR A 371 -11.15 -11.38 -84.43
N GLY A 372 -11.79 -12.49 -84.14
CA GLY A 372 -11.73 -13.63 -85.01
C GLY A 372 -11.83 -14.92 -84.23
N LEU A 373 -11.82 -16.05 -84.92
CA LEU A 373 -11.88 -17.35 -84.29
C LEU A 373 -10.85 -18.14 -85.06
N TRP A 374 -10.36 -19.26 -84.54
CA TRP A 374 -9.30 -19.97 -85.23
C TRP A 374 -9.73 -20.43 -86.60
N GLN A 375 -10.98 -20.83 -86.75
CA GLN A 375 -11.47 -21.26 -88.03
C GLN A 375 -12.01 -20.06 -88.71
N ALA A 376 -11.70 -19.90 -89.99
CA ALA A 376 -12.30 -18.83 -90.72
C ALA A 376 -13.72 -19.26 -90.72
N ASP A 377 -14.62 -18.31 -90.58
CA ASP A 377 -16.02 -18.66 -90.40
C ASP A 377 -16.65 -19.49 -91.48
N GLU A 378 -16.36 -19.22 -92.74
CA GLU A 378 -17.06 -19.95 -93.77
C GLU A 378 -16.77 -21.39 -93.60
N ASP A 379 -15.54 -21.71 -93.24
CA ASP A 379 -15.17 -23.10 -93.16
C ASP A 379 -16.06 -23.77 -92.13
N VAL A 380 -16.41 -23.06 -91.07
CA VAL A 380 -17.25 -23.65 -90.05
C VAL A 380 -18.55 -24.06 -90.67
N ALA A 381 -18.98 -25.29 -90.41
CA ALA A 381 -20.28 -25.73 -90.90
C ALA A 381 -20.48 -25.50 -92.36
N LYS A 382 -19.49 -25.84 -93.19
CA LYS A 382 -19.65 -25.70 -94.61
C LYS A 382 -20.82 -26.59 -95.01
N TYR A 383 -21.22 -27.51 -94.15
CA TYR A 383 -22.39 -28.35 -94.39
C TYR A 383 -23.75 -27.69 -94.30
N ALA A 384 -23.89 -26.57 -93.61
CA ALA A 384 -25.20 -25.96 -93.47
C ALA A 384 -25.18 -24.47 -93.73
N PRO A 385 -26.36 -23.89 -93.94
CA PRO A 385 -26.43 -22.44 -94.12
C PRO A 385 -26.17 -21.60 -92.89
N VAL A 386 -26.32 -20.29 -93.02
CA VAL A 386 -26.16 -19.39 -91.88
C VAL A 386 -27.09 -18.21 -92.07
N LEU A 387 -27.76 -17.80 -90.99
CA LEU A 387 -28.68 -16.67 -91.06
C LEU A 387 -27.95 -15.41 -91.48
N HIS A 388 -28.62 -14.59 -92.28
CA HIS A 388 -28.03 -13.35 -92.71
C HIS A 388 -29.00 -12.32 -92.26
N TYR A 389 -28.51 -11.21 -91.73
CA TYR A 389 -29.40 -10.20 -91.20
C TYR A 389 -29.20 -8.81 -91.80
N SER A 390 -30.28 -8.15 -92.19
CA SER A 390 -30.17 -6.79 -92.70
C SER A 390 -30.50 -5.87 -91.56
N PHE A 391 -29.59 -4.96 -91.22
CA PHE A 391 -29.78 -4.15 -90.03
C PHE A 391 -30.03 -2.69 -90.12
N ARG A 392 -30.39 -2.16 -91.26
CA ARG A 392 -30.75 -0.74 -91.38
C ARG A 392 -29.63 0.31 -91.31
N ASP A 393 -28.90 0.34 -90.21
CA ASP A 393 -27.81 1.27 -90.10
C ASP A 393 -26.47 0.62 -90.38
N VAL A 394 -26.49 -0.63 -90.81
CA VAL A 394 -25.25 -1.32 -91.14
C VAL A 394 -25.14 -1.52 -92.64
N PRO A 395 -23.98 -1.15 -93.23
CA PRO A 395 -23.78 -1.29 -94.68
C PRO A 395 -23.82 -2.70 -95.21
N LYS A 396 -23.33 -3.67 -94.47
CA LYS A 396 -23.26 -5.04 -94.97
C LYS A 396 -24.09 -6.03 -94.18
N LEU A 397 -24.43 -7.14 -94.79
CA LEU A 397 -25.26 -8.15 -94.12
C LEU A 397 -24.48 -8.85 -93.03
N LEU A 398 -25.15 -9.35 -92.00
CA LEU A 398 -24.44 -9.95 -90.89
C LEU A 398 -24.82 -11.38 -90.61
N ALA A 399 -24.04 -12.09 -89.79
CA ALA A 399 -24.28 -13.49 -89.50
C ALA A 399 -23.96 -13.75 -88.03
N PRO A 400 -24.60 -14.78 -87.42
CA PRO A 400 -24.26 -14.98 -86.02
C PRO A 400 -22.91 -15.55 -85.82
N THR A 401 -22.32 -15.28 -84.67
CA THR A 401 -21.02 -15.80 -84.35
C THR A 401 -21.01 -16.31 -82.93
N PRO A 402 -20.21 -17.36 -82.63
CA PRO A 402 -20.12 -17.70 -81.22
C PRO A 402 -19.54 -16.57 -80.41
N GLN A 403 -18.63 -15.78 -80.99
CA GLN A 403 -17.98 -14.71 -80.26
C GLN A 403 -19.01 -13.67 -79.99
N ALA A 404 -18.91 -12.96 -78.90
CA ALA A 404 -19.97 -12.06 -78.51
C ALA A 404 -19.75 -10.61 -78.75
N LEU A 405 -18.88 -10.23 -79.66
CA LEU A 405 -18.55 -8.83 -79.78
C LEU A 405 -19.34 -7.98 -80.75
N PHE A 406 -20.44 -8.43 -81.34
CA PHE A 406 -21.14 -7.65 -82.39
C PHE A 406 -20.10 -7.35 -83.46
N ILE A 407 -20.09 -6.16 -84.01
CA ILE A 407 -19.07 -5.92 -85.00
C ILE A 407 -17.80 -5.86 -84.22
N ASP A 408 -17.78 -5.00 -83.21
CA ASP A 408 -16.61 -4.86 -82.37
C ASP A 408 -17.21 -4.48 -81.06
N GLU A 409 -18.34 -3.79 -81.09
CA GLU A 409 -18.95 -3.28 -79.87
C GLU A 409 -19.60 -4.28 -78.95
N GLU A 410 -19.74 -3.95 -77.68
CA GLU A 410 -20.26 -4.91 -76.71
C GLU A 410 -21.76 -5.07 -76.46
N ILE A 411 -22.16 -6.26 -76.09
CA ILE A 411 -23.55 -6.61 -75.85
C ILE A 411 -23.76 -6.83 -74.36
N GLU A 412 -24.80 -6.22 -73.81
CA GLU A 412 -25.11 -6.38 -72.40
C GLU A 412 -26.22 -7.42 -72.23
N ALA A 413 -26.20 -8.11 -71.09
CA ALA A 413 -27.21 -9.07 -70.72
C ALA A 413 -27.77 -8.72 -69.35
N VAL A 414 -29.06 -8.97 -69.17
CA VAL A 414 -29.74 -8.71 -67.92
C VAL A 414 -30.45 -9.98 -67.48
N TRP A 415 -30.25 -10.38 -66.23
CA TRP A 415 -30.89 -11.55 -65.63
C TRP A 415 -31.62 -11.07 -64.39
N GLU A 416 -32.95 -11.13 -64.41
CA GLU A 416 -33.75 -10.60 -63.32
C GLU A 416 -34.82 -11.60 -62.90
N ARG A 417 -34.95 -11.79 -61.59
CA ARG A 417 -36.03 -12.58 -61.01
C ARG A 417 -36.69 -11.75 -59.93
N GLU A 418 -38.01 -11.79 -59.87
CA GLU A 418 -38.77 -11.00 -58.91
C GLU A 418 -39.43 -11.89 -57.88
N ASP A 419 -39.34 -11.49 -56.61
CA ASP A 419 -39.96 -12.18 -55.48
C ASP A 419 -39.46 -13.63 -55.40
N ILE A 420 -38.16 -13.73 -55.10
CA ILE A 420 -37.55 -15.05 -54.94
C ILE A 420 -38.24 -15.80 -53.80
N VAL A 421 -38.21 -17.12 -53.87
CA VAL A 421 -38.87 -17.96 -52.88
C VAL A 421 -37.95 -18.08 -51.67
N ILE A 422 -38.30 -17.39 -50.59
CA ILE A 422 -37.59 -17.46 -49.33
C ILE A 422 -38.61 -17.80 -48.25
N GLY A 423 -38.40 -18.91 -47.55
CA GLY A 423 -39.37 -19.33 -46.56
C GLY A 423 -39.02 -20.71 -46.05
N SER A 424 -40.05 -21.43 -45.61
CA SER A 424 -39.86 -22.78 -45.09
C SER A 424 -39.55 -23.74 -46.22
N ILE A 425 -39.16 -24.96 -45.85
CA ILE A 425 -38.82 -26.02 -46.80
C ILE A 425 -39.71 -27.22 -46.53
N SER A 426 -40.27 -27.80 -47.58
CA SER A 426 -41.09 -28.98 -47.44
C SER A 426 -40.23 -30.18 -47.09
N ARG A 427 -40.85 -31.18 -46.46
CA ARG A 427 -40.14 -32.39 -46.09
C ARG A 427 -39.56 -33.10 -47.31
N ASP A 428 -40.13 -32.84 -48.49
CA ASP A 428 -39.58 -33.37 -49.74
C ASP A 428 -38.30 -32.66 -50.16
N GLY A 429 -37.95 -31.55 -49.51
CA GLY A 429 -36.76 -30.81 -49.85
C GLY A 429 -36.95 -29.65 -50.79
N VAL A 430 -38.18 -29.24 -51.04
CA VAL A 430 -38.49 -28.16 -51.98
C VAL A 430 -38.95 -26.95 -51.17
N PRO A 431 -38.45 -25.75 -51.46
CA PRO A 431 -38.91 -24.56 -50.74
C PRO A 431 -40.23 -24.03 -51.31
N TYR A 432 -40.92 -23.28 -50.44
CA TYR A 432 -42.19 -22.66 -50.79
C TYR A 432 -42.29 -21.26 -50.16
N GLN A 433 -43.02 -20.35 -50.77
CA GLN A 433 -43.03 -18.97 -50.32
C GLN A 433 -43.85 -18.70 -49.12
N ASP A 434 -43.39 -17.79 -48.27
CA ASP A 434 -44.07 -17.45 -47.06
C ASP A 434 -44.41 -16.02 -47.18
N TYR A 435 -45.69 -15.70 -47.12
CA TYR A 435 -46.12 -14.32 -47.31
C TYR A 435 -46.42 -13.58 -46.03
N GLU A 436 -46.21 -14.20 -44.88
CA GLU A 436 -46.58 -13.58 -43.62
C GLU A 436 -45.50 -13.10 -42.66
N ARG A 437 -44.23 -13.22 -42.98
CA ARG A 437 -43.21 -12.73 -42.11
C ARG A 437 -42.15 -12.00 -42.84
N ASN A 438 -41.49 -11.07 -42.18
CA ASN A 438 -40.42 -10.31 -42.76
C ASN A 438 -39.23 -11.18 -42.73
N LYS A 439 -38.23 -10.88 -43.54
CA LYS A 439 -37.05 -11.72 -43.63
C LYS A 439 -35.84 -10.82 -43.66
N SER A 440 -34.68 -11.31 -43.26
CA SER A 440 -33.43 -10.55 -43.22
C SER A 440 -32.35 -11.34 -43.95
N VAL A 441 -31.72 -10.70 -44.93
CA VAL A 441 -30.80 -11.37 -45.85
C VAL A 441 -29.38 -11.00 -45.48
N SER A 442 -28.51 -12.00 -45.40
CA SER A 442 -27.12 -11.80 -45.00
C SER A 442 -26.15 -11.91 -46.17
N SER A 443 -26.27 -12.92 -47.01
CA SER A 443 -25.29 -13.15 -48.06
C SER A 443 -25.94 -13.85 -49.24
N ILE A 444 -25.29 -13.72 -50.41
CA ILE A 444 -25.68 -14.41 -51.64
C ILE A 444 -24.43 -15.07 -52.20
N SER A 445 -24.52 -16.36 -52.52
CA SER A 445 -23.39 -17.13 -53.03
C SER A 445 -23.72 -17.65 -54.41
N PHE A 446 -22.81 -17.45 -55.36
CA PHE A 446 -23.04 -17.78 -56.75
C PHE A 446 -22.19 -18.96 -57.18
N ASP A 447 -22.76 -19.81 -58.04
CA ASP A 447 -22.07 -20.92 -58.69
C ASP A 447 -22.10 -20.66 -60.19
N VAL A 448 -21.02 -20.07 -60.70
CA VAL A 448 -20.97 -19.73 -62.10
C VAL A 448 -19.81 -20.43 -62.78
N ASP A 449 -19.76 -20.40 -64.12
CA ASP A 449 -18.69 -21.01 -64.87
C ASP A 449 -17.82 -19.98 -65.56
N THR A 450 -18.32 -18.78 -65.69
CA THR A 450 -17.55 -17.70 -66.30
C THR A 450 -16.44 -17.26 -65.42
N THR A 451 -15.42 -16.64 -65.97
CA THR A 451 -14.41 -16.06 -65.10
C THR A 451 -14.47 -14.54 -64.99
N GLU A 452 -15.11 -13.84 -65.94
CA GLU A 452 -15.12 -12.37 -65.91
C GLU A 452 -16.13 -11.75 -64.94
N PRO A 453 -15.87 -10.53 -64.42
CA PRO A 453 -16.74 -9.91 -63.40
C PRO A 453 -18.14 -9.45 -63.76
N PHE A 454 -19.08 -9.42 -62.82
CA PHE A 454 -20.45 -8.96 -63.07
C PHE A 454 -21.08 -8.09 -61.98
N ASP A 455 -22.15 -7.36 -62.26
CA ASP A 455 -22.82 -6.55 -61.25
C ASP A 455 -24.07 -7.24 -60.75
N VAL A 456 -24.41 -7.02 -59.49
CA VAL A 456 -25.56 -7.63 -58.85
C VAL A 456 -26.37 -6.55 -58.14
N TYR A 457 -27.66 -6.49 -58.43
CA TYR A 457 -28.58 -5.55 -57.80
C TYR A 457 -29.58 -6.33 -56.96
N ILE A 458 -29.95 -5.77 -55.80
CA ILE A 458 -30.88 -6.39 -54.88
C ILE A 458 -32.08 -5.48 -54.72
N GLY A 459 -33.28 -6.05 -54.84
CA GLY A 459 -34.51 -5.30 -54.70
C GLY A 459 -35.31 -5.78 -53.52
N TYR A 460 -36.07 -4.87 -52.91
CA TYR A 460 -36.86 -5.19 -51.74
C TYR A 460 -38.18 -4.45 -51.78
N LYS A 461 -39.25 -5.13 -51.41
CA LYS A 461 -40.58 -4.53 -51.34
C LYS A 461 -41.24 -4.94 -50.04
N GLY A 462 -42.02 -4.02 -49.46
CA GLY A 462 -42.68 -4.31 -48.20
C GLY A 462 -43.70 -5.42 -48.30
N SER A 463 -44.52 -5.39 -49.34
CA SER A 463 -45.56 -6.39 -49.55
C SER A 463 -45.98 -6.35 -51.00
N LEU A 464 -46.99 -7.15 -51.34
CA LEU A 464 -47.34 -7.36 -52.75
C LEU A 464 -47.78 -6.08 -53.44
N GLU A 465 -48.55 -5.25 -52.74
CA GLU A 465 -49.07 -4.04 -53.38
C GLU A 465 -47.97 -3.05 -53.72
N ASP A 466 -46.82 -3.11 -53.07
CA ASP A 466 -45.77 -2.13 -53.28
C ASP A 466 -45.01 -2.42 -54.57
N SER A 467 -44.11 -1.51 -54.91
CA SER A 467 -43.21 -1.68 -56.05
C SER A 467 -41.81 -1.98 -55.56
N VAL A 468 -40.99 -2.50 -56.47
CA VAL A 468 -39.63 -2.92 -56.11
C VAL A 468 -38.74 -1.69 -56.05
N GLU A 469 -37.83 -1.68 -55.07
CA GLU A 469 -36.82 -0.64 -54.95
C GLU A 469 -35.45 -1.29 -54.96
N TRP A 470 -34.54 -0.75 -55.76
CA TRP A 470 -33.28 -1.41 -56.10
C TRP A 470 -32.11 -0.83 -55.32
N GLU A 471 -31.22 -1.71 -54.88
CA GLU A 471 -29.97 -1.34 -54.24
C GLU A 471 -28.83 -2.03 -54.95
N PHE A 472 -27.71 -1.32 -55.08
CA PHE A 472 -26.52 -1.88 -55.75
C PHE A 472 -25.74 -2.69 -54.73
N ALA A 473 -25.74 -4.01 -54.92
CA ALA A 473 -25.06 -4.89 -53.96
C ALA A 473 -23.54 -4.81 -54.13
N GLY A 474 -23.06 -4.83 -55.35
CA GLY A 474 -21.64 -4.77 -55.61
C GLY A 474 -21.28 -5.53 -56.87
N THR A 475 -19.98 -5.76 -57.04
CA THR A 475 -19.43 -6.44 -58.20
C THR A 475 -18.78 -7.75 -57.77
N VAL A 476 -19.06 -8.81 -58.51
CA VAL A 476 -18.62 -10.16 -58.16
C VAL A 476 -17.60 -10.62 -59.18
N ASN A 477 -16.38 -10.91 -58.72
CA ASN A 477 -15.33 -11.48 -59.55
C ASN A 477 -15.11 -12.92 -59.11
N PRO A 478 -15.59 -13.91 -59.86
CA PRO A 478 -15.66 -15.28 -59.34
C PRO A 478 -14.30 -15.85 -58.94
N MET A 479 -13.24 -15.54 -59.66
CA MET A 479 -11.94 -16.11 -59.33
C MET A 479 -11.46 -15.67 -57.97
N GLU A 480 -11.64 -14.38 -57.65
CA GLU A 480 -11.22 -13.88 -56.33
C GLU A 480 -12.14 -14.40 -55.23
N ASP A 481 -13.44 -14.28 -55.41
CA ASP A 481 -14.40 -14.78 -54.44
C ASP A 481 -15.75 -14.96 -55.12
N LYS A 482 -16.63 -15.74 -54.48
CA LYS A 482 -17.94 -16.03 -55.04
C LYS A 482 -19.07 -15.66 -54.07
N ARG A 483 -18.78 -14.86 -53.05
CA ARG A 483 -19.78 -14.48 -52.07
C ARG A 483 -19.94 -12.97 -52.06
N LEU A 484 -21.09 -12.53 -51.58
CA LEU A 484 -21.43 -11.12 -51.50
C LEU A 484 -22.20 -10.89 -50.21
N PHE A 485 -21.87 -9.82 -49.50
CA PHE A 485 -22.42 -9.59 -48.16
C PHE A 485 -23.20 -8.28 -48.15
N CYS A 486 -24.44 -8.36 -47.67
CA CYS A 486 -25.32 -7.20 -47.51
C CYS A 486 -26.35 -7.53 -46.45
N LEU A 487 -26.75 -6.52 -45.67
CA LEU A 487 -27.71 -6.70 -44.59
C LEU A 487 -28.96 -5.89 -44.90
N LEU A 488 -30.08 -6.59 -45.10
CA LEU A 488 -31.34 -5.94 -45.43
C LEU A 488 -32.48 -6.71 -44.79
N THR A 489 -33.54 -5.99 -44.43
CA THR A 489 -34.78 -6.61 -43.96
C THR A 489 -35.93 -6.05 -44.76
N ALA A 490 -36.80 -6.93 -45.27
CA ALA A 490 -37.94 -6.52 -46.06
C ALA A 490 -38.90 -7.69 -46.19
N GLY A 491 -40.07 -7.42 -46.75
CA GLY A 491 -41.05 -8.48 -46.94
C GLY A 491 -40.67 -9.46 -48.02
N LEU A 492 -40.17 -8.96 -49.16
CA LEU A 492 -39.86 -9.80 -50.30
C LEU A 492 -38.63 -9.26 -51.01
N PHE A 493 -37.95 -10.14 -51.74
CA PHE A 493 -36.65 -9.82 -52.33
C PHE A 493 -36.61 -10.20 -53.80
N SER A 494 -35.86 -9.42 -54.57
CA SER A 494 -35.64 -9.70 -55.98
C SER A 494 -34.19 -9.34 -56.33
N MET A 495 -33.66 -9.99 -57.36
CA MET A 495 -32.26 -9.85 -57.72
C MET A 495 -32.12 -9.67 -59.23
N ARG A 496 -31.16 -8.83 -59.63
CA ARG A 496 -30.90 -8.55 -61.03
C ARG A 496 -29.41 -8.63 -61.30
N ILE A 497 -29.03 -9.29 -62.39
CA ILE A 497 -27.63 -9.47 -62.76
C ILE A 497 -27.40 -8.90 -64.15
N ILE A 498 -26.44 -8.00 -64.26
CA ILE A 498 -26.09 -7.35 -65.52
C ILE A 498 -24.64 -7.66 -65.85
N SER A 499 -24.39 -8.18 -67.04
CA SER A 499 -23.05 -8.57 -67.45
C SER A 499 -22.77 -8.10 -68.87
N LYS A 500 -21.53 -7.65 -69.10
CA LYS A 500 -21.03 -7.33 -70.44
C LYS A 500 -19.71 -8.09 -70.59
N ALA A 501 -19.79 -9.35 -71.01
CA ALA A 501 -18.62 -10.19 -71.12
C ALA A 501 -18.88 -11.28 -72.15
N GLN A 502 -17.78 -11.86 -72.64
CA GLN A 502 -17.89 -12.87 -73.68
C GLN A 502 -18.65 -14.10 -73.19
N THR A 503 -18.37 -14.55 -71.98
CA THR A 503 -18.94 -15.78 -71.45
C THR A 503 -19.57 -15.53 -70.09
N PHE A 504 -20.76 -16.10 -69.89
CA PHE A 504 -21.44 -16.00 -68.60
C PHE A 504 -22.41 -17.18 -68.50
N ILE A 505 -22.07 -18.15 -67.66
CA ILE A 505 -22.93 -19.31 -67.41
C ILE A 505 -23.22 -19.37 -65.92
N LEU A 506 -24.51 -19.45 -65.57
CA LEU A 506 -24.96 -19.43 -64.18
C LEU A 506 -25.59 -20.77 -63.86
N ARG A 507 -25.03 -21.47 -62.87
CA ARG A 507 -25.48 -22.81 -62.54
C ARG A 507 -26.49 -22.84 -61.41
N SER A 508 -26.27 -22.04 -60.35
CA SER A 508 -27.15 -22.02 -59.20
C SER A 508 -26.75 -20.84 -58.33
N TYR A 509 -27.47 -20.69 -57.21
CA TYR A 509 -27.13 -19.72 -56.18
C TYR A 509 -27.93 -20.06 -54.93
N LYS A 510 -27.47 -19.55 -53.79
CA LYS A 510 -28.16 -19.77 -52.53
C LYS A 510 -28.18 -18.48 -51.72
N ILE A 511 -29.14 -18.40 -50.81
CA ILE A 511 -29.36 -17.22 -49.97
C ILE A 511 -29.40 -17.66 -48.52
N THR A 512 -28.75 -16.89 -47.65
CA THR A 512 -28.80 -17.10 -46.22
C THR A 512 -29.66 -16.01 -45.59
N TYR A 513 -30.63 -16.42 -44.78
CA TYR A 513 -31.63 -15.48 -44.28
C TYR A 513 -32.09 -15.90 -42.90
N GLU A 514 -32.84 -15.01 -42.25
CA GLU A 514 -33.47 -15.28 -40.96
C GLU A 514 -34.83 -14.58 -40.93
N PHE A 515 -35.73 -15.12 -40.11
CA PHE A 515 -37.06 -14.55 -39.97
C PHE A 515 -37.04 -13.41 -38.95
N ALA A 516 -37.77 -12.35 -39.26
CA ALA A 516 -37.64 -11.09 -38.53
C ALA A 516 -39.01 -10.51 -38.17
N GLY A 517 -39.90 -11.35 -37.65
CA GLY A 517 -41.13 -10.82 -37.09
C GLY A 517 -42.37 -11.11 -37.89
N GLU A 518 -43.08 -10.05 -38.30
CA GLU A 518 -44.31 -10.19 -39.05
C GLU A 518 -44.43 -9.04 -40.04
N MET A 519 -45.24 -9.25 -41.08
CA MET A 519 -45.41 -8.29 -42.15
C MET A 519 -46.69 -7.50 -41.91
N TRP A 520 -46.58 -6.17 -42.02
CA TRP A 520 -47.69 -5.28 -41.74
C TRP A 520 -48.26 -4.61 -42.98
N SER A 521 -47.42 -3.95 -43.78
CA SER A 521 -47.90 -3.27 -44.98
C SER A 521 -46.80 -3.10 -46.02
N MET B 1 64.81 10.54 52.97
CA MET B 1 65.97 10.88 52.17
C MET B 1 65.50 11.78 51.05
N GLU B 2 66.43 12.50 50.42
CA GLU B 2 66.09 13.34 49.31
C GLU B 2 66.88 12.99 48.08
N ILE B 3 66.21 12.72 46.97
CA ILE B 3 66.88 12.48 45.73
C ILE B 3 66.44 13.69 44.95
N LEU B 4 67.35 14.49 44.42
CA LEU B 4 66.98 15.73 43.76
C LEU B 4 67.12 15.66 42.25
N TYR B 5 66.30 16.40 41.52
CA TYR B 5 66.35 16.36 40.08
C TYR B 5 67.35 17.32 39.53
N THR B 6 68.62 16.92 39.51
CA THR B 6 69.65 17.74 38.89
C THR B 6 69.39 17.81 37.39
N GLY B 7 68.91 16.73 36.82
CA GLY B 7 68.61 16.71 35.40
C GLY B 7 69.73 16.03 34.67
N ALA B 8 70.85 15.90 35.34
CA ALA B 8 71.96 15.21 34.77
C ALA B 8 71.61 13.75 34.74
N SER B 9 72.04 13.05 33.72
CA SER B 9 71.83 11.62 33.70
C SER B 9 72.90 10.96 34.56
N GLU B 10 72.81 9.65 34.83
CA GLU B 10 73.71 8.99 35.77
C GLU B 10 73.55 9.65 37.11
N SER B 11 72.32 9.90 37.48
CA SER B 11 72.03 10.54 38.74
C SER B 11 71.16 9.56 39.46
N LEU B 12 71.17 9.62 40.79
CA LEU B 12 70.33 8.74 41.55
C LEU B 12 68.90 8.92 41.12
N HIS B 13 68.46 10.15 40.85
CA HIS B 13 67.08 10.33 40.52
C HIS B 13 66.80 9.63 39.24
N SER B 14 67.65 9.81 38.27
CA SER B 14 67.38 9.23 36.99
C SER B 14 67.42 7.72 36.98
N THR B 15 68.41 7.14 37.64
CA THR B 15 68.51 5.71 37.69
C THR B 15 67.38 5.03 38.41
N ILE B 16 66.98 5.56 39.55
CA ILE B 16 65.85 5.03 40.27
C ILE B 16 64.57 5.17 39.49
N LEU B 17 64.37 6.29 38.83
CA LEU B 17 63.11 6.48 38.16
C LEU B 17 62.92 5.42 37.13
N LYS B 18 63.96 5.10 36.42
CA LYS B 18 63.79 4.16 35.34
C LYS B 18 63.32 2.85 35.90
N ALA B 19 63.86 2.45 37.03
CA ALA B 19 63.50 1.16 37.58
C ALA B 19 62.08 1.10 37.95
N LEU B 20 61.61 2.14 38.59
CA LEU B 20 60.24 2.18 39.06
C LEU B 20 59.30 2.11 37.92
N LEU B 21 59.63 2.76 36.84
CA LEU B 21 58.75 2.77 35.69
C LEU B 21 58.56 1.43 35.08
N GLU B 22 59.60 0.61 35.06
CA GLU B 22 59.47 -0.73 34.51
C GLU B 22 58.48 -1.50 35.31
N ARG B 23 58.53 -1.37 36.62
CA ARG B 23 57.62 -2.06 37.46
C ARG B 23 56.19 -1.62 37.25
N ILE B 24 55.95 -0.34 37.12
CA ILE B 24 54.62 0.16 36.89
C ILE B 24 54.08 -0.38 35.58
N ASP B 25 54.91 -0.44 34.57
CA ASP B 25 54.49 -0.93 33.29
C ASP B 25 54.13 -2.39 33.26
N LEU B 26 54.87 -3.21 33.99
CA LEU B 26 54.52 -4.62 34.08
C LEU B 26 53.19 -4.74 34.72
N GLY B 27 52.96 -3.98 35.77
CA GLY B 27 51.71 -4.03 36.48
C GLY B 27 50.55 -3.63 35.64
N ASP B 28 50.74 -2.65 34.78
CA ASP B 28 49.68 -2.17 33.93
C ASP B 28 49.18 -3.19 32.97
N THR B 29 49.98 -4.19 32.66
CA THR B 29 49.54 -5.24 31.77
C THR B 29 48.36 -5.99 32.30
N PHE B 30 48.32 -6.23 33.60
CA PHE B 30 47.23 -6.95 34.19
C PHE B 30 45.94 -6.19 34.01
N ILE B 31 45.97 -4.91 34.24
CA ILE B 31 44.73 -4.16 34.17
C ILE B 31 44.22 -4.22 32.78
N SER B 32 45.10 -4.16 31.81
CA SER B 32 44.66 -4.10 30.46
C SER B 32 43.89 -5.32 30.10
N ASP B 33 44.33 -6.47 30.55
CA ASP B 33 43.66 -7.69 30.24
C ASP B 33 42.28 -7.74 30.82
N ASN B 34 42.10 -7.27 32.03
CA ASN B 34 40.82 -7.41 32.67
C ASN B 34 39.88 -6.27 32.49
N TYR B 35 40.27 -5.27 31.72
CA TYR B 35 39.45 -4.07 31.56
C TYR B 35 38.13 -4.20 30.86
N THR B 36 38.08 -4.94 29.77
CA THR B 36 36.87 -5.05 29.03
C THR B 36 35.85 -5.75 29.85
N ARG B 37 36.28 -6.78 30.54
CA ARG B 37 35.36 -7.54 31.35
C ARG B 37 34.81 -6.76 32.47
N TRP B 38 35.63 -5.98 33.12
CA TRP B 38 35.16 -5.16 34.21
C TRP B 38 34.16 -4.16 33.71
N GLN B 39 34.28 -3.71 32.48
CA GLN B 39 33.40 -2.68 31.99
C GLN B 39 32.05 -3.21 31.70
N ALA B 40 31.96 -4.47 31.39
CA ALA B 40 30.66 -5.08 31.17
C ALA B 40 29.83 -5.14 32.40
N THR B 41 30.42 -5.43 33.52
CA THR B 41 29.68 -5.57 34.74
C THR B 41 28.99 -4.26 35.02
N GLU B 42 29.60 -3.16 34.67
CA GLU B 42 28.96 -1.89 34.87
C GLU B 42 27.69 -1.73 34.10
N ARG B 43 27.64 -2.20 32.88
CA ARG B 43 26.42 -2.12 32.14
C ARG B 43 25.39 -2.93 32.86
N TYR B 44 25.76 -4.07 33.41
CA TYR B 44 24.83 -4.93 34.11
C TYR B 44 24.29 -4.28 35.34
N TYR B 45 25.12 -3.57 36.08
CA TYR B 45 24.69 -2.86 37.28
C TYR B 45 23.67 -1.84 36.91
N MET B 46 23.87 -1.15 35.81
CA MET B 46 22.98 -0.08 35.44
C MET B 46 21.80 -0.51 34.60
N MET B 47 21.71 -1.79 34.30
CA MET B 47 20.59 -2.33 33.55
C MET B 47 20.37 -1.65 32.23
N TYR B 48 21.44 -1.37 31.50
CA TYR B 48 21.35 -0.70 30.23
C TYR B 48 21.05 -1.60 29.07
N LYS B 49 20.21 -1.16 28.15
CA LYS B 49 19.93 -1.92 26.96
C LYS B 49 20.19 -1.07 25.73
N ILE B 50 20.92 -1.57 24.75
CA ILE B 50 21.16 -0.81 23.55
C ILE B 50 19.84 -0.57 22.95
N PRO B 51 19.55 0.67 22.59
CA PRO B 51 18.19 0.90 22.12
C PRO B 51 17.75 0.29 20.79
N ASN B 52 16.56 -0.26 20.71
CA ASN B 52 16.02 -0.84 19.48
C ASN B 52 15.58 0.19 18.49
N LYS B 53 15.48 -0.18 17.23
CA LYS B 53 15.06 0.72 16.20
C LYS B 53 13.64 1.15 16.40
N LYS B 54 12.79 0.26 16.86
CA LYS B 54 11.40 0.57 17.04
C LYS B 54 11.21 1.58 18.15
N ASP B 55 12.18 1.75 19.01
CA ASP B 55 12.04 2.63 20.15
C ASP B 55 11.84 4.10 19.92
N LYS B 56 12.51 4.69 18.96
CA LYS B 56 12.40 6.10 18.72
C LYS B 56 11.01 6.44 18.36
N ALA B 57 10.35 5.59 17.63
CA ALA B 57 8.97 5.83 17.32
C ALA B 57 8.13 5.86 18.55
N ALA B 58 8.37 4.96 19.48
CA ALA B 58 7.56 4.90 20.66
C ALA B 58 7.71 6.15 21.43
N ILE B 59 8.91 6.68 21.53
CA ILE B 59 9.13 7.86 22.33
C ILE B 59 8.36 8.98 21.73
N GLU B 60 8.28 9.02 20.42
CA GLU B 60 7.51 10.05 19.76
C GLU B 60 6.05 9.98 20.09
N LYS B 61 5.51 8.79 20.17
CA LYS B 61 4.13 8.63 20.52
C LYS B 61 3.90 9.16 21.88
N TRP B 62 4.79 8.91 22.80
CA TRP B 62 4.57 9.32 24.15
C TRP B 62 4.50 10.79 24.25
N ASN B 63 5.32 11.47 23.50
CA ASN B 63 5.31 12.92 23.51
C ASN B 63 4.02 13.47 23.01
N LYS B 64 3.45 12.86 22.02
CA LYS B 64 2.18 13.29 21.48
C LYS B 64 1.01 13.08 22.39
N GLY B 65 1.11 12.17 23.32
CA GLY B 65 0.05 11.89 24.23
C GLY B 65 -0.33 10.44 24.29
N ASP B 66 0.16 9.64 23.37
CA ASP B 66 -0.19 8.24 23.32
C ASP B 66 0.74 7.38 24.12
N THR B 67 0.52 6.08 24.11
CA THR B 67 1.34 5.16 24.85
C THR B 67 1.84 3.99 23.99
N ASP B 68 3.08 3.52 24.18
CA ASP B 68 3.58 2.32 23.50
C ASP B 68 4.68 1.60 24.27
N PHE B 69 5.19 0.48 23.78
CA PHE B 69 6.17 -0.33 24.50
C PHE B 69 7.57 0.00 24.18
N LYS B 70 8.35 0.29 25.20
CA LYS B 70 9.74 0.55 25.01
C LYS B 70 10.44 -0.54 25.77
N SER B 71 11.53 -1.08 25.24
CA SER B 71 12.24 -2.21 25.83
C SER B 71 13.03 -2.07 27.11
N LEU B 72 13.24 -3.17 27.82
CA LEU B 72 13.95 -3.16 29.09
C LEU B 72 14.73 -4.44 29.38
N VAL B 73 15.65 -4.41 30.32
CA VAL B 73 16.42 -5.57 30.71
C VAL B 73 15.93 -6.00 32.06
N MET B 74 15.59 -7.26 32.25
CA MET B 74 14.98 -7.71 33.47
C MET B 74 15.84 -7.58 34.69
N PRO B 75 15.23 -7.22 35.82
CA PRO B 75 15.96 -7.01 37.07
C PRO B 75 16.65 -8.12 37.77
N TYR B 76 16.09 -9.30 37.85
CA TYR B 76 16.62 -10.39 38.65
C TYR B 76 18.02 -10.34 39.17
N SER B 77 19.01 -10.27 38.32
CA SER B 77 20.37 -10.29 38.79
C SER B 77 20.67 -9.19 39.76
N TYR B 78 20.15 -8.00 39.54
CA TYR B 78 20.42 -6.88 40.41
C TYR B 78 19.90 -7.17 41.78
N ALA B 79 18.73 -7.76 41.85
CA ALA B 79 18.15 -8.02 43.09
C ALA B 79 18.95 -8.96 43.88
N GLN B 80 19.47 -9.98 43.26
CA GLN B 80 20.33 -10.90 43.97
C GLN B 80 21.62 -10.30 44.49
N LEU B 81 22.28 -9.42 43.77
CA LEU B 81 23.46 -8.76 44.30
C LEU B 81 23.12 -7.95 45.49
N MET B 82 22.04 -7.21 45.41
CA MET B 82 21.63 -6.37 46.49
C MET B 82 21.26 -7.14 47.71
N THR B 83 20.62 -8.27 47.56
CA THR B 83 20.33 -9.12 48.69
C THR B 83 21.57 -9.67 49.32
N ALA B 84 22.55 -10.02 48.54
CA ALA B 84 23.80 -10.45 49.10
C ALA B 84 24.56 -9.40 49.85
N HIS B 85 24.59 -8.17 49.36
CA HIS B 85 25.30 -7.09 49.98
C HIS B 85 24.73 -6.84 51.32
N ALA B 86 23.43 -6.95 51.44
CA ALA B 86 22.82 -6.79 52.72
C ALA B 86 23.26 -7.80 53.73
N TYR B 87 23.44 -9.05 53.34
CA TYR B 87 23.80 -10.08 54.28
C TYR B 87 25.10 -9.72 54.84
N MET B 88 26.02 -9.31 54.00
CA MET B 88 27.34 -8.95 54.44
C MET B 88 27.42 -7.75 55.34
N VAL B 89 26.68 -6.72 55.04
CA VAL B 89 26.68 -5.56 55.88
C VAL B 89 26.15 -5.87 57.26
N ASN B 90 25.09 -6.65 57.35
CA ASN B 90 24.57 -7.05 58.65
C ASN B 90 25.53 -7.90 59.43
N VAL B 91 26.16 -8.87 58.79
CA VAL B 91 27.05 -9.75 59.50
C VAL B 91 28.24 -9.03 60.04
N PHE B 92 28.82 -8.12 59.29
CA PHE B 92 30.03 -7.49 59.75
C PHE B 92 29.85 -6.09 60.29
N LEU B 93 29.49 -5.16 59.45
CA LEU B 93 29.37 -3.76 59.84
C LEU B 93 28.32 -3.24 60.84
N ASN B 94 27.10 -3.73 60.83
CA ASN B 94 26.05 -3.17 61.69
C ASN B 94 26.12 -3.61 63.12
N ARG B 95 27.09 -4.43 63.45
CA ARG B 95 27.27 -4.89 64.80
C ARG B 95 27.71 -3.79 65.70
N ASP B 96 27.50 -3.95 66.99
CA ASP B 96 27.95 -2.95 67.97
C ASP B 96 29.44 -2.74 68.18
N PRO B 97 30.24 -3.80 68.29
CA PRO B 97 31.65 -3.45 68.44
C PRO B 97 32.42 -3.49 67.15
N ILE B 98 32.07 -4.32 66.18
CA ILE B 98 32.79 -4.47 64.88
C ILE B 98 34.12 -5.17 64.92
N PHE B 99 35.08 -4.65 65.66
CA PHE B 99 36.35 -5.31 65.80
C PHE B 99 36.39 -5.68 67.25
N GLN B 100 36.57 -6.94 67.57
CA GLN B 100 36.56 -7.40 68.92
C GLN B 100 37.81 -8.20 69.10
N THR B 101 38.22 -8.42 70.34
CA THR B 101 39.45 -9.13 70.58
C THR B 101 39.25 -10.30 71.50
N ASP B 102 39.96 -11.39 71.26
CA ASP B 102 39.86 -12.57 72.09
C ASP B 102 41.26 -12.85 72.54
N SER B 103 41.43 -13.51 73.68
CA SER B 103 42.76 -13.67 74.18
C SER B 103 43.22 -15.08 74.38
N LEU B 104 44.41 -15.43 73.91
CA LEU B 104 44.98 -16.75 74.14
C LEU B 104 45.35 -17.08 75.57
N ASN B 105 45.91 -16.14 76.30
CA ASN B 105 46.36 -16.40 77.67
C ASN B 105 45.84 -15.36 78.60
N GLY B 106 46.18 -15.46 79.86
CA GLY B 106 45.76 -14.48 80.83
C GLY B 106 46.24 -13.08 80.59
N ASP B 107 47.45 -12.92 80.11
CA ASP B 107 48.02 -11.60 79.88
C ASP B 107 47.19 -10.85 78.90
N GLY B 108 46.66 -11.52 77.92
CA GLY B 108 45.81 -10.90 76.94
C GLY B 108 44.56 -10.34 77.53
N THR B 109 43.97 -11.01 78.50
CA THR B 109 42.72 -10.55 79.06
C THR B 109 42.87 -9.20 79.67
N GLU B 110 44.00 -8.96 80.28
CA GLU B 110 44.23 -7.69 80.87
C GLU B 110 44.18 -6.59 79.83
N ARG B 111 44.71 -6.83 78.64
CA ARG B 111 44.77 -5.79 77.64
C ARG B 111 43.57 -5.64 76.69
N GLU B 112 42.63 -6.56 76.69
CA GLU B 112 41.53 -6.47 75.74
C GLU B 112 40.57 -5.31 75.82
N LEU B 113 40.21 -4.86 77.00
CA LEU B 113 39.22 -3.81 77.10
C LEU B 113 39.71 -2.51 76.59
N ALA B 114 40.91 -2.15 76.94
CA ALA B 114 41.50 -0.94 76.41
C ALA B 114 41.73 -0.93 74.94
N LEU B 115 42.17 -2.03 74.36
CA LEU B 115 42.51 -2.06 72.98
C LEU B 115 41.28 -1.81 72.25
N GLU B 116 40.21 -2.43 72.67
CA GLU B 116 38.97 -2.29 71.93
C GLU B 116 38.50 -0.86 71.89
N SER B 117 38.67 -0.13 72.96
CA SER B 117 38.24 1.22 72.98
C SER B 117 38.98 2.04 71.98
N MET B 118 40.27 1.85 71.88
CA MET B 118 41.09 2.58 70.95
C MET B 118 40.73 2.26 69.55
N LEU B 119 40.35 1.03 69.28
CA LEU B 119 39.87 0.67 67.94
C LEU B 119 38.57 1.32 67.52
N GLN B 120 37.60 1.48 68.42
CA GLN B 120 36.38 2.22 68.11
C GLN B 120 36.65 3.66 67.89
N TYR B 121 37.58 4.26 68.58
CA TYR B 121 37.77 5.65 68.35
C TYR B 121 38.11 5.70 66.94
N GLN B 122 38.97 4.84 66.50
CA GLN B 122 39.38 4.93 65.15
C GLN B 122 38.32 4.64 64.11
N VAL B 123 37.46 3.64 64.23
CA VAL B 123 36.37 3.44 63.28
C VAL B 123 35.37 4.54 63.31
N LYS B 124 34.94 4.93 64.49
CA LYS B 124 33.96 5.98 64.65
C LYS B 124 34.41 7.37 64.32
N ALA B 125 35.59 7.76 64.73
CA ALA B 125 36.07 9.11 64.53
C ALA B 125 36.90 9.27 63.33
N GLY B 126 37.15 8.20 62.65
CA GLY B 126 37.94 8.27 61.48
C GLY B 126 37.13 7.96 60.28
N GLU B 127 35.83 7.76 60.48
CA GLU B 127 34.93 7.51 59.38
C GLU B 127 35.29 6.38 58.47
N MET B 128 35.71 5.28 59.02
CA MET B 128 36.02 4.11 58.23
C MET B 128 34.85 3.46 57.56
N GLU B 129 33.71 3.39 58.20
CA GLU B 129 32.59 2.64 57.64
C GLU B 129 32.06 3.02 56.33
N PRO B 130 32.04 4.30 56.00
CA PRO B 130 31.53 4.52 54.67
C PRO B 130 32.34 3.77 53.66
N SER B 131 33.65 3.66 53.81
CA SER B 131 34.54 2.96 52.87
C SER B 131 34.53 1.49 52.94
N LEU B 132 33.98 0.93 53.99
CA LEU B 132 34.01 -0.49 54.13
C LEU B 132 32.81 -1.04 53.45
N LEU B 133 31.74 -0.28 53.33
CA LEU B 133 30.58 -0.70 52.58
C LEU B 133 30.89 -0.84 51.12
N VAL B 134 31.65 0.07 50.55
CA VAL B 134 32.01 -0.02 49.15
C VAL B 134 32.87 -1.22 48.86
N TRP B 135 33.78 -1.59 49.74
CA TRP B 135 34.71 -2.68 49.46
C TRP B 135 33.91 -3.90 49.26
N PHE B 136 32.90 -4.11 50.07
CA PHE B 136 32.04 -5.23 49.88
C PHE B 136 31.23 -5.22 48.58
N MET B 137 30.70 -4.09 48.15
CA MET B 137 29.99 -4.04 46.89
C MET B 137 30.88 -4.35 45.78
N ASP B 138 32.04 -3.74 45.74
CA ASP B 138 32.99 -3.99 44.70
C ASP B 138 33.30 -5.44 44.50
N ALA B 139 33.52 -6.18 45.56
CA ALA B 139 33.91 -7.55 45.39
C ALA B 139 32.85 -8.29 44.69
N LEU B 140 31.62 -8.09 45.08
CA LEU B 140 30.52 -8.78 44.47
C LEU B 140 30.28 -8.33 43.09
N ARG B 141 30.31 -7.04 42.85
CA ARG B 141 30.07 -6.49 41.52
C ARG B 141 31.13 -6.77 40.50
N TYR B 142 32.39 -6.58 40.87
CA TYR B 142 33.49 -6.72 39.93
C TYR B 142 34.31 -7.95 40.12
N GLY B 143 34.27 -8.59 41.26
CA GLY B 143 35.09 -9.75 41.46
C GLY B 143 36.28 -9.56 42.35
N VAL B 144 36.76 -8.33 42.51
CA VAL B 144 37.87 -8.02 43.38
C VAL B 144 37.63 -6.70 44.05
N GLY B 145 38.01 -6.55 45.30
CA GLY B 145 37.89 -5.28 45.97
C GLY B 145 39.16 -4.97 46.71
N VAL B 146 39.75 -3.80 46.52
CA VAL B 146 41.03 -3.45 47.15
C VAL B 146 40.83 -2.29 48.09
N LEU B 147 41.37 -2.34 49.29
CA LEU B 147 41.26 -1.24 50.24
C LEU B 147 42.61 -0.85 50.72
N GLY B 148 42.72 0.25 51.42
CA GLY B 148 43.99 0.74 51.88
C GLY B 148 44.00 1.26 53.28
N ASP B 149 45.17 1.41 53.87
CA ASP B 149 45.27 1.84 55.24
C ASP B 149 46.42 2.80 55.37
N TYR B 150 46.31 3.78 56.26
CA TYR B 150 47.41 4.70 56.51
C TYR B 150 47.27 5.38 57.83
N TRP B 151 48.29 6.09 58.28
CA TRP B 151 48.26 6.78 59.55
C TRP B 151 48.22 8.26 59.33
N GLU B 152 47.30 8.95 60.01
CA GLU B 152 47.15 10.35 59.79
C GLU B 152 47.30 11.23 60.99
N GLU B 153 48.11 12.28 60.89
CA GLU B 153 48.21 13.26 61.93
C GLU B 153 47.76 14.47 61.20
N HIS B 154 46.75 15.17 61.68
CA HIS B 154 46.20 16.28 60.94
C HIS B 154 46.29 17.56 61.69
N VAL B 155 46.84 18.58 61.07
CA VAL B 155 46.93 19.86 61.71
C VAL B 155 46.38 20.90 60.75
N PHE B 156 45.77 21.95 61.29
CA PHE B 156 45.19 22.97 60.45
C PHE B 156 45.37 24.33 61.03
N HIS B 157 45.24 25.37 60.22
CA HIS B 157 45.49 26.71 60.70
C HIS B 157 44.24 27.51 60.59
N GLN B 158 44.05 28.43 61.51
CA GLN B 158 42.84 29.23 61.55
C GLN B 158 43.19 30.63 61.97
N THR B 159 42.62 31.64 61.30
CA THR B 159 42.88 33.02 61.69
C THR B 159 41.83 33.59 62.59
N VAL B 160 42.26 34.15 63.71
CA VAL B 160 41.33 34.66 64.67
C VAL B 160 41.59 36.12 64.99
N PHE B 161 40.53 36.93 65.00
CA PHE B 161 40.66 38.35 65.34
C PHE B 161 40.49 38.59 66.83
N VAL B 179 44.53 41.62 67.60
CA VAL B 179 43.90 41.63 66.29
C VAL B 179 44.63 40.77 65.24
N LYS B 180 43.89 39.99 64.48
CA LYS B 180 44.47 39.14 63.43
C LYS B 180 45.56 38.12 63.76
N LYS B 181 45.41 37.37 64.84
CA LYS B 181 46.35 36.31 65.17
C LYS B 181 46.11 35.04 64.35
N THR B 182 47.05 34.11 64.36
CA THR B 182 46.85 32.81 63.70
C THR B 182 47.04 31.69 64.75
N ARG B 183 46.49 30.51 64.49
CA ARG B 183 46.60 29.41 65.43
C ARG B 183 46.76 28.06 64.71
N VAL B 184 47.49 27.11 65.27
CA VAL B 184 47.59 25.79 64.68
C VAL B 184 46.82 24.87 65.58
N VAL B 185 45.85 24.13 65.06
CA VAL B 185 45.02 23.28 65.87
C VAL B 185 45.26 21.83 65.49
N LYS B 186 45.25 20.93 66.47
CA LYS B 186 45.56 19.53 66.22
C LYS B 186 44.32 18.67 66.15
N GLY B 187 44.18 17.90 65.10
CA GLY B 187 43.01 17.10 64.90
C GLY B 187 43.18 15.63 65.16
N TYR B 188 42.57 14.80 64.33
CA TYR B 188 42.60 13.37 64.53
C TYR B 188 43.91 12.73 64.23
N GLU B 189 44.43 11.93 65.16
CA GLU B 189 45.61 11.17 64.85
C GLU B 189 45.17 9.75 64.98
N GLY B 190 45.25 9.00 63.91
CA GLY B 190 44.85 7.63 63.93
C GLY B 190 44.87 7.09 62.55
N CYS B 191 44.51 5.83 62.39
CA CYS B 191 44.46 5.20 61.10
C CYS B 191 43.28 5.63 60.28
N LYS B 192 43.45 5.76 58.97
CA LYS B 192 42.34 6.07 58.12
C LYS B 192 42.37 5.10 56.99
N THR B 193 41.24 4.89 56.31
CA THR B 193 41.15 3.89 55.26
C THR B 193 40.60 4.47 53.97
N PHE B 194 40.83 3.81 52.84
CA PHE B 194 40.36 4.30 51.55
C PHE B 194 40.14 3.20 50.56
N ASN B 195 39.47 3.47 49.47
CA ASN B 195 39.15 2.46 48.49
C ASN B 195 39.87 2.70 47.17
N VAL B 196 40.49 1.68 46.59
CA VAL B 196 41.13 1.82 45.31
C VAL B 196 40.23 1.24 44.25
N MET B 197 39.88 2.01 43.23
CA MET B 197 39.02 1.54 42.16
C MET B 197 39.72 0.43 41.44
N VAL B 198 38.99 -0.37 40.68
CA VAL B 198 39.58 -1.51 40.01
C VAL B 198 40.60 -1.09 39.00
N TYR B 199 40.45 0.08 38.43
CA TYR B 199 41.32 0.48 37.36
C TYR B 199 42.54 1.14 37.87
N ASP B 200 42.62 1.38 39.16
CA ASP B 200 43.75 2.07 39.72
C ASP B 200 44.87 1.26 40.36
N PHE B 201 44.61 0.03 40.77
CA PHE B 201 45.66 -0.72 41.40
C PHE B 201 46.67 -1.23 40.44
N ILE B 202 47.91 -1.37 40.89
CA ILE B 202 48.96 -1.90 40.06
C ILE B 202 49.49 -3.03 40.87
N PRO B 203 49.40 -4.28 40.34
CA PRO B 203 49.85 -5.37 41.16
C PRO B 203 51.11 -5.96 40.63
N ASP B 204 51.57 -7.13 41.07
CA ASP B 204 52.73 -7.78 40.47
C ASP B 204 52.13 -8.85 39.66
N PRO B 205 52.34 -8.86 38.34
CA PRO B 205 51.59 -9.91 37.66
C PRO B 205 52.13 -11.30 37.73
N ARG B 206 53.18 -11.54 38.48
CA ARG B 206 53.81 -12.83 38.48
C ARG B 206 53.51 -13.68 39.67
N VAL B 207 52.65 -13.22 40.55
CA VAL B 207 52.20 -14.01 41.68
C VAL B 207 50.70 -13.83 41.67
N ALA B 208 49.95 -14.74 42.23
CA ALA B 208 48.50 -14.67 42.19
C ALA B 208 47.94 -13.54 43.02
N LEU B 209 46.77 -13.04 42.70
CA LEU B 209 46.21 -11.93 43.43
C LEU B 209 46.02 -12.34 44.85
N CYS B 210 45.69 -13.58 45.10
CA CYS B 210 45.58 -14.06 46.45
C CYS B 210 46.91 -13.97 47.11
N LYS B 211 47.97 -14.20 46.38
CA LYS B 211 49.30 -14.24 46.97
C LYS B 211 50.05 -12.97 46.79
N TYR B 212 49.37 -11.85 46.85
CA TYR B 212 50.00 -10.58 46.61
C TYR B 212 51.08 -10.25 47.58
N GLN B 213 50.99 -10.73 48.81
CA GLN B 213 51.95 -10.33 49.81
C GLN B 213 53.29 -10.93 49.56
N GLU B 214 53.36 -11.89 48.68
CA GLU B 214 54.60 -12.56 48.40
C GLU B 214 55.42 -11.85 47.34
N GLY B 215 54.79 -11.11 46.45
CA GLY B 215 55.50 -10.41 45.38
C GLY B 215 56.30 -9.17 45.67
N GLU B 216 57.13 -8.75 44.74
CA GLU B 216 58.02 -7.58 44.92
C GLU B 216 57.42 -6.20 45.10
N PHE B 217 56.36 -5.86 44.38
CA PHE B 217 55.80 -4.52 44.45
C PHE B 217 54.30 -4.42 44.42
N PHE B 218 53.72 -3.35 44.95
CA PHE B 218 52.29 -3.09 44.84
C PHE B 218 52.19 -1.62 44.86
N GLY B 219 51.25 -1.05 44.13
CA GLY B 219 51.07 0.37 44.08
C GLY B 219 49.72 0.85 43.66
N ARG B 220 49.43 2.13 43.80
CA ARG B 220 48.17 2.70 43.37
C ARG B 220 48.36 3.94 42.55
N ARG B 221 47.38 4.30 41.74
CA ARG B 221 47.42 5.53 40.96
C ARG B 221 46.61 6.55 41.72
N LEU B 222 47.14 7.73 41.96
CA LEU B 222 46.47 8.70 42.81
C LEU B 222 46.53 10.11 42.28
N ASP B 223 45.67 11.01 42.73
CA ASP B 223 45.75 12.42 42.34
C ASP B 223 46.05 13.24 43.55
N LEU B 224 47.00 14.14 43.46
CA LEU B 224 47.40 14.93 44.59
C LEU B 224 47.11 16.39 44.35
N ASN B 225 46.46 17.06 45.27
CA ASN B 225 46.20 18.50 45.15
C ASN B 225 47.47 19.28 45.35
N VAL B 226 47.63 20.36 44.61
CA VAL B 226 48.85 21.13 44.72
C VAL B 226 49.02 21.69 46.11
N LEU B 227 47.93 22.12 46.72
CA LEU B 227 48.04 22.74 48.00
C LEU B 227 48.59 21.79 48.99
N ASP B 228 48.17 20.54 48.91
CA ASP B 228 48.68 19.51 49.81
C ASP B 228 50.15 19.21 49.64
N LEU B 229 50.61 19.20 48.41
CA LEU B 229 52.00 18.95 48.15
C LEU B 229 52.78 20.02 48.80
N LYS B 230 52.33 21.25 48.66
CA LYS B 230 53.04 22.36 49.24
C LYS B 230 53.08 22.36 50.76
N LYS B 231 51.99 22.01 51.41
CA LYS B 231 51.99 21.97 52.83
C LYS B 231 52.94 20.91 53.29
N GLY B 232 52.92 19.79 52.60
CA GLY B 232 53.77 18.68 52.97
C GLY B 232 55.21 19.03 52.88
N ALA B 233 55.57 19.85 51.92
CA ALA B 233 56.95 20.20 51.73
C ALA B 233 57.48 20.92 52.94
N LYS B 234 56.67 21.77 53.54
CA LYS B 234 57.11 22.41 54.76
C LYS B 234 57.37 21.45 55.89
N PHE B 235 56.49 20.49 56.10
CA PHE B 235 56.70 19.49 57.15
C PHE B 235 57.93 18.70 56.84
N GLY B 236 58.19 18.46 55.56
CA GLY B 236 59.34 17.68 55.15
C GLY B 236 58.98 16.41 54.42
N LYS B 237 57.70 16.17 54.25
CA LYS B 237 57.27 15.01 53.51
C LYS B 237 57.63 14.98 52.04
N TYR B 238 57.56 16.10 51.35
CA TYR B 238 57.78 16.11 49.92
C TYR B 238 58.98 16.89 49.49
N PHE B 239 59.47 16.65 48.29
CA PHE B 239 60.61 17.35 47.74
C PHE B 239 60.50 17.46 46.24
N ASN B 240 61.34 18.24 45.59
CA ASN B 240 61.25 18.50 44.13
C ASN B 240 59.96 19.20 43.76
N VAL B 241 59.45 20.06 44.64
CA VAL B 241 58.18 20.74 44.42
C VAL B 241 58.07 21.71 43.27
N GLU B 242 59.12 22.45 42.98
CA GLU B 242 59.04 23.45 41.95
C GLU B 242 58.72 22.83 40.62
N HIS B 243 59.37 21.74 40.33
CA HIS B 243 59.12 21.05 39.10
C HIS B 243 57.71 20.53 39.01
N ALA B 244 57.18 20.06 40.11
CA ALA B 244 55.84 19.51 40.15
C ALA B 244 54.69 20.45 39.86
N GLU B 245 54.68 21.64 40.41
CA GLU B 245 53.56 22.52 40.21
C GLU B 245 53.39 22.82 38.75
N ALA B 246 54.42 22.58 37.96
CA ALA B 246 54.39 22.84 36.53
C ALA B 246 53.42 21.96 35.80
N LEU B 247 53.27 20.76 36.31
CA LEU B 247 52.43 19.80 35.63
C LEU B 247 50.96 19.95 35.94
N VAL B 248 50.57 20.93 36.74
CA VAL B 248 49.18 20.99 37.13
C VAL B 248 48.34 21.08 35.89
N ALA B 249 48.78 21.86 34.93
CA ALA B 249 47.97 22.07 33.75
C ALA B 249 47.64 20.86 32.87
N ALA B 250 48.63 20.08 32.52
CA ALA B 250 48.39 18.96 31.59
C ALA B 250 48.55 17.60 32.18
N SER B 251 48.65 17.51 33.49
CA SER B 251 48.91 16.23 34.13
C SER B 251 47.87 15.15 33.94
N LYS B 252 46.60 15.49 33.95
CA LYS B 252 45.58 14.43 33.88
C LYS B 252 45.26 13.90 32.52
N GLU B 253 45.81 12.73 32.17
CA GLU B 253 45.42 12.10 30.92
C GLU B 253 44.76 10.85 31.45
N GLU B 254 43.44 10.74 31.32
CA GLU B 254 42.73 9.61 31.92
C GLU B 254 42.54 8.39 30.99
N MET B 255 43.39 7.37 31.13
CA MET B 255 43.34 6.24 30.22
C MET B 255 42.19 5.26 30.38
N TYR B 256 41.90 4.85 31.59
CA TYR B 256 40.85 3.87 31.76
C TYR B 256 39.70 4.64 32.29
N ARG B 257 38.58 4.58 31.59
CA ARG B 257 37.42 5.36 32.00
C ARG B 257 36.20 4.54 32.35
N ARG B 258 35.19 5.19 32.91
CA ARG B 258 33.96 4.52 33.28
C ARG B 258 33.05 4.34 32.07
N ASP B 259 31.95 3.63 32.25
CA ASP B 259 31.03 3.39 31.15
C ASP B 259 30.42 4.68 30.61
N PRO B 260 30.03 4.69 29.33
CA PRO B 260 29.50 5.91 28.71
C PRO B 260 28.26 6.44 29.43
N SER B 261 27.41 5.55 29.93
CA SER B 261 26.23 5.98 30.66
C SER B 261 26.64 6.80 31.87
N ILE B 262 27.69 6.38 32.57
CA ILE B 262 28.19 7.18 33.69
C ILE B 262 28.77 8.49 33.16
N GLY B 263 28.50 9.59 33.83
CA GLY B 263 28.97 10.89 33.36
C GLY B 263 30.21 11.43 34.04
N GLN B 264 30.17 12.69 34.45
CA GLN B 264 31.29 13.33 35.16
C GLN B 264 32.64 13.39 34.44
N GLN B 265 32.62 13.70 33.14
CA GLN B 265 33.86 13.85 32.38
C GLN B 265 34.69 15.03 32.89
N ARG B 266 34.05 16.14 33.27
CA ARG B 266 34.73 17.35 33.82
C ARG B 266 35.15 18.39 32.77
N SER B 267 35.37 19.63 33.21
CA SER B 267 35.76 20.71 32.29
C SER B 267 36.47 21.82 33.05
N LEU B 268 37.20 22.70 32.34
CA LEU B 268 37.94 23.80 32.96
C LEU B 268 38.65 23.11 34.06
N LYS B 269 39.19 21.96 33.74
CA LYS B 269 39.78 21.15 34.77
C LYS B 269 40.87 21.68 35.58
N ASP B 270 40.70 21.54 36.87
CA ASP B 270 41.80 21.85 37.74
C ASP B 270 42.60 23.11 37.49
N SER B 271 41.93 24.18 37.17
CA SER B 271 42.71 25.34 36.90
C SER B 271 41.96 26.52 37.34
N THR B 272 42.05 26.79 38.61
CA THR B 272 41.39 27.91 39.11
C THR B 272 42.52 28.79 39.45
N MET B 273 42.50 29.99 38.91
CA MET B 273 43.53 30.93 39.18
C MET B 273 43.25 31.48 40.53
N THR B 274 44.19 32.22 41.08
CA THR B 274 44.02 32.79 42.38
C THR B 274 44.28 34.26 42.25
N PRO B 275 43.86 35.06 43.22
CA PRO B 275 43.93 36.51 43.02
C PRO B 275 45.27 37.13 42.71
N LYS B 276 46.34 36.74 43.39
CA LYS B 276 47.59 37.40 43.16
C LYS B 276 48.48 36.58 42.29
N GLY B 277 48.57 35.30 42.57
CA GLY B 277 49.36 34.46 41.72
C GLY B 277 49.19 32.97 41.89
N LYS B 278 49.59 32.20 40.90
CA LYS B 278 49.53 30.74 40.94
C LYS B 278 48.20 30.14 40.50
N GLN B 279 48.11 28.83 40.45
CA GLN B 279 46.88 28.18 40.07
C GLN B 279 46.67 27.04 41.02
N VAL B 280 45.43 26.64 41.21
CA VAL B 280 45.12 25.58 42.15
C VAL B 280 44.45 24.42 41.45
N GLY B 281 45.13 23.29 41.37
CA GLY B 281 44.60 22.14 40.66
C GLY B 281 45.32 20.90 41.13
N ASP B 282 45.16 19.77 40.45
CA ASP B 282 45.76 18.52 40.86
C ASP B 282 46.78 18.00 39.91
N ILE B 283 47.66 17.13 40.36
CA ILE B 283 48.67 16.53 39.51
C ILE B 283 48.51 15.03 39.61
N SER B 284 48.51 14.32 38.50
CA SER B 284 48.43 12.87 38.54
C SER B 284 49.69 12.24 39.08
N CYS B 285 49.58 11.21 39.91
CA CYS B 285 50.74 10.63 40.57
C CYS B 285 50.60 9.12 40.77
N VAL B 286 51.68 8.43 41.10
CA VAL B 286 51.61 7.00 41.42
C VAL B 286 52.39 6.73 42.70
N GLU B 287 51.85 5.92 43.61
CA GLU B 287 52.55 5.55 44.83
C GLU B 287 52.88 4.08 44.80
N ILE B 288 54.14 3.69 44.95
CA ILE B 288 54.54 2.29 44.85
C ILE B 288 55.37 1.86 46.02
N PHE B 289 55.23 0.62 46.46
CA PHE B 289 55.95 0.10 47.60
C PHE B 289 56.79 -0.99 47.04
N VAL B 290 58.07 -1.02 47.33
CA VAL B 290 58.91 -2.02 46.73
C VAL B 290 59.78 -2.72 47.75
N ARG B 291 60.16 -3.95 47.49
CA ARG B 291 61.05 -4.67 48.35
C ARG B 291 62.38 -4.66 47.63
N LEU B 292 63.43 -4.18 48.28
CA LEU B 292 64.69 -3.99 47.57
C LEU B 292 65.93 -4.25 48.32
N VAL B 293 67.01 -4.54 47.61
CA VAL B 293 68.29 -4.68 48.28
C VAL B 293 68.89 -3.31 48.18
N PRO B 294 69.22 -2.70 49.31
CA PRO B 294 69.67 -1.33 49.22
C PRO B 294 70.93 -1.13 48.38
N LYS B 295 71.93 -2.00 48.47
CA LYS B 295 73.17 -1.76 47.76
C LYS B 295 72.92 -1.71 46.30
N ASP B 296 72.10 -2.61 45.83
CA ASP B 296 71.82 -2.65 44.43
C ASP B 296 71.09 -1.41 43.95
N TRP B 297 70.15 -0.92 44.71
CA TRP B 297 69.36 0.22 44.28
C TRP B 297 70.06 1.56 44.49
N GLY B 298 71.19 1.57 45.15
CA GLY B 298 71.93 2.79 45.38
C GLY B 298 71.55 3.57 46.61
N LEU B 299 70.64 3.05 47.39
CA LEU B 299 70.15 3.77 48.55
C LEU B 299 70.81 3.44 49.87
N GLY B 300 71.81 2.57 49.88
CA GLY B 300 72.53 2.31 51.11
C GLY B 300 73.45 1.13 50.97
N ASP B 301 74.08 0.70 52.06
CA ASP B 301 74.87 -0.51 51.99
C ASP B 301 74.22 -1.58 52.81
N SER B 302 73.68 -2.58 52.16
CA SER B 302 73.11 -3.69 52.88
C SER B 302 72.94 -4.67 51.79
N GLU B 303 72.84 -5.93 52.14
CA GLU B 303 72.56 -6.90 51.11
C GLU B 303 71.30 -7.62 51.44
N PHE B 304 70.48 -7.04 52.29
CA PHE B 304 69.27 -7.70 52.72
C PHE B 304 68.06 -6.91 52.27
N PRO B 305 67.04 -7.58 51.79
CA PRO B 305 65.87 -6.86 51.29
C PRO B 305 65.09 -6.05 52.31
N GLU B 306 64.61 -4.85 51.97
CA GLU B 306 63.85 -3.98 52.86
C GLU B 306 62.72 -3.36 52.08
N MET B 307 61.75 -2.76 52.75
CA MET B 307 60.64 -2.10 52.07
C MET B 307 60.69 -0.60 52.07
N TRP B 308 60.48 0.04 50.93
CA TRP B 308 60.51 1.49 50.81
C TRP B 308 59.29 1.96 50.02
N VAL B 309 58.84 3.20 50.18
CA VAL B 309 57.72 3.74 49.42
C VAL B 309 58.15 4.92 48.59
N PHE B 310 57.71 5.01 47.34
CA PHE B 310 58.04 6.12 46.47
C PHE B 310 56.80 6.70 45.83
N THR B 311 56.74 8.02 45.65
CA THR B 311 55.62 8.64 44.93
C THR B 311 56.21 9.35 43.76
N VAL B 312 55.72 9.09 42.56
CA VAL B 312 56.27 9.67 41.37
C VAL B 312 55.20 10.49 40.72
N ALA B 313 55.49 11.70 40.33
CA ALA B 313 54.49 12.58 39.77
C ALA B 313 54.57 12.76 38.29
N ASP B 314 53.52 12.39 37.58
CA ASP B 314 53.43 12.52 36.13
C ASP B 314 54.47 11.70 35.42
N LYS B 315 55.02 10.70 36.10
CA LYS B 315 56.04 9.84 35.53
C LYS B 315 57.26 10.60 35.14
N LYS B 316 57.53 11.72 35.78
CA LYS B 316 58.74 12.46 35.49
C LYS B 316 59.60 12.83 36.64
N TYR B 317 58.99 13.07 37.79
CA TYR B 317 59.75 13.53 38.92
C TYR B 317 59.36 12.71 40.12
N ILE B 318 60.26 12.54 41.06
CA ILE B 318 59.94 11.78 42.22
C ILE B 318 59.76 12.79 43.31
N VAL B 319 58.56 12.88 43.86
CA VAL B 319 58.28 13.85 44.89
C VAL B 319 58.40 13.36 46.30
N ALA B 320 58.46 12.06 46.52
CA ALA B 320 58.68 11.55 47.87
C ALA B 320 59.28 10.17 47.92
N ALA B 321 60.06 9.87 48.95
CA ALA B 321 60.62 8.55 49.12
C ALA B 321 60.97 8.37 50.58
N GLU B 322 60.76 7.17 51.12
CA GLU B 322 61.08 6.91 52.51
C GLU B 322 61.15 5.44 52.85
N PRO B 323 61.86 5.07 53.95
CA PRO B 323 61.81 3.66 54.34
C PRO B 323 60.51 3.36 55.03
N VAL B 324 60.08 2.11 55.09
CA VAL B 324 58.87 1.76 55.82
C VAL B 324 59.24 1.09 57.12
N ASN B 325 58.70 1.57 58.21
CA ASN B 325 59.08 1.03 59.49
C ASN B 325 57.89 0.63 60.33
N THR B 326 57.20 -0.44 59.95
CA THR B 326 56.07 -0.94 60.69
C THR B 326 56.51 -2.29 61.03
N LEU B 327 56.14 -2.78 62.19
CA LEU B 327 56.65 -4.04 62.66
C LEU B 327 56.32 -5.25 61.79
N ASP B 328 55.14 -5.33 61.20
CA ASP B 328 54.82 -6.38 60.25
C ASP B 328 55.52 -6.08 58.96
N ASP B 329 55.77 -7.03 58.09
CA ASP B 329 56.41 -6.65 56.84
C ASP B 329 55.48 -6.47 55.67
N LYS B 330 54.19 -6.60 55.88
CA LYS B 330 53.25 -6.54 54.80
C LYS B 330 52.98 -5.23 54.12
N PHE B 331 52.68 -5.25 52.82
CA PHE B 331 52.33 -4.04 52.10
C PHE B 331 51.02 -3.58 52.72
N PRO B 332 50.77 -2.29 52.76
CA PRO B 332 49.53 -1.89 53.41
C PRO B 332 48.27 -1.92 52.53
N PHE B 333 47.79 -3.06 52.05
CA PHE B 333 46.55 -3.10 51.30
C PHE B 333 45.86 -4.37 51.63
N HIS B 334 44.53 -4.42 51.54
CA HIS B 334 43.78 -5.63 51.80
C HIS B 334 42.80 -6.01 50.69
N ILE B 335 42.82 -7.24 50.18
CA ILE B 335 41.98 -7.62 49.03
C ILE B 335 40.95 -8.76 49.16
N LEU B 336 39.70 -8.55 48.70
CA LEU B 336 38.62 -9.52 48.81
C LEU B 336 38.15 -9.99 47.46
N GLU B 337 38.00 -11.40 47.39
CA GLU B 337 37.62 -11.96 46.12
C GLU B 337 36.47 -12.90 46.23
N CYS B 338 35.44 -12.88 45.31
CA CYS B 338 34.27 -13.70 45.37
C CYS B 338 34.50 -15.20 45.19
N GLU B 339 35.46 -15.45 44.15
CA GLU B 339 35.67 -16.89 43.86
C GLU B 339 36.65 -17.67 44.73
N ILE B 340 36.46 -18.96 44.91
CA ILE B 340 37.28 -19.75 45.83
C ILE B 340 38.46 -20.56 45.28
N ASP B 341 38.84 -20.43 44.03
CA ASP B 341 40.04 -21.12 43.55
C ASP B 341 41.16 -20.50 44.31
N GLY B 342 42.20 -21.27 44.55
CA GLY B 342 43.34 -20.75 45.26
C GLY B 342 44.54 -20.51 44.42
N TYR B 343 44.40 -20.62 43.11
CA TYR B 343 45.52 -20.50 42.23
C TYR B 343 45.13 -19.47 41.23
N MET B 344 46.04 -19.08 40.36
CA MET B 344 45.76 -17.98 39.45
C MET B 344 44.54 -18.20 38.62
N ASN B 345 43.68 -17.20 38.56
CA ASN B 345 42.45 -17.32 37.83
C ASN B 345 41.92 -15.94 37.60
N LYS B 346 40.89 -15.81 36.80
CA LYS B 346 40.25 -14.53 36.64
C LYS B 346 39.01 -14.62 37.47
N SER B 347 38.90 -13.85 38.55
CA SER B 347 37.76 -13.98 39.45
C SER B 347 36.45 -13.49 38.95
N ARG B 348 35.37 -14.14 39.34
CA ARG B 348 34.06 -13.81 38.84
C ARG B 348 33.19 -13.19 39.89
N GLY B 349 32.15 -12.49 39.49
CA GLY B 349 31.29 -11.83 40.44
C GLY B 349 29.88 -12.26 40.22
N LEU B 350 29.00 -11.85 41.09
CA LEU B 350 27.66 -12.31 40.99
C LEU B 350 27.03 -11.85 39.71
N LEU B 351 27.31 -10.63 39.31
CA LEU B 351 26.70 -10.14 38.12
C LEU B 351 27.14 -10.88 36.87
N GLU B 352 28.42 -11.19 36.72
CA GLU B 352 28.92 -11.96 35.58
C GLU B 352 28.47 -13.38 35.52
N ILE B 353 28.50 -14.08 36.64
CA ILE B 353 28.16 -15.48 36.65
C ILE B 353 26.74 -15.70 36.22
N SER B 354 25.88 -14.75 36.47
CA SER B 354 24.49 -14.93 36.18
C SER B 354 24.11 -14.32 34.91
N ALA B 355 25.02 -13.64 34.27
CA ALA B 355 24.68 -12.92 33.06
C ALA B 355 24.19 -13.78 31.97
N PRO B 356 24.81 -14.91 31.80
CA PRO B 356 24.25 -15.65 30.69
C PRO B 356 22.77 -15.99 30.87
N MET B 357 22.35 -16.41 32.04
CA MET B 357 20.95 -16.66 32.28
C MET B 357 20.04 -15.46 32.23
N ASN B 358 20.46 -14.33 32.77
CA ASN B 358 19.58 -13.18 32.80
C ASN B 358 19.14 -12.87 31.41
N ASP B 359 20.02 -13.02 30.45
CA ASP B 359 19.68 -12.65 29.13
C ASP B 359 18.59 -13.52 28.67
N ILE B 360 18.62 -14.78 29.01
CA ILE B 360 17.61 -15.65 28.47
C ILE B 360 16.35 -15.10 29.02
N LEU B 361 16.38 -14.60 30.23
CA LEU B 361 15.09 -14.03 30.67
C LEU B 361 14.58 -12.80 29.90
N THR B 362 15.47 -11.88 29.60
CA THR B 362 15.10 -10.71 28.84
C THR B 362 14.61 -11.13 27.49
N TRP B 363 15.26 -12.07 26.85
CA TRP B 363 14.71 -12.49 25.57
C TRP B 363 13.32 -13.00 25.71
N LEU B 364 13.07 -13.86 26.68
CA LEU B 364 11.69 -14.32 26.74
C LEU B 364 10.70 -13.18 26.90
N PHE B 365 10.98 -12.27 27.84
CA PHE B 365 10.00 -11.20 28.06
C PHE B 365 9.78 -10.37 26.84
N ASP B 366 10.85 -9.99 26.18
CA ASP B 366 10.67 -9.12 25.05
C ASP B 366 9.94 -9.77 23.93
N SER B 367 10.22 -11.03 23.67
CA SER B 367 9.46 -11.62 22.61
C SER B 367 8.01 -11.61 22.93
N HIS B 368 7.68 -11.96 24.16
CA HIS B 368 6.26 -12.01 24.42
C HIS B 368 5.69 -10.66 24.20
N MET B 369 6.33 -9.64 24.72
CA MET B 369 5.73 -8.34 24.62
C MET B 369 5.60 -7.84 23.21
N TYR B 370 6.56 -8.08 22.37
CA TYR B 370 6.40 -7.71 20.97
C TYR B 370 5.32 -8.46 20.23
N ASN B 371 5.12 -9.74 20.47
CA ASN B 371 4.01 -10.38 19.78
C ASN B 371 2.62 -9.92 20.21
N LYS B 372 2.41 -9.46 21.42
CA LYS B 372 1.14 -9.02 21.94
C LYS B 372 0.85 -7.72 21.32
N ARG B 373 1.85 -6.88 21.19
CA ARG B 373 1.62 -5.58 20.67
C ARG B 373 1.04 -5.67 19.30
N GLN B 374 1.57 -6.51 18.43
CA GLN B 374 1.12 -6.60 17.06
C GLN B 374 -0.28 -7.06 16.87
N ILE B 375 -0.74 -8.07 17.60
CA ILE B 375 -2.07 -8.60 17.33
C ILE B 375 -3.21 -8.39 18.29
N MET B 376 -2.96 -7.97 19.50
CA MET B 376 -4.06 -7.87 20.45
C MET B 376 -4.85 -6.60 20.47
N ASN B 377 -5.65 -6.34 19.44
CA ASN B 377 -6.51 -5.18 19.39
C ASN B 377 -7.77 -5.67 18.74
N ASN B 378 -8.93 -5.19 19.12
CA ASN B 378 -10.14 -5.74 18.57
C ASN B 378 -10.33 -5.20 17.16
N GLN B 379 -10.53 -6.08 16.17
CA GLN B 379 -10.67 -5.67 14.79
C GLN B 379 -11.62 -6.57 14.09
N PHE B 380 -12.28 -6.09 13.04
CA PHE B 380 -13.32 -6.85 12.39
C PHE B 380 -13.13 -6.94 10.92
N ILE B 381 -13.59 -8.00 10.31
CA ILE B 381 -13.49 -8.15 8.87
C ILE B 381 -14.86 -8.20 8.26
N GLY B 382 -15.11 -7.43 7.22
CA GLY B 382 -16.45 -7.37 6.67
C GLY B 382 -16.69 -6.93 5.24
N ASP B 383 -17.91 -7.07 4.73
CA ASP B 383 -18.22 -6.61 3.38
C ASP B 383 -18.81 -5.23 3.46
N PRO B 384 -18.12 -4.26 2.88
CA PRO B 384 -18.60 -2.88 3.01
C PRO B 384 -19.93 -2.63 2.36
N SER B 385 -20.21 -3.26 1.26
CA SER B 385 -21.41 -3.01 0.53
C SER B 385 -22.71 -3.29 1.18
N ALA B 386 -22.81 -4.31 1.97
CA ALA B 386 -24.10 -4.69 2.50
C ALA B 386 -24.76 -3.89 3.59
N LEU B 387 -24.08 -2.94 4.19
CA LEU B 387 -24.63 -2.24 5.32
C LEU B 387 -24.63 -0.75 5.14
N VAL B 388 -25.45 -0.02 5.88
CA VAL B 388 -25.41 1.43 5.82
C VAL B 388 -24.34 1.82 6.81
N VAL B 389 -23.30 2.53 6.39
CA VAL B 389 -22.11 2.83 7.22
C VAL B 389 -22.14 3.69 8.47
N LYS B 390 -22.87 4.76 8.45
CA LYS B 390 -22.91 5.67 9.57
C LYS B 390 -23.43 4.93 10.75
N ASP B 391 -24.27 3.94 10.54
CA ASP B 391 -24.79 3.12 11.60
C ASP B 391 -23.72 2.32 12.28
N VAL B 392 -22.75 1.81 11.55
CA VAL B 392 -21.69 1.01 12.11
C VAL B 392 -20.93 1.85 13.05
N GLU B 393 -20.71 3.09 12.70
CA GLU B 393 -19.95 3.98 13.50
C GLU B 393 -20.69 4.75 14.52
N SER B 394 -21.43 4.09 15.41
CA SER B 394 -22.08 4.78 16.49
C SER B 394 -21.93 4.00 17.71
N LYS B 395 -21.74 4.67 18.83
CA LYS B 395 -21.49 4.01 20.09
C LYS B 395 -22.66 4.03 21.04
N GLU B 396 -23.82 4.41 20.56
CA GLU B 396 -24.98 4.52 21.39
C GLU B 396 -25.36 3.19 21.92
N PRO B 397 -26.00 3.18 23.06
CA PRO B 397 -26.24 1.86 23.58
C PRO B 397 -27.10 0.91 22.78
N GLY B 398 -28.20 1.26 22.18
CA GLY B 398 -28.95 0.25 21.45
C GLY B 398 -29.04 0.76 20.07
N LYS B 399 -28.61 0.01 19.08
CA LYS B 399 -28.57 0.56 17.75
C LYS B 399 -28.78 -0.56 16.83
N PHE B 400 -29.48 -0.34 15.74
CA PHE B 400 -29.77 -1.38 14.81
C PHE B 400 -28.93 -0.98 13.63
N ILE B 401 -28.07 -1.86 13.15
CA ILE B 401 -27.28 -1.56 12.00
C ILE B 401 -28.13 -2.06 10.87
N ARG B 402 -28.68 -1.18 10.06
CA ARG B 402 -29.62 -1.59 9.05
C ARG B 402 -28.96 -2.08 7.80
N LEU B 403 -29.34 -3.26 7.35
CA LEU B 403 -28.78 -3.78 6.15
C LEU B 403 -29.35 -3.08 4.95
N ARG B 404 -28.58 -2.94 3.88
CA ARG B 404 -29.08 -2.37 2.64
C ARG B 404 -29.86 -3.49 1.99
N PRO B 405 -30.73 -3.19 1.02
CA PRO B 405 -31.64 -4.22 0.50
C PRO B 405 -31.09 -5.50 -0.04
N THR B 406 -29.95 -5.48 -0.70
CA THR B 406 -29.47 -6.68 -1.33
C THR B 406 -29.22 -7.84 -0.43
N ALA B 407 -28.74 -7.63 0.78
CA ALA B 407 -28.34 -8.73 1.66
C ALA B 407 -29.43 -9.18 2.58
N TYR B 408 -30.66 -8.87 2.25
CA TYR B 408 -31.77 -9.16 3.12
C TYR B 408 -31.86 -10.61 3.45
N GLY B 409 -31.42 -11.47 2.57
CA GLY B 409 -31.42 -12.86 2.94
C GLY B 409 -30.13 -13.52 3.36
N ARG B 410 -29.03 -12.79 3.40
CA ARG B 410 -27.72 -13.39 3.71
C ARG B 410 -27.53 -13.69 5.17
N ASP B 411 -26.65 -14.64 5.47
CA ASP B 411 -26.37 -15.01 6.83
C ASP B 411 -25.72 -13.82 7.43
N VAL B 412 -26.21 -13.35 8.56
CA VAL B 412 -25.69 -12.12 9.11
C VAL B 412 -24.27 -12.32 9.47
N ARG B 413 -23.90 -13.52 9.85
CA ARG B 413 -22.56 -13.73 10.28
C ARG B 413 -21.63 -13.45 9.17
N SER B 414 -22.01 -13.81 7.98
CA SER B 414 -21.16 -13.61 6.85
C SER B 414 -20.85 -12.15 6.61
N ILE B 415 -21.81 -11.27 6.81
CA ILE B 415 -21.57 -9.88 6.52
C ILE B 415 -20.53 -9.20 7.40
N ILE B 416 -20.57 -9.38 8.72
CA ILE B 416 -19.58 -8.81 9.64
C ILE B 416 -19.16 -9.84 10.63
N SER B 417 -17.87 -9.98 10.89
CA SER B 417 -17.37 -10.92 11.88
C SER B 417 -16.06 -10.45 12.44
N GLN B 418 -15.64 -10.92 13.59
CA GLN B 418 -14.44 -10.47 14.21
C GLN B 418 -13.38 -11.46 14.04
N LEU B 419 -12.20 -11.03 13.64
CA LEU B 419 -11.10 -11.92 13.38
C LEU B 419 -10.63 -12.52 14.66
N PRO B 420 -10.38 -13.80 14.66
CA PRO B 420 -9.88 -14.45 15.85
C PRO B 420 -8.36 -14.41 16.00
N VAL B 421 -7.86 -14.04 17.17
CA VAL B 421 -6.43 -13.92 17.38
C VAL B 421 -6.10 -14.62 18.67
N THR B 422 -4.92 -15.21 18.77
CA THR B 422 -4.48 -15.91 19.96
C THR B 422 -3.03 -15.63 20.15
N ASP B 423 -2.50 -15.61 21.37
CA ASP B 423 -1.08 -15.44 21.55
C ASP B 423 -0.51 -16.76 21.91
N VAL B 424 0.41 -17.24 21.10
CA VAL B 424 0.99 -18.52 21.32
C VAL B 424 2.21 -18.35 22.15
N THR B 425 2.57 -17.12 22.46
CA THR B 425 3.77 -16.84 23.20
C THR B 425 3.38 -16.52 24.59
N ALA B 426 2.22 -16.94 24.99
CA ALA B 426 1.74 -16.61 26.30
C ALA B 426 2.08 -17.64 27.34
N GLN B 427 2.77 -18.69 26.94
CA GLN B 427 3.11 -19.74 27.86
C GLN B 427 4.55 -19.64 28.27
N ASN B 428 5.20 -18.59 27.83
CA ASN B 428 6.57 -18.37 28.16
C ASN B 428 6.70 -18.23 29.65
N ILE B 429 5.60 -18.08 30.35
CA ILE B 429 5.66 -17.91 31.79
C ILE B 429 6.17 -19.11 32.54
N GLN B 430 5.80 -20.31 32.15
CA GLN B 430 6.35 -21.50 32.76
C GLN B 430 7.82 -21.58 32.56
N ASP B 431 8.27 -21.23 31.38
CA ASP B 431 9.69 -21.16 31.12
C ASP B 431 10.44 -20.10 31.92
N VAL B 432 9.85 -18.95 32.17
CA VAL B 432 10.49 -17.98 33.01
C VAL B 432 10.72 -18.58 34.36
N GLN B 433 9.76 -19.28 34.92
CA GLN B 433 9.91 -19.78 36.22
C GLN B 433 10.99 -20.74 36.34
N VAL B 434 11.23 -21.58 35.36
CA VAL B 434 12.38 -22.47 35.43
C VAL B 434 13.70 -21.79 35.44
N VAL B 435 13.92 -20.82 34.59
CA VAL B 435 15.18 -20.14 34.48
C VAL B 435 15.47 -19.41 35.76
N GLU B 436 14.49 -18.86 36.40
CA GLU B 436 14.72 -18.22 37.65
C GLU B 436 15.19 -19.17 38.72
N ARG B 437 14.65 -20.35 38.79
CA ARG B 437 15.11 -21.32 39.75
C ARG B 437 16.49 -21.73 39.49
N ASN B 438 16.85 -21.88 38.25
CA ASN B 438 18.20 -22.18 37.89
C ASN B 438 19.13 -21.08 38.27
N MET B 439 18.72 -19.83 38.21
CA MET B 439 19.53 -18.70 38.67
C MET B 439 19.78 -18.65 40.13
N GLN B 440 18.84 -19.10 40.92
CA GLN B 440 19.02 -19.17 42.36
C GLN B 440 20.03 -20.21 42.70
N ARG B 441 20.15 -21.24 41.92
CA ARG B 441 21.14 -22.25 42.12
C ARG B 441 22.58 -21.83 41.88
N ILE B 442 22.87 -21.10 40.83
CA ILE B 442 24.22 -20.65 40.67
C ILE B 442 24.68 -19.70 41.75
N VAL B 443 23.92 -18.65 42.01
CA VAL B 443 24.31 -17.65 43.00
C VAL B 443 24.23 -18.16 44.38
N GLY B 444 23.20 -18.91 44.67
CA GLY B 444 23.03 -19.36 46.03
C GLY B 444 22.36 -18.40 46.95
N VAL B 445 21.67 -17.41 46.41
CA VAL B 445 20.89 -16.53 47.25
C VAL B 445 19.52 -17.09 47.16
N ASN B 446 19.05 -17.74 48.24
CA ASN B 446 17.74 -18.39 48.27
C ASN B 446 17.74 -19.56 47.35
N ASP B 447 18.36 -20.67 47.72
CA ASP B 447 18.49 -21.80 46.77
C ASP B 447 17.73 -23.11 47.00
N ASP B 448 17.24 -23.69 45.92
CA ASP B 448 16.56 -24.98 46.03
C ASP B 448 17.44 -26.14 46.47
N VAL B 449 18.66 -26.24 45.95
CA VAL B 449 19.49 -27.41 46.23
C VAL B 449 19.87 -27.74 47.65
N ALA B 450 20.06 -26.73 48.48
CA ALA B 450 20.56 -27.01 49.80
C ALA B 450 19.67 -27.97 50.59
N GLY B 451 18.37 -27.75 50.56
CA GLY B 451 17.45 -28.69 51.20
C GLY B 451 16.30 -29.12 50.34
N GLN B 452 16.28 -28.70 49.08
CA GLN B 452 15.15 -28.97 48.16
C GLN B 452 13.87 -28.31 48.62
N SER B 453 13.97 -27.25 49.43
CA SER B 453 12.78 -26.64 50.02
C SER B 453 12.42 -25.22 49.66
N SER B 454 13.08 -24.67 48.65
CA SER B 454 12.67 -23.34 48.17
C SER B 454 11.23 -23.45 47.64
N PRO B 455 10.86 -24.57 46.97
CA PRO B 455 9.48 -24.74 46.58
C PRO B 455 8.58 -24.63 47.78
N SER B 456 7.52 -23.85 47.66
CA SER B 456 6.64 -23.64 48.77
C SER B 456 5.25 -24.09 48.46
N SER B 457 4.71 -24.91 49.33
CA SER B 457 3.36 -25.38 49.18
C SER B 457 2.88 -25.45 50.61
N ARG B 458 2.47 -24.31 51.16
CA ARG B 458 1.91 -24.38 52.53
C ARG B 458 2.86 -24.84 53.62
N ARG B 459 4.04 -24.25 53.69
CA ARG B 459 5.03 -24.68 54.66
C ARG B 459 4.62 -24.55 56.12
N SER B 460 4.99 -25.52 56.93
CA SER B 460 4.74 -25.44 58.37
C SER B 460 5.97 -24.83 58.98
N ALA B 461 6.01 -24.66 60.30
CA ALA B 461 7.14 -23.98 60.95
C ALA B 461 8.53 -24.61 60.82
N THR B 462 8.66 -25.91 61.05
CA THR B 462 9.94 -26.57 60.92
C THR B 462 10.38 -26.51 59.47
N GLU B 463 9.43 -26.68 58.58
CA GLU B 463 9.74 -26.61 57.17
C GLU B 463 10.25 -25.24 56.83
N PHE B 464 9.62 -24.21 57.39
CA PHE B 464 10.01 -22.85 57.04
C PHE B 464 11.40 -22.55 57.49
N ARG B 465 11.70 -22.95 58.70
CA ARG B 465 13.01 -22.71 59.23
C ARG B 465 14.00 -23.49 58.40
N GLY B 466 13.62 -24.68 57.98
CA GLY B 466 14.53 -25.53 57.25
C GLY B 466 15.08 -25.05 55.93
N THR B 467 14.25 -24.55 55.02
CA THR B 467 14.84 -24.01 53.79
C THR B 467 15.71 -22.79 54.02
N THR B 468 15.31 -21.87 54.87
CA THR B 468 16.13 -20.71 55.19
C THR B 468 17.42 -21.07 55.93
N SER B 469 17.39 -22.09 56.77
CA SER B 469 18.61 -22.53 57.40
C SER B 469 19.52 -22.97 56.33
N PHE B 470 18.96 -23.59 55.31
CA PHE B 470 19.78 -24.14 54.27
C PHE B 470 20.19 -23.10 53.26
N ALA B 471 19.33 -22.15 52.94
CA ALA B 471 19.69 -21.18 51.91
C ALA B 471 20.81 -20.29 52.36
N SER B 472 20.77 -19.90 53.62
CA SER B 472 21.81 -19.06 54.17
C SER B 472 23.14 -19.72 54.13
N SER B 473 23.18 -21.03 54.09
CA SER B 473 24.45 -21.69 54.17
C SER B 473 25.46 -21.40 53.10
N ARG B 474 25.01 -21.10 51.91
CA ARG B 474 25.93 -20.82 50.86
C ARG B 474 26.41 -19.42 50.94
N LEU B 475 25.65 -18.56 51.55
CA LEU B 475 26.06 -17.21 51.79
C LEU B 475 26.99 -17.11 52.95
N ALA B 476 26.78 -17.89 53.98
CA ALA B 476 27.68 -17.92 55.11
C ALA B 476 29.05 -18.38 54.75
N ASN B 477 29.15 -19.33 53.85
CA ASN B 477 30.43 -19.79 53.36
C ASN B 477 31.13 -18.68 52.64
N LEU B 478 30.45 -17.81 51.92
CA LEU B 478 31.15 -16.69 51.32
C LEU B 478 31.67 -15.84 52.38
N ALA B 479 30.92 -15.59 53.43
CA ALA B 479 31.37 -14.69 54.45
C ALA B 479 32.55 -15.22 55.08
N TYR B 480 32.59 -16.51 55.29
CA TYR B 480 33.70 -17.06 55.98
C TYR B 480 34.94 -16.83 55.17
N PHE B 481 34.86 -16.97 53.87
CA PHE B 481 36.01 -16.72 53.01
C PHE B 481 36.45 -15.30 53.13
N PHE B 482 35.52 -14.38 53.09
CA PHE B 482 35.86 -12.99 53.15
C PHE B 482 36.52 -12.69 54.46
N SER B 483 36.01 -13.24 55.54
CA SER B 483 36.55 -12.97 56.84
C SER B 483 37.97 -13.39 57.04
N VAL B 484 38.30 -14.59 56.63
CA VAL B 484 39.65 -15.09 56.76
C VAL B 484 40.63 -14.39 55.86
N THR B 485 40.26 -14.21 54.60
CA THR B 485 41.14 -13.59 53.65
C THR B 485 41.46 -12.13 53.74
N GLY B 486 40.49 -11.27 53.93
CA GLY B 486 40.76 -9.86 53.90
C GLY B 486 40.39 -9.03 55.06
N PHE B 487 39.36 -9.40 55.77
CA PHE B 487 38.99 -8.68 56.94
C PHE B 487 40.05 -8.91 57.95
N ARG B 488 40.59 -10.10 57.98
CA ARG B 488 41.60 -10.44 58.96
C ARG B 488 42.80 -9.62 58.75
N SER B 489 43.17 -9.43 57.52
CA SER B 489 44.34 -8.67 57.22
C SER B 489 44.18 -7.28 57.71
N LEU B 490 43.03 -6.68 57.48
CA LEU B 490 42.87 -5.32 57.87
C LEU B 490 42.95 -5.24 59.33
N ALA B 491 42.30 -6.14 60.01
CA ALA B 491 42.24 -6.06 61.43
C ALA B 491 43.54 -6.19 62.10
N LYS B 492 44.35 -7.10 61.64
CA LYS B 492 45.65 -7.31 62.22
C LYS B 492 46.48 -6.08 62.05
N SER B 493 46.37 -5.43 60.89
CA SER B 493 47.12 -4.22 60.60
C SER B 493 46.79 -3.06 61.47
N LEU B 494 45.52 -2.87 61.74
CA LEU B 494 45.10 -1.82 62.61
C LEU B 494 45.65 -2.06 63.96
N ILE B 495 45.64 -3.30 64.41
CA ILE B 495 46.11 -3.61 65.74
C ILE B 495 47.60 -3.30 65.89
N VAL B 496 48.40 -3.58 64.88
CA VAL B 496 49.79 -3.30 64.99
C VAL B 496 50.05 -1.83 65.12
N LYS B 497 49.40 -1.02 64.31
CA LYS B 497 49.67 0.38 64.34
C LYS B 497 49.26 1.01 65.64
N THR B 498 48.13 0.63 66.19
CA THR B 498 47.65 1.25 67.39
C THR B 498 48.59 0.99 68.49
N GLN B 499 49.14 -0.21 68.55
CA GLN B 499 50.12 -0.54 69.55
C GLN B 499 51.46 0.15 69.41
N GLN B 500 51.95 0.31 68.20
CA GLN B 500 53.26 0.89 68.02
C GLN B 500 53.26 2.36 67.86
N LEU B 501 52.42 2.87 67.00
CA LEU B 501 52.42 4.30 66.73
C LEU B 501 51.94 5.27 67.81
N TYR B 502 50.91 4.94 68.55
CA TYR B 502 50.40 5.87 69.53
C TYR B 502 51.39 6.03 70.62
N THR B 503 51.54 7.23 71.13
CA THR B 503 52.39 7.44 72.28
C THR B 503 51.61 7.13 73.54
N VAL B 504 52.28 6.96 74.66
CA VAL B 504 51.56 6.59 75.86
C VAL B 504 50.59 7.68 76.22
N GLU B 505 50.97 8.92 76.05
CA GLU B 505 50.09 9.98 76.47
C GLU B 505 48.81 9.90 75.70
N MET B 506 48.92 9.68 74.41
CA MET B 506 47.75 9.60 73.58
C MET B 506 46.89 8.43 73.97
N LYS B 507 47.50 7.34 74.36
CA LYS B 507 46.76 6.17 74.79
C LYS B 507 45.88 6.46 76.00
N VAL B 508 46.33 7.24 76.96
CA VAL B 508 45.46 7.60 78.07
C VAL B 508 44.29 8.41 77.53
N LYS B 509 44.56 9.35 76.64
CA LYS B 509 43.49 10.20 76.15
C LYS B 509 42.42 9.45 75.39
N VAL B 510 42.81 8.56 74.49
CA VAL B 510 41.85 7.73 73.77
C VAL B 510 41.18 6.68 74.62
N ALA B 511 41.93 6.03 75.51
CA ALA B 511 41.39 4.93 76.30
C ALA B 511 40.94 5.14 77.73
N GLY B 512 41.35 6.21 78.36
CA GLY B 512 40.85 6.52 79.68
C GLY B 512 40.94 5.58 80.85
N ASP B 513 39.84 5.41 81.56
CA ASP B 513 39.85 4.60 82.78
C ASP B 513 39.97 3.12 82.52
N ASN B 514 39.83 2.72 81.28
CA ASN B 514 40.00 1.33 80.91
C ASN B 514 41.44 0.90 81.15
N ILE B 515 42.38 1.84 81.25
CA ILE B 515 43.76 1.51 81.53
C ILE B 515 43.95 1.46 83.00
N LYS B 516 43.83 0.28 83.59
CA LYS B 516 43.96 0.09 85.03
C LYS B 516 45.39 -0.03 85.54
N GLY B 517 46.37 0.10 84.67
CA GLY B 517 47.73 0.07 85.11
C GLY B 517 48.71 -0.08 83.99
N ALA B 518 49.95 -0.39 84.33
CA ALA B 518 50.97 -0.58 83.33
C ALA B 518 50.68 -1.72 82.41
N GLN B 519 50.26 -2.85 82.94
CA GLN B 519 50.02 -4.03 82.14
C GLN B 519 49.05 -3.80 81.07
N SER B 520 48.03 -3.01 81.34
CA SER B 520 46.96 -2.85 80.39
C SER B 520 47.38 -2.27 79.07
N ILE B 521 48.31 -1.35 79.09
CA ILE B 521 48.68 -0.70 77.86
C ILE B 521 50.09 -1.01 77.42
N ILE B 522 51.08 -0.86 78.29
CA ILE B 522 52.47 -1.02 77.87
C ILE B 522 52.75 -2.38 77.27
N VAL B 523 53.59 -2.39 76.26
CA VAL B 523 53.86 -3.61 75.57
C VAL B 523 55.26 -3.50 75.02
N LYS B 524 55.99 -4.60 74.97
CA LYS B 524 57.33 -4.60 74.42
C LYS B 524 57.25 -4.76 72.91
N PRO B 525 58.27 -4.30 72.16
CA PRO B 525 58.12 -4.44 70.72
C PRO B 525 58.11 -5.86 70.25
N GLU B 526 58.58 -6.78 71.08
CA GLU B 526 58.64 -8.17 70.68
C GLU B 526 57.25 -8.67 70.45
N ASP B 527 56.34 -8.31 71.33
CA ASP B 527 54.98 -8.76 71.22
C ASP B 527 54.34 -8.22 69.97
N ILE B 528 54.63 -6.98 69.64
CA ILE B 528 53.99 -6.40 68.50
C ILE B 528 54.41 -7.16 67.27
N SER B 529 55.68 -7.48 67.15
CA SER B 529 56.17 -8.26 66.00
C SER B 529 55.71 -9.70 65.94
N GLY B 530 55.66 -10.39 67.06
CA GLY B 530 55.26 -11.75 67.07
C GLY B 530 53.80 -11.97 67.31
N GLN B 531 53.02 -10.92 67.46
CA GLN B 531 51.59 -11.06 67.61
C GLN B 531 51.12 -11.95 68.73
N PHE B 532 51.64 -11.77 69.93
CA PHE B 532 51.32 -12.67 70.98
C PHE B 532 50.25 -12.19 71.89
N ASP B 533 49.43 -13.07 72.44
CA ASP B 533 48.43 -12.77 73.47
C ASP B 533 47.04 -12.33 73.14
N ILE B 534 46.78 -11.91 71.93
CA ILE B 534 45.48 -11.40 71.57
C ILE B 534 45.23 -11.73 70.14
N MET B 535 44.00 -12.02 69.81
CA MET B 535 43.68 -12.38 68.47
C MET B 535 42.51 -11.59 68.03
N PRO B 536 42.52 -11.21 66.78
CA PRO B 536 41.37 -10.50 66.25
C PRO B 536 40.12 -11.36 66.10
N VAL B 537 38.93 -10.82 66.33
CA VAL B 537 37.68 -11.55 66.16
C VAL B 537 36.72 -10.73 65.31
N ASP B 538 35.75 -11.35 64.66
CA ASP B 538 34.85 -10.67 63.75
C ASP B 538 33.40 -11.05 63.88
N GLY B 539 32.60 -10.58 62.97
CA GLY B 539 31.18 -10.88 62.98
C GLY B 539 30.77 -12.30 62.86
N THR B 540 31.48 -13.10 62.09
CA THR B 540 31.06 -14.43 61.84
C THR B 540 30.96 -15.27 63.11
N LEU B 541 31.87 -15.16 64.05
CA LEU B 541 31.72 -15.86 65.32
C LEU B 541 31.98 -14.93 66.42
N PRO B 542 30.98 -14.14 66.80
CA PRO B 542 31.18 -13.10 67.80
C PRO B 542 31.33 -13.55 69.24
N VAL B 543 31.93 -12.75 70.11
CA VAL B 543 32.06 -13.08 71.53
C VAL B 543 30.97 -12.41 72.34
N ASP B 544 30.35 -13.10 73.29
CA ASP B 544 29.25 -12.54 74.07
C ASP B 544 29.79 -12.10 75.37
N ARG B 545 29.93 -10.81 75.56
CA ARG B 545 30.40 -10.28 76.82
C ARG B 545 29.39 -10.46 77.94
N MET B 546 28.13 -10.42 77.63
CA MET B 546 27.11 -10.59 78.64
C MET B 546 27.13 -11.92 79.32
N ALA B 547 27.32 -12.99 78.57
CA ALA B 547 27.42 -14.27 79.18
C ALA B 547 28.60 -14.32 80.07
N GLN B 548 29.70 -13.73 79.64
CA GLN B 548 30.89 -13.85 80.42
C GLN B 548 30.65 -13.23 81.74
N ALA B 549 29.95 -12.11 81.76
CA ALA B 549 29.67 -11.40 82.98
C ALA B 549 28.87 -12.19 83.95
N GLN B 550 27.93 -12.97 83.48
CA GLN B 550 27.12 -13.76 84.35
C GLN B 550 27.91 -14.86 85.01
N PHE B 551 28.84 -15.46 84.30
CA PHE B 551 29.69 -16.45 84.94
C PHE B 551 30.51 -15.82 86.01
N TRP B 552 31.02 -14.64 85.77
CA TRP B 552 31.84 -13.97 86.74
C TRP B 552 31.06 -13.67 87.99
N MET B 553 29.80 -13.33 87.83
CA MET B 553 28.98 -13.07 88.97
C MET B 553 28.84 -14.32 89.80
N GLN B 554 28.69 -15.46 89.15
CA GLN B 554 28.64 -16.72 89.88
C GLN B 554 29.92 -17.04 90.59
N ILE B 555 31.05 -16.73 89.96
CA ILE B 555 32.32 -16.96 90.61
C ILE B 555 32.37 -16.11 91.84
N MET B 556 31.96 -14.87 91.75
CA MET B 556 32.05 -13.97 92.90
C MET B 556 31.20 -14.42 94.03
N SER B 557 30.04 -14.98 93.74
CA SER B 557 29.21 -15.50 94.79
C SER B 557 29.91 -16.61 95.55
N MET B 558 30.58 -17.50 94.84
CA MET B 558 31.30 -18.58 95.47
C MET B 558 32.44 -18.10 96.33
N VAL B 559 33.14 -17.10 95.86
CA VAL B 559 34.27 -16.56 96.60
C VAL B 559 33.78 -15.96 97.89
N ALA B 560 32.63 -15.33 97.87
CA ALA B 560 32.04 -14.80 99.09
C ALA B 560 31.89 -15.88 100.12
N GLY B 561 31.27 -17.01 99.75
CA GLY B 561 31.12 -18.15 100.65
C GLY B 561 32.48 -18.78 100.72
N ASN B 562 32.68 -19.79 101.55
CA ASN B 562 33.96 -20.48 101.59
C ASN B 562 35.05 -19.51 101.86
N PRO B 563 35.17 -19.06 103.10
CA PRO B 563 36.12 -18.00 103.40
C PRO B 563 37.52 -18.30 102.96
N VAL B 564 37.94 -19.56 102.89
CA VAL B 564 39.27 -19.82 102.39
C VAL B 564 39.43 -19.32 100.95
N LEU B 565 38.40 -19.48 100.12
CA LEU B 565 38.46 -18.99 98.74
C LEU B 565 38.65 -17.50 98.77
N GLY B 566 37.96 -16.85 99.69
CA GLY B 566 38.03 -15.41 99.79
C GLY B 566 39.40 -14.89 100.08
N ALA B 567 40.16 -15.62 100.87
CA ALA B 567 41.46 -15.14 101.25
C ALA B 567 42.39 -14.94 100.06
N GLU B 568 42.34 -15.81 99.07
CA GLU B 568 43.28 -15.71 97.96
C GLU B 568 42.85 -14.99 96.70
N TYR B 569 41.70 -14.33 96.72
CA TYR B 569 41.28 -13.56 95.57
C TYR B 569 40.94 -12.15 95.97
N ARG B 570 41.03 -11.20 95.04
CA ARG B 570 40.64 -9.83 95.33
C ARG B 570 39.22 -9.61 94.87
N LEU B 571 38.27 -9.59 95.79
CA LEU B 571 36.86 -9.47 95.43
C LEU B 571 36.46 -8.15 94.80
N GLY B 572 37.05 -7.07 95.26
CA GLY B 572 36.62 -5.81 94.73
C GLY B 572 36.88 -5.76 93.26
N ASP B 573 38.03 -6.25 92.85
CA ASP B 573 38.40 -6.21 91.45
C ASP B 573 37.49 -7.04 90.61
N ILE B 574 37.07 -8.18 91.11
CA ILE B 574 36.15 -9.01 90.37
C ILE B 574 34.87 -8.24 90.14
N PHE B 575 34.41 -7.50 91.14
CA PHE B 575 33.22 -6.70 90.98
C PHE B 575 33.40 -5.61 89.97
N SER B 576 34.51 -4.92 90.00
CA SER B 576 34.76 -3.88 89.02
C SER B 576 34.87 -4.44 87.64
N TYR B 577 35.56 -5.53 87.49
CA TYR B 577 35.72 -6.11 86.20
C TYR B 577 34.40 -6.56 85.63
N THR B 578 33.57 -7.20 86.42
CA THR B 578 32.35 -7.73 85.87
C THR B 578 31.47 -6.63 85.39
N ALA B 579 31.42 -5.55 86.14
CA ALA B 579 30.60 -4.44 85.75
C ALA B 579 31.07 -3.80 84.45
N ARG B 580 32.36 -3.62 84.31
CA ARG B 580 32.86 -3.00 83.11
C ARG B 580 32.57 -3.86 81.90
N LEU B 581 32.72 -5.16 82.04
CA LEU B 581 32.51 -6.06 80.92
C LEU B 581 31.08 -6.00 80.47
N ALA B 582 30.15 -5.95 81.42
CA ALA B 582 28.75 -5.86 81.10
C ALA B 582 28.42 -4.59 80.41
N GLY B 583 29.22 -3.57 80.59
CA GLY B 583 29.00 -2.34 79.86
C GLY B 583 28.80 -1.12 80.70
N LEU B 584 28.86 -1.24 82.02
CA LEU B 584 28.59 -0.08 82.82
C LEU B 584 29.57 1.05 82.61
N LYS B 585 30.86 0.80 82.65
CA LYS B 585 31.85 1.82 82.31
C LYS B 585 31.91 3.08 83.16
N GLY B 586 31.17 3.10 84.27
CA GLY B 586 31.16 4.27 85.13
C GLY B 586 31.33 3.89 86.57
N ILE B 587 31.52 2.62 86.83
CA ILE B 587 31.62 2.16 88.20
C ILE B 587 32.81 2.81 88.85
N ASP B 588 33.85 3.05 88.10
CA ASP B 588 35.05 3.64 88.64
C ASP B 588 34.81 5.03 89.16
N LYS B 589 33.99 5.78 88.47
CA LYS B 589 33.68 7.13 88.88
C LYS B 589 32.96 7.12 90.20
N MET B 590 32.08 6.17 90.40
CA MET B 590 31.29 6.16 91.62
C MET B 590 32.11 5.94 92.87
N LYS B 591 33.30 5.36 92.76
CA LYS B 591 34.09 5.04 93.94
C LYS B 591 34.52 6.24 94.71
N ILE B 592 34.68 6.10 96.01
CA ILE B 592 35.04 7.23 96.85
C ILE B 592 36.22 8.02 96.29
N ARG B 593 37.28 7.34 95.89
CA ARG B 593 38.40 8.04 95.30
C ARG B 593 38.39 7.84 93.81
N ILE B 594 38.48 8.92 93.05
CA ILE B 594 38.41 8.82 91.62
C ILE B 594 39.71 9.28 90.99
N LEU B 595 40.21 8.50 90.04
CA LEU B 595 41.46 8.86 89.36
C LEU B 595 41.29 9.65 88.08
N ASP B 596 41.93 10.80 88.00
CA ASP B 596 41.86 11.63 86.79
C ASP B 596 42.89 11.21 85.78
N ASP B 597 42.84 11.75 84.57
CA ASP B 597 43.78 11.31 83.54
C ASP B 597 45.22 11.58 83.91
N ASP B 598 45.48 12.72 84.52
CA ASP B 598 46.82 13.03 84.95
C ASP B 598 47.28 12.04 85.97
N GLN B 599 46.40 11.67 86.87
CA GLN B 599 46.74 10.70 87.88
C GLN B 599 47.06 9.34 87.28
N ILE B 600 46.31 8.92 86.27
CA ILE B 600 46.56 7.66 85.64
C ILE B 600 47.92 7.63 84.99
N LEU B 601 48.32 8.71 84.33
CA LEU B 601 49.60 8.74 83.64
C LEU B 601 50.70 8.55 84.62
N ALA B 602 50.57 9.17 85.77
CA ALA B 602 51.61 9.06 86.77
C ALA B 602 51.74 7.63 87.25
N LEU B 603 50.63 6.95 87.41
CA LEU B 603 50.67 5.56 87.80
C LEU B 603 51.35 4.71 86.76
N ILE B 604 51.03 4.95 85.50
CA ILE B 604 51.62 4.18 84.44
C ILE B 604 53.09 4.42 84.44
N LEU B 605 53.48 5.66 84.71
CA LEU B 605 54.90 6.00 84.68
C LEU B 605 55.63 5.16 85.68
N ALA B 606 54.97 4.82 86.78
CA ALA B 606 55.56 3.97 87.78
C ALA B 606 56.83 4.63 88.20
N MET C 1 -1.39 -4.45 -31.09
CA MET C 1 -2.08 -4.33 -32.36
C MET C 1 -2.55 -2.89 -32.57
N ASP C 2 -2.99 -2.57 -33.78
CA ASP C 2 -3.49 -1.25 -34.09
C ASP C 2 -4.86 -1.37 -34.75
N LYS C 3 -5.39 -0.22 -35.19
CA LYS C 3 -6.75 -0.20 -35.73
C LYS C 3 -6.85 -1.01 -37.02
N ALA C 4 -5.86 -0.88 -37.91
CA ALA C 4 -5.92 -1.60 -39.17
C ALA C 4 -5.88 -3.10 -38.97
N THR C 5 -4.95 -3.58 -38.12
CA THR C 5 -4.88 -5.01 -37.83
C THR C 5 -6.15 -5.50 -37.14
N LEU C 6 -6.71 -4.67 -36.25
CA LEU C 6 -7.95 -5.03 -35.58
C LEU C 6 -9.08 -5.22 -36.58
N VAL C 7 -9.24 -4.28 -37.52
CA VAL C 7 -10.29 -4.40 -38.51
C VAL C 7 -10.07 -5.62 -39.40
N LYS C 8 -8.83 -5.85 -39.82
CA LYS C 8 -8.53 -7.00 -40.66
C LYS C 8 -8.86 -8.30 -39.95
N THR C 9 -8.47 -8.42 -38.67
CA THR C 9 -8.73 -9.64 -37.92
C THR C 9 -10.22 -9.84 -37.69
N ILE C 10 -10.95 -8.76 -37.37
CA ILE C 10 -12.38 -8.86 -37.17
C ILE C 10 -13.07 -9.32 -38.44
N ALA C 11 -12.67 -8.78 -39.59
CA ALA C 11 -13.24 -9.21 -40.85
C ALA C 11 -12.91 -10.66 -41.15
N TYR C 12 -11.68 -11.08 -40.87
CA TYR C 12 -11.27 -12.45 -41.17
C TYR C 12 -12.03 -13.47 -40.32
N ARG C 13 -12.09 -13.24 -39.02
CA ARG C 13 -12.66 -14.21 -38.10
C ARG C 13 -14.19 -14.18 -38.06
N MET C 14 -14.82 -13.27 -38.79
CA MET C 14 -16.26 -13.20 -38.88
C MET C 14 -16.81 -14.03 -40.04
N GLY C 15 -15.95 -14.71 -40.76
CA GLY C 15 -16.33 -15.44 -41.96
C GLY C 15 -15.72 -14.93 -43.24
N ASN C 16 -14.55 -14.30 -43.19
CA ASN C 16 -13.89 -13.73 -44.36
C ASN C 16 -14.80 -12.74 -45.07
N VAL C 17 -15.50 -11.92 -44.28
CA VAL C 17 -16.35 -10.87 -44.84
C VAL C 17 -15.48 -9.80 -45.48
N LYS C 18 -15.93 -9.27 -46.61
CA LYS C 18 -15.15 -8.28 -47.32
C LYS C 18 -15.93 -7.01 -47.64
N GLY C 19 -17.26 -7.09 -47.77
CA GLY C 19 -18.03 -5.91 -48.13
C GLY C 19 -18.02 -4.84 -47.06
N GLN C 20 -18.22 -5.24 -45.81
CA GLN C 20 -18.38 -4.28 -44.73
C GLN C 20 -17.03 -3.88 -44.14
N ASP C 21 -16.79 -2.56 -44.10
CA ASP C 21 -15.60 -2.05 -43.45
C ASP C 21 -15.91 -0.88 -42.53
N THR C 22 -16.98 -0.14 -42.83
CA THR C 22 -17.33 1.01 -42.00
C THR C 22 -18.11 0.59 -40.78
N ALA C 23 -19.00 -0.39 -40.93
CA ALA C 23 -19.74 -0.91 -39.78
C ALA C 23 -18.79 -1.51 -38.76
N ILE C 24 -17.69 -2.11 -39.23
CA ILE C 24 -16.71 -2.67 -38.30
C ILE C 24 -16.10 -1.57 -37.44
N ASP C 25 -15.75 -0.44 -38.06
CA ASP C 25 -15.21 0.68 -37.28
C ASP C 25 -16.25 1.24 -36.32
N PHE C 26 -17.50 1.36 -36.77
CA PHE C 26 -18.56 1.88 -35.91
C PHE C 26 -18.75 1.01 -34.68
N GLU C 27 -18.85 -0.31 -34.87
CA GLU C 27 -19.06 -1.23 -33.76
C GLU C 27 -17.79 -1.51 -32.98
N LEU C 28 -16.62 -1.13 -33.51
CA LEU C 28 -15.38 -1.15 -32.74
C LEU C 28 -15.28 0.03 -31.80
N ALA C 29 -15.75 1.20 -32.21
CA ALA C 29 -15.84 2.32 -31.29
C ALA C 29 -16.92 2.07 -30.24
N LEU C 30 -18.08 1.57 -30.67
CA LEU C 30 -19.16 1.28 -29.72
C LEU C 30 -18.76 0.20 -28.73
N SER C 31 -17.90 -0.73 -29.14
CA SER C 31 -17.46 -1.77 -28.21
C SER C 31 -16.66 -1.18 -27.06
N ILE C 32 -15.74 -0.26 -27.36
CA ILE C 32 -14.97 0.41 -26.32
C ILE C 32 -15.89 1.24 -25.44
N GLU C 33 -16.85 1.94 -26.06
CA GLU C 33 -17.81 2.74 -25.28
C GLU C 33 -18.59 1.86 -24.33
N ARG C 34 -19.01 0.68 -24.77
CA ARG C 34 -19.76 -0.24 -23.91
C ARG C 34 -18.89 -0.79 -22.79
N LEU C 35 -17.65 -1.16 -23.11
CA LEU C 35 -16.77 -1.73 -22.09
C LEU C 35 -16.43 -0.71 -21.02
N GLU C 36 -16.32 0.57 -21.39
CA GLU C 36 -16.00 1.58 -20.39
C GLU C 36 -17.16 1.79 -19.41
N GLY C 37 -18.37 1.39 -19.79
CA GLY C 37 -19.53 1.60 -18.93
C GLY C 37 -19.74 0.54 -17.87
N GLN C 38 -19.00 -0.57 -17.94
CA GLN C 38 -19.20 -1.66 -17.00
C GLN C 38 -18.42 -1.42 -15.71
N GLU C 39 -18.59 -2.36 -14.77
CA GLU C 39 -18.08 -2.14 -13.41
C GLU C 39 -16.56 -2.29 -13.33
N PHE C 40 -15.99 -3.20 -14.13
CA PHE C 40 -14.56 -3.49 -14.03
C PHE C 40 -13.75 -2.44 -14.78
N VAL C 41 -12.78 -1.85 -14.10
CA VAL C 41 -11.91 -0.84 -14.67
C VAL C 41 -10.48 -1.38 -14.68
N PRO C 42 -9.85 -1.50 -15.84
CA PRO C 42 -8.47 -2.00 -15.89
C PRO C 42 -7.48 -0.98 -15.35
N TRP C 43 -6.23 -1.43 -15.25
CA TRP C 43 -5.18 -0.57 -14.72
C TRP C 43 -4.77 0.53 -15.69
N PHE C 44 -4.96 0.34 -16.99
CA PHE C 44 -4.46 1.32 -17.94
C PHE C 44 -5.38 2.52 -18.10
N LEU C 45 -6.49 2.57 -17.38
CA LEU C 45 -7.36 3.74 -17.37
C LEU C 45 -7.04 4.69 -16.22
N LEU C 46 -6.01 4.39 -15.42
CA LEU C 46 -5.62 5.29 -14.35
C LEU C 46 -4.91 6.51 -14.93
N SER C 47 -5.32 7.69 -14.44
CA SER C 47 -4.80 8.95 -14.96
C SER C 47 -3.50 9.33 -14.28
N GLU C 48 -3.05 10.56 -14.48
CA GLU C 48 -1.89 11.11 -13.80
C GLU C 48 -2.36 12.10 -12.76
N ASN C 49 -1.40 12.66 -12.02
CA ASN C 49 -1.73 13.65 -11.00
C ASN C 49 -2.34 14.89 -11.64
N ASN C 50 -3.53 15.26 -11.18
CA ASN C 50 -4.24 16.43 -11.68
C ASN C 50 -4.53 17.35 -10.51
N PHE C 51 -4.37 18.65 -10.73
CA PHE C 51 -4.55 19.64 -9.68
C PHE C 51 -5.69 20.59 -10.05
N PHE C 52 -6.41 21.04 -9.02
CA PHE C 52 -7.55 21.93 -9.18
C PHE C 52 -7.37 23.14 -8.29
N GLU C 53 -7.60 24.33 -8.86
CA GLU C 53 -7.55 25.58 -8.11
C GLU C 53 -8.96 26.12 -7.95
N GLY C 54 -9.25 26.57 -6.75
CA GLY C 54 -10.57 27.04 -6.48
C GLY C 54 -10.70 28.28 -5.68
N THR C 55 -11.74 29.03 -5.94
CA THR C 55 -11.97 30.26 -5.23
C THR C 55 -12.48 30.10 -3.83
N ALA C 56 -12.27 31.12 -3.02
CA ALA C 56 -12.71 31.08 -1.66
C ALA C 56 -14.18 31.10 -1.58
N GLN C 57 -14.77 30.43 -0.60
CA GLN C 57 -16.21 30.39 -0.37
C GLN C 57 -17.01 29.41 -1.18
N GLU C 58 -16.37 28.64 -2.05
CA GLU C 58 -17.08 27.60 -2.76
C GLU C 58 -16.54 26.32 -2.26
N ASN C 59 -17.37 25.50 -1.65
CA ASN C 59 -16.93 24.21 -1.19
C ASN C 59 -17.07 23.18 -2.28
N ARG C 60 -17.83 23.45 -3.32
CA ARG C 60 -18.06 22.46 -4.34
C ARG C 60 -17.02 22.47 -5.41
N ILE C 61 -16.42 21.32 -5.69
CA ILE C 61 -15.38 21.22 -6.68
C ILE C 61 -15.91 20.30 -7.69
N PRO C 62 -15.94 20.73 -8.96
CA PRO C 62 -16.57 19.81 -9.88
C PRO C 62 -15.78 18.56 -10.13
N VAL C 63 -16.43 17.47 -10.52
CA VAL C 63 -15.75 16.22 -10.79
C VAL C 63 -14.93 16.34 -12.06
N PRO C 64 -13.82 15.62 -12.14
CA PRO C 64 -12.94 15.74 -13.29
C PRO C 64 -13.65 15.26 -14.51
N ARG C 65 -13.20 15.57 -15.70
CA ARG C 65 -14.00 15.27 -16.89
C ARG C 65 -14.43 13.85 -17.17
N GLY C 66 -13.56 12.87 -17.09
CA GLY C 66 -13.96 11.53 -17.46
C GLY C 66 -14.07 10.64 -16.27
N PHE C 67 -14.32 11.19 -15.10
CA PHE C 67 -14.33 10.41 -13.87
C PHE C 67 -15.15 9.18 -13.88
N ILE C 68 -14.55 8.01 -13.70
CA ILE C 68 -15.33 6.83 -13.55
C ILE C 68 -15.45 6.51 -12.09
N ARG C 69 -14.34 6.46 -11.36
CA ARG C 69 -14.35 6.15 -9.94
C ARG C 69 -13.06 6.71 -9.51
N GLU C 70 -12.80 6.80 -8.23
CA GLU C 70 -11.51 7.24 -7.79
C GLU C 70 -10.59 6.05 -7.62
N TYR C 71 -9.33 6.27 -7.28
CA TYR C 71 -8.39 5.19 -7.15
C TYR C 71 -8.25 4.95 -5.70
N GLU C 72 -8.46 3.73 -5.27
CA GLU C 72 -8.43 3.46 -3.87
C GLU C 72 -7.10 3.64 -3.25
N GLU C 73 -6.06 3.08 -3.80
CA GLU C 73 -4.80 3.35 -3.17
C GLU C 73 -4.33 4.69 -3.58
N GLY C 74 -5.10 5.73 -3.26
CA GLY C 74 -4.73 7.08 -3.58
C GLY C 74 -5.55 7.98 -2.70
N SER C 75 -5.48 9.29 -2.87
CA SER C 75 -6.20 10.20 -1.98
C SER C 75 -6.35 11.57 -2.56
N LEU C 76 -7.15 12.45 -1.96
CA LEU C 76 -7.23 13.83 -2.42
C LEU C 76 -6.33 14.56 -1.49
N TYR C 77 -5.34 15.26 -1.99
CA TYR C 77 -4.34 15.85 -1.17
C TYR C 77 -4.37 17.33 -1.32
N LEU C 78 -4.30 18.07 -0.22
CA LEU C 78 -4.32 19.51 -0.26
C LEU C 78 -2.89 19.95 -0.34
N ARG C 79 -2.48 20.65 -1.40
CA ARG C 79 -1.11 21.12 -1.40
C ARG C 79 -1.04 22.55 -0.97
N ARG C 80 -0.33 22.82 0.11
CA ARG C 80 -0.26 24.14 0.62
C ARG C 80 0.75 24.87 -0.19
N VAL C 81 0.82 26.19 -0.05
CA VAL C 81 1.71 26.96 -0.88
C VAL C 81 3.16 26.58 -0.72
N ALA C 82 3.57 26.22 0.47
CA ALA C 82 4.95 25.89 0.76
C ALA C 82 5.39 24.58 0.15
N GLY C 83 4.45 23.83 -0.39
CA GLY C 83 4.76 22.53 -0.95
C GLY C 83 4.36 21.37 -0.06
N THR C 84 4.05 21.64 1.19
CA THR C 84 3.58 20.60 2.11
C THR C 84 2.14 20.25 1.86
N GLY C 85 1.66 19.13 2.38
CA GLY C 85 0.28 18.77 2.22
C GLY C 85 -0.33 17.83 3.21
N LYS C 86 -1.64 17.64 3.17
CA LYS C 86 -2.35 16.77 4.07
C LYS C 86 -3.30 16.02 3.21
N CYS C 87 -3.70 14.83 3.61
CA CYS C 87 -4.65 14.03 2.85
C CYS C 87 -6.03 14.18 3.39
N LEU C 88 -6.96 14.66 2.58
CA LEU C 88 -8.33 14.88 3.01
C LEU C 88 -9.09 13.57 3.21
N ILE C 89 -10.05 13.49 4.13
CA ILE C 89 -10.74 12.24 4.47
C ILE C 89 -12.20 12.15 4.05
N LYS C 90 -12.64 11.06 3.44
CA LYS C 90 -14.00 10.97 2.93
C LYS C 90 -14.99 10.45 3.88
N LYS C 91 -16.12 11.12 3.99
CA LYS C 91 -17.17 10.73 4.91
C LYS C 91 -18.45 11.00 4.17
N SER C 92 -19.59 10.53 4.65
CA SER C 92 -20.87 10.83 4.04
C SER C 92 -21.35 12.18 4.43
N GLN C 93 -22.24 12.79 3.67
CA GLN C 93 -22.64 14.16 3.95
C GLN C 93 -23.33 14.41 5.24
N ASP C 94 -24.17 13.50 5.66
CA ASP C 94 -24.83 13.62 6.92
C ASP C 94 -23.76 13.76 7.94
N GLN C 95 -22.71 12.96 7.84
CA GLN C 95 -21.68 12.97 8.85
C GLN C 95 -20.88 14.24 8.90
N LEU C 96 -20.95 15.06 7.88
CA LEU C 96 -20.12 16.25 7.80
C LEU C 96 -20.86 17.52 7.96
N LEU C 97 -21.99 17.50 8.61
CA LEU C 97 -22.69 18.76 8.87
C LEU C 97 -22.35 19.48 10.16
N LYS C 98 -21.65 18.83 11.05
CA LYS C 98 -21.21 19.45 12.28
C LYS C 98 -20.32 20.57 11.93
N TYR C 99 -19.51 20.36 10.91
CA TYR C 99 -18.50 21.31 10.55
C TYR C 99 -18.92 22.63 9.97
N GLU C 100 -20.18 22.82 9.63
CA GLU C 100 -20.50 24.06 8.97
C GLU C 100 -20.17 25.19 9.87
N GLY C 101 -19.34 26.09 9.39
CA GLY C 101 -18.93 27.23 10.18
C GLY C 101 -17.70 27.11 11.07
N MET C 102 -17.23 25.91 11.34
CA MET C 102 -16.04 25.77 12.13
C MET C 102 -15.06 26.23 11.13
N THR C 103 -13.98 26.88 11.54
CA THR C 103 -13.10 27.45 10.53
C THR C 103 -11.66 26.99 10.46
N GLY C 104 -11.11 26.90 9.24
CA GLY C 104 -9.75 26.41 9.07
C GLY C 104 -9.41 25.87 7.70
N GLU C 105 -8.34 25.09 7.61
CA GLU C 105 -7.97 24.48 6.36
C GLU C 105 -8.93 23.39 6.16
N PRO C 106 -9.15 23.01 4.91
CA PRO C 106 -10.04 21.90 4.63
C PRO C 106 -9.55 20.61 5.22
N SER C 107 -10.40 19.79 5.80
CA SER C 107 -9.96 18.49 6.27
C SER C 107 -10.73 17.23 5.85
N HIS C 108 -11.93 17.34 5.30
CA HIS C 108 -12.76 16.19 4.98
C HIS C 108 -13.51 16.42 3.71
N TYR C 109 -14.12 15.40 3.13
CA TYR C 109 -14.92 15.57 1.94
C TYR C 109 -16.02 14.62 1.70
N SER C 110 -16.95 14.95 0.81
CA SER C 110 -18.00 14.03 0.42
C SER C 110 -18.23 14.07 -1.07
N LEU C 111 -18.57 12.96 -1.70
CA LEU C 111 -18.91 12.98 -3.12
C LEU C 111 -20.36 12.80 -3.31
N THR C 112 -21.04 13.84 -3.76
CA THR C 112 -22.44 13.78 -4.04
C THR C 112 -22.71 14.01 -5.50
N ASN C 113 -22.77 12.97 -6.31
CA ASN C 113 -23.02 13.07 -7.75
C ASN C 113 -21.94 13.75 -8.51
N GLN C 114 -22.13 14.97 -8.92
CA GLN C 114 -21.17 15.62 -9.76
C GLN C 114 -20.17 16.47 -9.02
N TYR C 115 -20.22 16.48 -7.70
CA TYR C 115 -19.39 17.38 -6.94
C TYR C 115 -18.64 16.91 -5.73
N PHE C 116 -17.41 17.37 -5.56
CA PHE C 116 -16.67 17.12 -4.33
C PHE C 116 -16.88 18.33 -3.42
N ARG C 117 -17.16 18.06 -2.15
CA ARG C 117 -17.46 19.12 -1.19
C ARG C 117 -16.41 19.15 -0.10
N ILE C 118 -15.85 20.32 0.14
CA ILE C 118 -14.91 20.55 1.23
C ILE C 118 -15.65 21.32 2.32
N TYR C 119 -16.03 20.61 3.38
CA TYR C 119 -16.97 21.15 4.34
C TYR C 119 -16.32 22.16 5.30
N PRO C 120 -15.08 21.95 5.75
CA PRO C 120 -14.41 23.09 6.42
C PRO C 120 -14.12 24.19 5.41
N VAL C 121 -15.16 24.93 5.08
CA VAL C 121 -15.19 25.90 3.98
C VAL C 121 -13.98 26.81 4.00
N PRO C 122 -13.10 26.72 3.00
CA PRO C 122 -11.91 27.59 2.98
C PRO C 122 -12.29 29.05 2.85
N GLN C 123 -11.52 29.91 3.52
CA GLN C 123 -11.68 31.35 3.40
C GLN C 123 -10.62 31.97 2.49
N GLU C 124 -9.89 31.14 1.74
CA GLU C 124 -8.84 31.60 0.86
C GLU C 124 -8.65 30.56 -0.24
N ASP C 125 -8.07 30.99 -1.35
CA ASP C 125 -7.87 30.10 -2.48
C ASP C 125 -7.00 28.91 -2.08
N PHE C 126 -7.34 27.73 -2.61
CA PHE C 126 -6.68 26.49 -2.27
C PHE C 126 -6.28 25.74 -3.54
N LYS C 127 -5.77 24.52 -3.35
CA LYS C 127 -5.30 23.69 -4.45
C LYS C 127 -5.25 22.25 -3.97
N VAL C 128 -5.86 21.35 -4.75
CA VAL C 128 -5.94 19.93 -4.39
C VAL C 128 -5.46 19.10 -5.58
N GLU C 129 -5.06 17.86 -5.28
CA GLU C 129 -4.61 16.92 -6.29
C GLU C 129 -5.34 15.59 -6.10
N LEU C 130 -5.49 14.83 -7.19
CA LEU C 130 -6.24 13.59 -7.15
C LEU C 130 -5.76 12.65 -8.24
N LEU C 131 -5.81 11.35 -7.94
CA LEU C 131 -5.62 10.29 -8.92
C LEU C 131 -6.93 9.52 -9.06
N PHE C 132 -7.36 9.29 -10.29
CA PHE C 132 -8.66 8.68 -10.52
C PHE C 132 -8.66 7.97 -11.87
N TYR C 133 -9.70 7.20 -12.12
CA TYR C 133 -9.83 6.46 -13.35
C TYR C 133 -10.57 7.32 -14.33
N ARG C 134 -10.34 7.18 -15.63
CA ARG C 134 -10.89 8.08 -16.63
C ARG C 134 -11.34 7.34 -17.82
N LYS C 135 -12.21 7.90 -18.64
CA LYS C 135 -12.58 7.27 -19.88
C LYS C 135 -11.43 7.49 -20.79
N SER C 136 -11.14 6.58 -21.69
CA SER C 136 -9.95 6.67 -22.51
C SER C 136 -9.90 7.83 -23.41
N SER C 137 -11.02 8.22 -23.96
CA SER C 137 -11.01 9.27 -24.92
C SER C 137 -10.47 10.50 -24.33
N THR C 138 -10.39 10.53 -23.00
CA THR C 138 -9.92 11.72 -22.28
C THR C 138 -8.56 11.60 -21.63
N LEU C 139 -7.88 10.49 -21.83
CA LEU C 139 -6.54 10.33 -21.32
C LEU C 139 -5.59 11.06 -22.22
N ASN C 140 -4.40 11.35 -21.76
CA ASN C 140 -3.44 12.09 -22.56
C ASN C 140 -2.50 11.27 -23.41
N VAL C 141 -2.62 9.96 -23.39
CA VAL C 141 -1.70 9.10 -24.11
C VAL C 141 -1.71 9.18 -25.65
N GLU C 142 -0.75 8.53 -26.31
CA GLU C 142 -0.72 8.47 -27.76
C GLU C 142 -1.74 7.58 -28.50
N ASP C 143 -1.93 6.34 -28.04
CA ASP C 143 -2.85 5.43 -28.69
C ASP C 143 -3.78 4.85 -27.68
N ASN C 144 -4.94 4.39 -28.11
CA ASN C 144 -5.90 3.93 -27.16
C ASN C 144 -5.25 2.82 -26.44
N PRO C 145 -5.35 2.84 -25.14
CA PRO C 145 -4.69 1.83 -24.37
C PRO C 145 -5.28 0.50 -24.68
N TRP C 146 -6.57 0.46 -24.96
CA TRP C 146 -7.26 -0.77 -25.16
C TRP C 146 -6.69 -1.52 -26.30
N TYR C 147 -6.26 -0.85 -27.33
CA TYR C 147 -5.79 -1.54 -28.50
C TYR C 147 -4.59 -2.35 -28.17
N GLU C 148 -3.66 -1.79 -27.42
CA GLU C 148 -2.48 -2.51 -27.03
C GLU C 148 -2.67 -3.62 -26.06
N TYR C 149 -3.50 -3.46 -25.06
CA TYR C 149 -3.59 -4.46 -24.04
C TYR C 149 -4.81 -5.34 -24.02
N ALA C 150 -5.87 -4.97 -24.70
CA ALA C 150 -7.08 -5.70 -24.65
C ALA C 150 -7.61 -6.07 -25.99
N ALA C 151 -6.76 -6.29 -26.96
CA ALA C 151 -7.20 -6.52 -28.30
C ALA C 151 -8.04 -7.70 -28.53
N GLU C 152 -7.76 -8.81 -27.91
CA GLU C 152 -8.63 -9.93 -28.18
C GLU C 152 -10.00 -9.82 -27.54
N LEU C 153 -10.15 -9.10 -26.44
CA LEU C 153 -11.49 -8.91 -25.93
C LEU C 153 -12.23 -8.13 -26.93
N LEU C 154 -11.65 -7.10 -27.48
CA LEU C 154 -12.39 -6.24 -28.39
C LEU C 154 -12.88 -6.93 -29.64
N VAL C 155 -12.08 -7.84 -30.16
CA VAL C 155 -12.46 -8.51 -31.38
C VAL C 155 -13.72 -9.26 -31.16
N ALA C 156 -13.77 -9.97 -30.06
CA ALA C 156 -14.94 -10.75 -29.78
C ALA C 156 -16.15 -9.91 -29.59
N GLU C 157 -16.04 -8.81 -28.90
CA GLU C 157 -17.18 -7.99 -28.70
C GLU C 157 -17.73 -7.47 -30.01
N THR C 158 -16.84 -7.03 -30.88
CA THR C 158 -17.32 -6.54 -32.14
C THR C 158 -17.99 -7.61 -32.97
N ILE C 159 -17.41 -8.79 -32.96
CA ILE C 159 -17.99 -9.83 -33.76
C ILE C 159 -19.36 -10.12 -33.21
N TRP C 160 -19.53 -10.12 -31.90
CA TRP C 160 -20.83 -10.35 -31.31
C TRP C 160 -21.79 -9.33 -31.77
N ALA C 161 -21.47 -8.07 -31.72
CA ALA C 161 -22.48 -7.16 -32.16
C ALA C 161 -22.89 -7.38 -33.59
N MET C 162 -21.89 -7.57 -34.44
CA MET C 162 -22.26 -7.68 -35.82
C MET C 162 -23.12 -8.88 -36.08
N LEU C 163 -22.79 -10.01 -35.50
CA LEU C 163 -23.56 -11.20 -35.73
C LEU C 163 -24.92 -11.10 -35.16
N SER C 164 -25.02 -10.48 -34.03
CA SER C 164 -26.28 -10.33 -33.37
C SER C 164 -27.21 -9.59 -34.27
N ALA C 165 -26.72 -8.59 -34.97
CA ALA C 165 -27.67 -8.01 -35.93
C ALA C 165 -28.20 -8.99 -36.98
N ARG C 166 -27.41 -9.77 -37.66
CA ARG C 166 -27.73 -10.77 -38.65
C ARG C 166 -28.62 -11.77 -38.04
N ARG C 167 -28.66 -11.86 -36.73
CA ARG C 167 -29.47 -12.80 -35.98
C ARG C 167 -28.89 -14.15 -35.97
N ASP C 168 -27.60 -14.23 -36.21
CA ASP C 168 -26.92 -15.50 -36.20
C ASP C 168 -26.85 -16.05 -34.82
N LYS C 169 -26.66 -17.35 -34.73
CA LYS C 169 -26.58 -17.99 -33.44
C LYS C 169 -25.20 -17.93 -32.94
N MET C 170 -24.27 -17.81 -33.84
CA MET C 170 -22.89 -17.85 -33.44
C MET C 170 -22.59 -16.78 -32.43
N ALA C 171 -23.47 -15.82 -32.27
CA ALA C 171 -23.16 -14.74 -31.40
C ALA C 171 -22.88 -15.16 -29.98
N ASP C 172 -23.62 -16.11 -29.46
CA ASP C 172 -23.46 -16.50 -28.07
C ASP C 172 -22.12 -17.15 -27.82
N TYR C 173 -21.52 -17.80 -28.79
CA TYR C 173 -20.16 -18.33 -28.73
C TYR C 173 -19.15 -17.21 -28.53
N TRP C 174 -19.27 -16.13 -29.31
CA TRP C 174 -18.33 -15.04 -29.17
C TRP C 174 -18.51 -14.25 -27.88
N LYS C 175 -19.73 -14.16 -27.35
CA LYS C 175 -19.93 -13.55 -26.05
C LYS C 175 -19.27 -14.37 -24.96
N SER C 176 -19.35 -15.70 -25.03
CA SER C 176 -18.64 -16.54 -24.08
C SER C 176 -17.14 -16.35 -24.19
N VAL C 177 -16.62 -16.22 -25.42
CA VAL C 177 -15.20 -15.96 -25.61
C VAL C 177 -14.80 -14.65 -24.95
N ALA C 178 -15.60 -13.60 -25.17
CA ALA C 178 -15.30 -12.31 -24.56
C ALA C 178 -15.35 -12.37 -23.04
N ALA C 179 -16.31 -13.11 -22.49
CA ALA C 179 -16.39 -13.27 -21.04
C ALA C 179 -15.15 -13.96 -20.49
N ASP C 180 -14.68 -14.99 -21.19
CA ASP C 180 -13.46 -15.66 -20.76
C ASP C 180 -12.26 -14.72 -20.82
N GLN C 181 -12.17 -13.92 -21.87
CA GLN C 181 -11.06 -12.97 -21.99
C GLN C 181 -11.08 -11.95 -20.86
N MET C 182 -12.27 -11.43 -20.52
CA MET C 182 -12.35 -10.48 -19.41
C MET C 182 -12.02 -11.14 -18.08
N ARG C 183 -12.44 -12.40 -17.90
CA ARG C 183 -12.09 -13.13 -16.69
C ARG C 183 -10.59 -13.26 -16.54
N ARG C 184 -9.90 -13.58 -17.63
CA ARG C 184 -8.44 -13.67 -17.57
C ARG C 184 -7.80 -12.30 -17.34
N LEU C 185 -8.36 -11.25 -17.92
CA LEU C 185 -7.82 -9.91 -17.73
C LEU C 185 -7.91 -9.48 -16.27
N THR C 186 -9.00 -9.83 -15.59
CA THR C 186 -9.12 -9.50 -14.18
C THR C 186 -8.02 -10.14 -13.35
N ILE C 187 -7.74 -11.42 -13.61
CA ILE C 187 -6.69 -12.12 -12.87
C ILE C 187 -5.33 -11.53 -13.19
N LEU C 188 -5.11 -11.14 -14.45
CA LEU C 188 -3.85 -10.50 -14.80
C LEU C 188 -3.67 -9.18 -14.06
N ASP C 189 -4.73 -8.38 -13.96
CA ASP C 189 -4.66 -7.14 -13.20
C ASP C 189 -4.33 -7.42 -11.73
N ALA C 190 -4.99 -8.41 -11.15
CA ALA C 190 -4.72 -8.74 -9.74
C ALA C 190 -3.28 -9.18 -9.54
N GLU C 191 -2.76 -10.00 -10.46
CA GLU C 191 -1.38 -10.46 -10.35
C GLU C 191 -0.40 -9.31 -10.50
N ARG C 192 -0.67 -8.39 -11.42
CA ARG C 192 0.21 -7.23 -11.60
C ARG C 192 0.20 -6.33 -10.37
N ARG C 193 -0.97 -6.17 -9.74
CA ARG C 193 -1.06 -5.27 -8.58
C ARG C 193 -0.26 -5.80 -7.40
N LEU C 194 -0.30 -7.10 -7.15
CA LEU C 194 0.20 -7.69 -5.91
C LEU C 194 1.64 -8.17 -5.99
N ALA C 195 2.33 -7.97 -7.11
CA ALA C 195 3.69 -8.49 -7.25
C ALA C 195 4.66 -7.72 -6.36
N ASN C 196 5.59 -8.47 -5.77
CA ASN C 196 6.66 -7.91 -4.94
C ASN C 196 6.13 -7.08 -3.77
N GLN C 197 5.04 -7.52 -3.16
CA GLN C 197 4.44 -6.82 -2.03
C GLN C 197 4.32 -7.79 -0.86
N GLU C 198 4.76 -7.35 0.32
CA GLU C 198 4.71 -8.14 1.54
C GLU C 198 3.75 -7.49 2.52
N ILE C 199 2.89 -8.30 3.12
CA ILE C 199 1.82 -7.82 4.01
C ILE C 199 2.13 -8.28 5.42
N PHE C 200 2.11 -7.34 6.36
CA PHE C 200 2.29 -7.62 7.78
C PHE C 200 1.05 -7.18 8.53
N MET C 201 0.57 -8.04 9.43
CA MET C 201 -0.59 -7.69 10.24
C MET C 201 -0.20 -6.60 11.24
N GLY C 202 -0.98 -5.54 11.29
CA GLY C 202 -0.71 -4.43 12.19
C GLY C 202 0.42 -3.54 11.70
N MET D 1 36.74 41.29 58.42
CA MET D 1 37.51 42.25 57.66
C MET D 1 36.57 42.97 56.73
N GLU D 2 37.00 44.12 56.21
CA GLU D 2 36.19 44.84 55.27
C GLU D 2 36.93 45.10 53.98
N ILE D 3 36.36 44.70 52.86
CA ILE D 3 36.94 44.99 51.58
C ILE D 3 35.91 45.93 51.02
N LEU D 4 36.30 47.13 50.62
CA LEU D 4 35.32 48.13 50.19
C LEU D 4 35.32 48.35 48.68
N TYR D 5 34.19 48.70 48.11
CA TYR D 5 34.10 48.89 46.69
C TYR D 5 34.50 50.27 46.28
N THR D 6 35.78 50.54 46.17
CA THR D 6 36.25 51.82 45.69
C THR D 6 35.84 51.98 44.22
N GLY D 7 35.86 50.89 43.48
CA GLY D 7 35.47 50.93 42.09
C GLY D 7 36.69 50.97 41.23
N ALA D 8 37.81 51.30 41.85
CA ALA D 8 39.04 51.31 41.14
C ALA D 8 39.41 49.88 40.87
N SER D 9 40.03 49.61 39.74
CA SER D 9 40.51 48.27 39.48
C SER D 9 41.83 48.09 40.19
N GLU D 10 42.38 46.87 40.23
CA GLU D 10 43.58 46.59 41.03
C GLU D 10 43.27 46.90 42.46
N SER D 11 42.09 46.48 42.91
CA SER D 11 41.68 46.71 44.26
C SER D 11 41.44 45.36 44.81
N LEU D 12 41.55 45.22 46.12
CA LEU D 12 41.29 43.96 46.75
C LEU D 12 39.91 43.49 46.39
N HIS D 13 38.93 44.38 46.35
CA HIS D 13 37.60 43.94 46.08
C HIS D 13 37.55 43.38 44.70
N SER D 14 38.12 44.07 43.75
CA SER D 14 38.03 43.62 42.40
C SER D 14 38.76 42.34 42.13
N THR D 15 39.95 42.21 42.66
CA THR D 15 40.73 41.00 42.46
C THR D 15 40.11 39.77 43.09
N ILE D 16 39.63 39.89 44.31
CA ILE D 16 38.96 38.79 44.96
C ILE D 16 37.69 38.41 44.23
N LEU D 17 36.92 39.38 43.77
CA LEU D 17 35.65 39.03 43.18
C LEU D 17 35.88 38.18 41.99
N LYS D 18 36.88 38.49 41.20
CA LYS D 18 37.06 37.74 39.98
C LYS D 18 37.31 36.30 40.32
N ALA D 19 38.08 36.05 41.36
CA ALA D 19 38.42 34.68 41.68
C ALA D 19 37.23 33.91 42.07
N LEU D 20 36.40 34.49 42.90
CA LEU D 20 35.23 33.81 43.40
C LEU D 20 34.33 33.46 42.27
N LEU D 21 34.19 34.34 41.32
CA LEU D 21 33.31 34.10 40.20
C LEU D 21 33.70 32.93 39.37
N GLU D 22 34.99 32.70 39.19
CA GLU D 22 35.45 31.56 38.43
C GLU D 22 35.02 30.31 39.09
N ARG D 23 35.13 30.27 40.41
CA ARG D 23 34.73 29.12 41.15
C ARG D 23 33.25 28.84 41.04
N ILE D 24 32.42 29.86 41.13
CA ILE D 24 31.00 29.70 41.01
C ILE D 24 30.65 29.16 39.65
N ASP D 25 31.30 29.64 38.62
CA ASP D 25 31.03 29.19 37.29
C ASP D 25 31.40 27.75 37.03
N LEU D 26 32.50 27.29 37.58
CA LEU D 26 32.86 25.89 37.44
C LEU D 26 31.81 25.06 38.08
N GLY D 27 31.35 25.47 39.24
CA GLY D 27 30.35 24.73 39.97
C GLY D 27 29.05 24.64 39.23
N ASP D 28 28.69 25.70 38.55
CA ASP D 28 27.45 25.74 37.81
C ASP D 28 27.38 24.75 36.70
N THR D 29 28.52 24.31 36.21
CA THR D 29 28.54 23.31 35.17
C THR D 29 27.90 22.02 35.58
N PHE D 30 28.10 21.62 36.81
CA PHE D 30 27.54 20.40 37.30
C PHE D 30 26.04 20.46 37.28
N ILE D 31 25.48 21.55 37.73
CA ILE D 31 24.04 21.63 37.81
C ILE D 31 23.48 21.52 36.44
N SER D 32 24.13 22.14 35.49
CA SER D 32 23.58 22.18 34.16
C SER D 32 23.43 20.79 33.62
N ASP D 33 24.40 19.94 33.86
CA ASP D 33 24.35 18.60 33.35
C ASP D 33 23.22 17.83 33.94
N ASN D 34 22.96 17.99 35.23
CA ASN D 34 21.96 17.15 35.86
C ASN D 34 20.60 17.74 35.90
N TYR D 35 20.39 18.89 35.31
CA TYR D 35 19.09 19.57 35.37
C TYR D 35 17.93 18.92 34.67
N THR D 36 18.12 18.41 33.48
CA THR D 36 17.03 17.84 32.76
C THR D 36 16.55 16.64 33.46
N ARG D 37 17.47 15.85 33.96
CA ARG D 37 17.09 14.65 34.64
C ARG D 37 16.35 14.90 35.89
N TRP D 38 16.78 15.88 36.66
CA TRP D 38 16.09 16.21 37.87
C TRP D 38 14.70 16.67 37.58
N GLN D 39 14.47 17.29 36.45
CA GLN D 39 13.17 17.83 36.14
C GLN D 39 12.20 16.78 35.80
N ALA D 40 12.67 15.69 35.27
CA ALA D 40 11.80 14.57 34.99
C ALA D 40 11.21 13.95 36.20
N THR D 41 11.99 13.82 37.25
CA THR D 41 11.51 13.18 38.44
C THR D 41 10.32 13.95 38.96
N GLU D 42 10.31 15.25 38.79
CA GLU D 42 9.19 16.01 39.22
C GLU D 42 7.91 15.66 38.51
N ARG D 43 7.97 15.40 37.23
CA ARG D 43 6.78 14.99 36.54
C ARG D 43 6.32 13.70 37.13
N TYR D 44 7.24 12.81 37.46
CA TYR D 44 6.88 11.52 38.03
C TYR D 44 6.23 11.66 39.36
N TYR D 45 6.70 12.57 40.19
CA TYR D 45 6.11 12.80 41.51
C TYR D 45 4.70 13.26 41.34
N MET D 46 4.45 14.11 40.36
CA MET D 46 3.13 14.67 40.21
C MET D 46 2.21 13.85 39.34
N MET D 47 2.70 12.74 38.82
CA MET D 47 1.89 11.84 38.01
C MET D 47 1.24 12.52 36.83
N TYR D 48 1.99 13.36 36.14
CA TYR D 48 1.48 14.09 35.00
C TYR D 48 1.51 13.33 33.71
N LYS D 49 0.47 13.44 32.90
CA LYS D 49 0.46 12.82 31.60
C LYS D 49 0.18 13.85 30.53
N ILE D 50 0.95 13.90 29.45
CA ILE D 50 0.70 14.84 28.40
C ILE D 50 -0.63 14.51 27.89
N PRO D 51 -1.50 15.49 27.74
CA PRO D 51 -2.86 15.12 27.35
C PRO D 51 -3.08 14.57 25.94
N ASN D 52 -3.89 13.53 25.80
CA ASN D 52 -4.22 12.95 24.50
C ASN D 52 -5.19 13.78 23.71
N LYS D 53 -5.22 13.58 22.41
CA LYS D 53 -6.12 14.30 21.56
C LYS D 53 -7.55 13.98 21.85
N LYS D 54 -7.83 12.74 22.17
CA LYS D 54 -9.18 12.32 22.43
C LYS D 54 -9.70 12.95 23.70
N ASP D 55 -8.85 13.44 24.56
CA ASP D 55 -9.27 13.98 25.83
C ASP D 55 -10.15 15.19 25.85
N LYS D 56 -9.93 16.15 25.00
CA LYS D 56 -10.71 17.37 25.01
C LYS D 56 -12.12 17.04 24.74
N ALA D 57 -12.38 16.10 23.89
CA ALA D 57 -13.74 15.69 23.66
C ALA D 57 -14.36 15.15 24.89
N ALA D 58 -13.65 14.35 25.64
CA ALA D 58 -14.22 13.76 26.81
C ALA D 58 -14.59 14.81 27.79
N ILE D 59 -13.77 15.81 27.95
CA ILE D 59 -14.04 16.82 28.93
C ILE D 59 -15.30 17.52 28.55
N GLU D 60 -15.52 17.70 27.27
CA GLU D 60 -16.75 18.32 26.82
C GLU D 60 -17.95 17.52 27.16
N LYS D 61 -17.86 16.22 27.04
CA LYS D 61 -18.97 15.38 27.39
C LYS D 61 -19.30 15.54 28.83
N TRP D 62 -18.31 15.61 29.66
CA TRP D 62 -18.55 15.67 31.07
C TRP D 62 -19.28 16.91 31.43
N ASN D 63 -18.96 18.00 30.78
CA ASN D 63 -19.64 19.25 31.03
C ASN D 63 -21.07 19.19 30.67
N LYS D 64 -21.39 18.53 29.60
CA LYS D 64 -22.77 18.37 29.17
C LYS D 64 -23.61 17.50 30.05
N GLY D 65 -23.00 16.62 30.80
CA GLY D 65 -23.72 15.74 31.69
C GLY D 65 -23.37 14.31 31.50
N ASP D 66 -22.66 13.97 30.44
CA ASP D 66 -22.32 12.59 30.18
C ASP D 66 -21.02 12.17 30.79
N THR D 67 -20.61 10.94 30.56
CA THR D 67 -19.39 10.42 31.11
C THR D 67 -18.49 9.78 30.06
N ASP D 68 -17.16 9.92 30.14
CA ASP D 68 -16.22 9.22 29.25
C ASP D 68 -14.86 9.01 29.86
N PHE D 69 -13.95 8.32 29.17
CA PHE D 69 -12.64 7.98 29.72
C PHE D 69 -11.62 9.03 29.50
N LYS D 70 -10.95 9.44 30.56
CA LYS D 70 -9.88 10.39 30.46
C LYS D 70 -8.64 9.72 30.96
N SER D 71 -7.55 9.76 30.22
CA SER D 71 -6.33 9.03 30.57
C SER D 71 -5.44 9.45 31.74
N LEU D 72 -4.67 8.51 32.29
CA LEU D 72 -3.88 8.77 33.48
C LEU D 72 -2.60 7.97 33.53
N VAL D 73 -1.70 8.26 34.47
CA VAL D 73 -0.48 7.50 34.66
C VAL D 73 -0.63 6.69 35.92
N MET D 74 -0.33 5.41 35.90
CA MET D 74 -0.52 4.54 37.04
C MET D 74 0.27 4.84 38.28
N PRO D 75 -0.36 4.71 39.44
CA PRO D 75 0.28 5.06 40.70
C PRO D 75 1.46 4.33 41.20
N TYR D 76 1.55 3.04 41.07
CA TYR D 76 2.62 2.27 41.70
C TYR D 76 3.85 2.94 42.22
N SER D 77 4.66 3.53 41.39
CA SER D 77 5.91 4.08 41.82
C SER D 77 5.78 5.05 42.95
N TYR D 78 4.74 5.86 42.96
CA TYR D 78 4.54 6.84 43.99
C TYR D 78 4.36 6.15 45.30
N ALA D 79 3.60 5.08 45.29
CA ALA D 79 3.33 4.39 46.49
C ALA D 79 4.55 3.86 47.08
N GLN D 80 5.42 3.29 46.29
CA GLN D 80 6.67 2.81 46.82
C GLN D 80 7.57 3.87 47.41
N LEU D 81 7.68 5.05 46.83
CA LEU D 81 8.47 6.10 47.44
C LEU D 81 7.91 6.48 48.76
N MET D 82 6.61 6.63 48.83
CA MET D 82 5.97 7.01 50.05
C MET D 82 6.11 5.99 51.12
N THR D 83 6.06 4.72 50.79
CA THR D 83 6.32 3.69 51.77
C THR D 83 7.72 3.71 52.27
N ALA D 84 8.67 3.97 51.42
CA ALA D 84 10.03 4.13 51.88
C ALA D 84 10.29 5.29 52.78
N HIS D 85 9.68 6.43 52.51
CA HIS D 85 9.87 7.63 53.29
C HIS D 85 9.38 7.39 54.66
N ALA D 86 8.32 6.65 54.79
CA ALA D 86 7.83 6.33 56.08
C ALA D 86 8.78 5.51 56.90
N TYR D 87 9.48 4.58 56.30
CA TYR D 87 10.37 3.72 57.04
C TYR D 87 11.40 4.57 57.62
N MET D 88 11.94 5.48 56.85
CA MET D 88 12.98 6.36 57.32
C MET D 88 12.58 7.32 58.40
N VAL D 89 11.42 7.89 58.30
CA VAL D 89 10.95 8.78 59.33
C VAL D 89 10.77 8.07 60.65
N ASN D 90 10.22 6.87 60.63
CA ASN D 90 10.08 6.10 61.84
C ASN D 90 11.39 5.71 62.45
N VAL D 91 12.33 5.26 61.66
CA VAL D 91 13.60 4.81 62.17
C VAL D 91 14.36 5.93 62.81
N PHE D 92 14.38 7.10 62.21
CA PHE D 92 15.19 8.16 62.75
C PHE D 92 14.44 9.21 63.52
N LEU D 93 13.59 9.97 62.86
CA LEU D 93 12.89 11.07 63.48
C LEU D 93 11.82 10.89 64.57
N ASN D 94 10.97 9.88 64.51
CA ASN D 94 9.87 9.74 65.47
C ASN D 94 10.29 9.20 66.80
N ARG D 95 11.55 8.90 66.97
CA ARG D 95 12.06 8.39 68.21
C ARG D 95 12.02 9.43 69.28
N ASP D 96 12.04 9.02 70.53
CA ASP D 96 12.07 9.95 71.65
C ASP D 96 13.29 10.82 71.87
N PRO D 97 14.50 10.26 71.78
CA PRO D 97 15.60 11.20 71.96
C PRO D 97 16.17 11.72 70.66
N ILE D 98 16.15 10.98 69.58
CA ILE D 98 16.72 11.36 68.26
C ILE D 98 18.22 11.39 68.15
N PHE D 99 18.90 12.19 68.94
CA PHE D 99 20.33 12.20 68.94
C PHE D 99 20.69 11.69 70.31
N GLN D 100 21.47 10.64 70.40
CA GLN D 100 21.81 10.05 71.66
C GLN D 100 23.29 9.92 71.67
N THR D 101 23.88 9.75 72.83
CA THR D 101 25.32 9.68 72.94
C THR D 101 25.77 8.44 73.65
N ASP D 102 26.88 7.87 73.21
CA ASP D 102 27.43 6.69 73.83
C ASP D 102 28.83 7.03 74.20
N SER D 103 29.39 6.39 75.20
CA SER D 103 30.70 6.80 75.65
C SER D 103 31.78 5.77 75.59
N LEU D 104 32.94 6.11 75.04
CA LEU D 104 34.07 5.19 75.03
C LEU D 104 34.68 4.88 76.37
N ASN D 105 34.83 5.86 77.24
CA ASN D 105 35.47 5.66 78.54
C ASN D 105 34.63 6.18 79.64
N GLY D 106 35.10 6.07 80.86
CA GLY D 106 34.37 6.59 81.99
C GLY D 106 34.11 8.07 81.99
N ASP D 107 35.06 8.85 81.51
CA ASP D 107 34.92 10.29 81.50
C ASP D 107 33.74 10.71 80.68
N GLY D 108 33.49 9.99 79.61
CA GLY D 108 32.36 10.26 78.76
C GLY D 108 31.06 10.08 79.47
N THR D 109 30.95 9.09 80.32
CA THR D 109 29.69 8.80 80.98
C THR D 109 29.26 9.97 81.81
N GLU D 110 30.20 10.63 82.43
CA GLU D 110 29.87 11.76 83.22
C GLU D 110 29.21 12.83 82.39
N ARG D 111 29.67 13.04 81.17
CA ARG D 111 29.14 14.11 80.35
C ARG D 111 27.92 13.82 79.47
N GLU D 112 27.52 12.57 79.32
CA GLU D 112 26.42 12.25 78.42
C GLU D 112 25.04 12.80 78.73
N LEU D 113 24.64 12.85 79.98
CA LEU D 113 23.27 13.27 80.28
C LEU D 113 23.06 14.71 79.98
N ALA D 114 23.98 15.55 80.36
CA ALA D 114 23.89 16.95 80.04
C ALA D 114 23.94 17.28 78.58
N LEU D 115 24.79 16.60 77.82
CA LEU D 115 24.95 16.95 76.44
C LEU D 115 23.69 16.67 75.79
N GLU D 116 23.07 15.58 76.13
CA GLU D 116 21.85 15.21 75.45
C GLU D 116 20.76 16.24 75.65
N SER D 117 20.68 16.79 76.83
CA SER D 117 19.68 17.77 77.09
C SER D 117 19.85 18.96 76.24
N MET D 118 21.06 19.43 76.07
CA MET D 118 21.34 20.59 75.27
C MET D 118 21.04 20.32 73.84
N LEU D 119 21.26 19.12 73.36
CA LEU D 119 20.86 18.77 71.99
C LEU D 119 19.38 18.78 71.73
N GLN D 120 18.54 18.33 72.66
CA GLN D 120 17.10 18.44 72.51
C GLN D 120 16.64 19.85 72.52
N TYR D 121 17.24 20.72 73.29
CA TYR D 121 16.75 22.05 73.30
C TYR D 121 16.88 22.45 71.91
N GLN D 122 17.99 22.17 71.31
CA GLN D 122 18.19 22.62 69.98
C GLN D 122 17.27 22.02 68.94
N VAL D 123 17.00 20.72 68.91
CA VAL D 123 16.04 20.18 67.96
C VAL D 123 14.65 20.64 68.19
N LYS D 124 14.21 20.61 69.43
CA LYS D 124 12.87 21.03 69.79
C LYS D 124 12.58 22.50 69.68
N ALA D 125 13.49 23.34 70.14
CA ALA D 125 13.27 24.77 70.16
C ALA D 125 13.81 25.48 68.99
N GLY D 126 14.45 24.77 68.14
CA GLY D 126 15.00 25.37 66.98
C GLY D 126 14.30 24.87 65.76
N GLU D 127 13.29 24.05 65.94
CA GLU D 127 12.48 23.56 64.85
C GLU D 127 13.24 22.89 63.75
N MET D 128 14.19 22.04 64.09
CA MET D 128 14.91 21.30 63.11
C MET D 128 14.13 20.27 62.36
N GLU D 129 13.22 19.58 63.00
CA GLU D 129 12.52 18.47 62.35
C GLU D 129 11.75 18.74 61.12
N PRO D 130 11.11 19.88 61.01
CA PRO D 130 10.42 20.02 59.76
C PRO D 130 11.39 19.89 58.62
N SER D 131 12.60 20.40 58.72
CA SER D 131 13.61 20.35 57.66
C SER D 131 14.31 19.06 57.48
N LEU D 132 14.18 18.16 58.43
CA LEU D 132 14.88 16.93 58.32
C LEU D 132 14.02 15.97 57.58
N LEU D 133 12.71 16.13 57.61
CA LEU D 133 11.81 15.32 56.83
C LEU D 133 12.00 15.55 55.36
N VAL D 134 12.18 16.79 54.94
CA VAL D 134 12.41 17.08 53.54
C VAL D 134 13.69 16.49 53.02
N TRP D 135 14.75 16.47 53.81
CA TRP D 135 16.05 16.01 53.34
C TRP D 135 15.89 14.59 52.94
N PHE D 136 15.19 13.82 53.71
CA PHE D 136 14.93 12.47 53.36
C PHE D 136 14.07 12.27 52.10
N MET D 137 13.05 13.06 51.89
CA MET D 137 12.28 12.94 50.67
C MET D 137 13.10 13.25 49.50
N ASP D 138 13.83 14.34 49.54
CA ASP D 138 14.68 14.72 48.45
C ASP D 138 15.61 13.65 48.00
N ALA D 139 16.25 12.95 48.92
CA ALA D 139 17.21 11.97 48.51
C ALA D 139 16.56 10.92 47.71
N LEU D 140 15.42 10.45 48.16
CA LEU D 140 14.71 9.43 47.46
C LEU D 140 14.15 9.88 46.18
N ARG D 141 13.56 11.06 46.17
CA ARG D 141 12.96 11.60 44.96
C ARG D 141 13.92 12.02 43.89
N TYR D 142 14.97 12.73 44.24
CA TYR D 142 15.91 13.26 43.28
C TYR D 142 17.23 12.55 43.24
N GLY D 143 17.61 11.81 44.25
CA GLY D 143 18.88 11.18 44.24
C GLY D 143 19.93 11.78 45.12
N VAL D 144 19.80 13.05 45.48
CA VAL D 144 20.71 13.72 46.37
C VAL D 144 19.95 14.66 47.25
N GLY D 145 20.35 14.80 48.50
CA GLY D 145 19.72 15.76 49.39
C GLY D 145 20.76 16.52 50.13
N VAL D 146 20.72 17.84 50.14
CA VAL D 146 21.74 18.66 50.79
C VAL D 146 21.12 19.45 51.92
N LEU D 147 21.76 19.53 53.07
CA LEU D 147 21.24 20.28 54.20
C LEU D 147 22.31 21.16 54.75
N GLY D 148 21.95 22.16 55.52
CA GLY D 148 22.90 23.07 56.08
C GLY D 148 22.76 23.30 57.55
N ASP D 149 23.71 24.01 58.16
CA ASP D 149 23.73 24.22 59.59
C ASP D 149 24.34 25.57 59.93
N TYR D 150 23.76 26.33 60.84
CA TYR D 150 24.34 27.60 61.27
C TYR D 150 24.08 27.94 62.73
N TRP D 151 24.86 28.82 63.32
CA TRP D 151 24.63 29.24 64.70
C TRP D 151 23.86 30.51 64.68
N GLU D 152 22.74 30.54 65.36
CA GLU D 152 21.90 31.71 65.33
C GLU D 152 21.73 32.37 66.66
N GLU D 153 21.96 33.65 66.72
CA GLU D 153 21.70 34.38 67.94
C GLU D 153 20.66 35.31 67.44
N HIS D 154 19.60 35.52 68.19
CA HIS D 154 18.51 36.31 67.65
C HIS D 154 18.04 37.35 68.59
N VAL D 155 17.99 38.59 68.15
CA VAL D 155 17.53 39.67 68.98
C VAL D 155 16.47 40.45 68.24
N PHE D 156 15.50 40.99 68.96
CA PHE D 156 14.44 41.71 68.32
C PHE D 156 14.01 42.91 69.12
N HIS D 157 13.34 43.86 68.51
CA HIS D 157 12.99 45.07 69.20
C HIS D 157 11.50 45.21 69.25
N GLN D 158 11.00 45.77 70.32
CA GLN D 158 9.56 45.88 70.52
C GLN D 158 9.25 47.21 71.17
N THR D 159 8.20 47.88 70.72
CA THR D 159 7.85 49.17 71.28
C THR D 159 6.76 49.05 72.28
N VAL D 160 6.98 49.60 73.46
CA VAL D 160 6.03 49.46 74.53
C VAL D 160 5.58 50.79 75.09
N PHE D 161 4.28 50.98 75.27
CA PHE D 161 3.75 52.21 75.84
C PHE D 161 3.60 52.09 77.35
N VAL D 179 6.08 57.16 78.39
CA VAL D 179 5.33 56.66 77.25
C VAL D 179 6.20 56.35 76.04
N LYS D 180 5.80 55.39 75.20
CA LYS D 180 6.56 55.03 74.00
C LYS D 180 8.02 54.61 74.11
N LYS D 181 8.35 53.70 75.02
CA LYS D 181 9.70 53.17 75.12
C LYS D 181 10.05 52.10 74.09
N THR D 182 11.31 51.71 74.00
CA THR D 182 11.72 50.62 73.11
C THR D 182 12.55 49.60 73.91
N ARG D 183 12.47 48.32 73.57
CA ARG D 183 13.18 47.29 74.30
C ARG D 183 13.87 46.29 73.36
N VAL D 184 15.02 45.74 73.73
CA VAL D 184 15.66 44.71 72.91
C VAL D 184 15.50 43.42 73.66
N VAL D 185 14.86 42.44 73.05
CA VAL D 185 14.60 41.17 73.69
C VAL D 185 15.51 40.14 73.07
N LYS D 186 15.84 39.10 73.82
CA LYS D 186 16.79 38.11 73.33
C LYS D 186 16.16 36.78 73.13
N GLY D 187 16.39 36.16 71.98
CA GLY D 187 15.77 34.88 71.65
C GLY D 187 16.67 33.68 71.59
N TYR D 188 16.33 32.72 70.75
CA TYR D 188 17.10 31.50 70.67
C TYR D 188 18.51 31.70 70.25
N GLU D 189 19.46 31.10 70.95
CA GLU D 189 20.83 31.15 70.52
C GLU D 189 21.16 29.71 70.43
N GLY D 190 21.52 29.23 69.27
CA GLY D 190 21.76 27.83 69.10
C GLY D 190 21.85 27.49 67.66
N CYS D 191 21.95 26.22 67.33
CA CYS D 191 22.12 25.82 65.95
C CYS D 191 20.81 25.77 65.22
N LYS D 192 20.79 26.14 63.95
CA LYS D 192 19.58 26.02 63.20
C LYS D 192 19.92 25.35 61.91
N THR D 193 18.96 24.72 61.23
CA THR D 193 19.24 23.96 60.03
C THR D 193 18.36 24.38 58.88
N PHE D 194 18.75 24.08 57.64
CA PHE D 194 17.99 24.45 56.47
C PHE D 194 18.22 23.53 55.31
N ASN D 195 17.37 23.61 54.29
CA ASN D 195 17.47 22.72 53.15
C ASN D 195 17.86 23.46 51.88
N VAL D 196 18.83 22.94 51.13
CA VAL D 196 19.20 23.55 49.87
C VAL D 196 18.57 22.77 48.75
N MET D 197 17.80 23.42 47.89
CA MET D 197 17.16 22.75 46.78
C MET D 197 18.22 22.21 45.86
N VAL D 198 17.88 21.28 45.00
CA VAL D 198 18.86 20.67 44.11
C VAL D 198 19.46 21.66 43.17
N TYR D 199 18.73 22.68 42.81
CA TYR D 199 19.20 23.60 41.81
C TYR D 199 20.02 24.68 42.40
N ASP D 200 20.10 24.73 43.72
CA ASP D 200 20.82 25.80 44.36
C ASP D 200 22.26 25.53 44.83
N PHE D 201 22.63 24.28 45.03
CA PHE D 201 23.97 24.04 45.50
C PHE D 201 25.02 24.21 44.44
N ILE D 202 26.21 24.61 44.84
CA ILE D 202 27.29 24.77 43.92
C ILE D 202 28.36 23.92 44.51
N PRO D 203 28.82 22.88 43.76
CA PRO D 203 29.81 22.02 44.38
C PRO D 203 31.13 22.18 43.73
N ASP D 204 32.12 21.32 43.96
CA ASP D 204 33.39 21.40 43.23
C ASP D 204 33.27 20.29 42.27
N PRO D 205 33.33 20.58 40.96
CA PRO D 205 33.09 19.40 40.11
C PRO D 205 34.22 18.44 39.95
N ARG D 206 35.33 18.62 40.63
CA ARG D 206 36.48 17.79 40.38
C ARG D 206 36.73 16.75 41.41
N VAL D 207 35.85 16.62 42.39
CA VAL D 207 35.93 15.57 43.37
C VAL D 207 34.53 15.01 43.42
N ALA D 208 34.35 13.78 43.84
CA ALA D 208 33.04 13.16 43.84
C ALA D 208 32.10 13.77 44.86
N LEU D 209 30.81 13.67 44.65
CA LEU D 209 29.87 14.28 45.57
C LEU D 209 30.03 13.63 46.90
N CYS D 210 30.35 12.36 46.95
CA CYS D 210 30.61 11.70 48.20
C CYS D 210 31.80 12.32 48.85
N LYS D 211 32.78 12.73 48.06
CA LYS D 211 34.01 13.25 48.60
C LYS D 211 34.07 14.72 48.63
N TYR D 212 32.96 15.36 48.88
CA TYR D 212 32.89 16.80 48.86
C TYR D 212 33.78 17.47 49.85
N GLN D 213 34.05 16.84 50.98
CA GLN D 213 34.81 17.50 52.01
C GLN D 213 36.25 17.65 51.63
N GLU D 214 36.66 16.97 50.60
CA GLU D 214 38.04 17.02 50.19
C GLU D 214 38.33 18.17 49.25
N GLY D 215 37.34 18.64 48.51
CA GLY D 215 37.53 19.74 47.57
C GLY D 215 37.69 21.15 48.05
N GLU D 216 38.13 22.05 47.18
CA GLU D 216 38.39 23.46 47.54
C GLU D 216 37.23 24.34 47.96
N PHE D 217 36.08 24.24 47.34
CA PHE D 217 34.97 25.13 47.64
C PHE D 217 33.60 24.51 47.66
N PHE D 218 32.64 25.09 48.38
CA PHE D 218 31.26 24.65 48.35
C PHE D 218 30.48 25.87 48.62
N GLY D 219 29.32 26.02 48.02
CA GLY D 219 28.49 27.19 48.22
C GLY D 219 27.04 27.01 47.91
N ARG D 220 26.21 27.96 48.27
CA ARG D 220 24.80 27.93 47.97
C ARG D 220 24.30 29.22 47.37
N ARG D 221 23.19 29.18 46.66
CA ARG D 221 22.57 30.36 46.10
C ARG D 221 21.46 30.76 47.04
N LEU D 222 21.41 32.02 47.46
CA LEU D 222 20.44 32.41 48.48
C LEU D 222 19.80 33.74 48.19
N ASP D 223 18.67 34.05 48.82
CA ASP D 223 18.04 35.37 48.67
C ASP D 223 18.04 36.05 49.99
N LEU D 224 18.45 37.31 50.04
CA LEU D 224 18.55 38.01 51.28
C LEU D 224 17.59 39.17 51.29
N ASN D 225 16.79 39.33 52.34
CA ASN D 225 15.88 40.47 52.47
C ASN D 225 16.67 41.72 52.76
N VAL D 226 16.23 42.84 52.23
CA VAL D 226 16.96 44.07 52.43
C VAL D 226 16.98 44.44 53.90
N LEU D 227 15.89 44.21 54.59
CA LEU D 227 15.82 44.63 55.95
C LEU D 227 16.84 43.92 56.76
N ASP D 228 17.05 42.65 56.48
CA ASP D 228 18.07 41.87 57.17
C ASP D 228 19.47 42.33 56.92
N LEU D 229 19.77 42.71 55.70
CA LEU D 229 21.08 43.19 55.38
C LEU D 229 21.34 44.40 56.19
N LYS D 230 20.35 45.28 56.27
CA LYS D 230 20.50 46.50 57.01
C LYS D 230 20.71 46.30 58.50
N LYS D 231 19.97 45.39 59.10
CA LYS D 231 20.13 45.15 60.51
C LYS D 231 21.50 44.61 60.75
N GLY D 232 21.94 43.73 59.87
CA GLY D 232 23.23 43.12 60.03
C GLY D 232 24.33 44.13 59.99
N ALA D 233 24.17 45.14 59.17
CA ALA D 233 25.20 46.13 59.02
C ALA D 233 25.46 46.83 60.32
N LYS D 234 24.41 47.10 61.07
CA LYS D 234 24.62 47.69 62.37
C LYS D 234 25.41 46.82 63.32
N PHE D 235 25.10 45.54 63.38
CA PHE D 235 25.85 44.63 64.24
C PHE D 235 27.27 44.58 63.77
N GLY D 236 27.49 44.67 62.47
CA GLY D 236 28.83 44.59 61.91
C GLY D 236 29.01 43.42 60.99
N LYS D 237 27.98 42.63 60.80
CA LYS D 237 28.08 41.52 59.88
C LYS D 237 28.26 41.87 58.42
N TYR D 238 27.61 42.91 57.92
CA TYR D 238 27.66 43.22 56.50
C TYR D 238 28.30 44.54 56.20
N PHE D 239 28.73 44.72 54.96
CA PHE D 239 29.35 45.96 54.52
C PHE D 239 29.06 46.21 53.06
N ASN D 240 29.37 47.39 52.54
CA ASN D 240 29.03 47.76 51.15
C ASN D 240 27.52 47.81 50.93
N VAL D 241 26.77 48.18 51.95
CA VAL D 241 25.31 48.21 51.88
C VAL D 241 24.65 49.16 50.91
N GLU D 242 25.20 50.34 50.73
CA GLU D 242 24.56 51.32 49.88
C GLU D 242 24.44 50.80 48.49
N HIS D 243 25.49 50.21 48.01
CA HIS D 243 25.46 49.68 46.67
C HIS D 243 24.46 48.57 46.53
N ALA D 244 24.33 47.75 47.55
CA ALA D 244 23.40 46.62 47.51
C ALA D 244 21.92 46.93 47.41
N GLU D 245 21.44 47.93 48.11
CA GLU D 245 20.02 48.20 48.11
C GLU D 245 19.58 48.53 46.72
N ALA D 246 20.49 49.05 45.92
CA ALA D 246 20.17 49.43 44.54
C ALA D 246 19.71 48.28 43.69
N LEU D 247 20.19 47.09 44.00
CA LEU D 247 19.86 45.93 43.21
C LEU D 247 18.53 45.32 43.55
N VAL D 248 17.81 45.87 44.52
CA VAL D 248 16.56 45.27 44.96
C VAL D 248 15.57 45.11 43.85
N ALA D 249 15.36 46.16 43.09
CA ALA D 249 14.49 46.07 41.97
C ALA D 249 15.02 45.21 40.87
N ALA D 250 16.31 45.29 40.61
CA ALA D 250 16.86 44.63 39.45
C ALA D 250 17.54 43.28 39.52
N SER D 251 17.44 42.56 40.62
CA SER D 251 18.24 41.34 40.76
C SER D 251 17.75 39.95 40.44
N LYS D 252 16.58 39.79 39.82
CA LYS D 252 16.08 38.42 39.68
C LYS D 252 16.16 37.66 38.41
N GLU D 253 17.03 36.65 38.40
CA GLU D 253 17.12 35.77 37.26
C GLU D 253 17.28 34.43 37.90
N GLU D 254 16.40 33.48 37.61
CA GLU D 254 16.63 32.15 38.13
C GLU D 254 16.70 31.33 36.90
N MET D 255 17.89 30.87 36.56
CA MET D 255 18.05 30.07 35.38
C MET D 255 17.43 28.71 35.50
N TYR D 256 17.60 28.08 36.66
CA TYR D 256 17.11 26.73 36.77
C TYR D 256 15.85 26.77 37.55
N ARG D 257 14.79 26.26 36.96
CA ARG D 257 13.50 26.38 37.57
C ARG D 257 12.83 25.05 37.58
N ARG D 258 11.91 24.87 38.50
CA ARG D 258 11.23 23.60 38.62
C ARG D 258 10.25 23.43 37.50
N ASP D 259 9.82 22.22 37.29
CA ASP D 259 8.94 21.90 36.20
C ASP D 259 7.62 22.57 36.34
N PRO D 260 6.97 22.86 35.21
CA PRO D 260 5.70 23.53 35.23
C PRO D 260 4.65 22.81 36.03
N SER D 261 4.63 21.49 36.03
CA SER D 261 3.65 20.70 36.77
C SER D 261 3.67 20.93 38.24
N ILE D 262 4.83 21.15 38.82
CA ILE D 262 4.96 21.26 40.25
C ILE D 262 4.09 22.37 40.80
N GLY D 263 3.90 23.45 40.05
CA GLY D 263 3.02 24.50 40.51
C GLY D 263 3.71 25.69 41.07
N GLN D 264 5.02 25.77 40.93
CA GLN D 264 5.73 26.95 41.37
C GLN D 264 5.13 28.10 40.58
N GLN D 265 4.86 29.20 41.26
CA GLN D 265 4.20 30.31 40.60
C GLN D 265 5.02 31.55 40.66
N ARG D 266 4.45 32.64 40.16
CA ARG D 266 5.20 33.86 40.10
C ARG D 266 4.43 34.98 40.72
N SER D 267 5.01 35.64 41.71
CA SER D 267 4.35 36.78 42.27
C SER D 267 4.31 37.79 41.19
N LEU D 268 5.44 37.97 40.51
CA LEU D 268 5.57 38.91 39.43
C LEU D 268 5.68 40.37 39.88
N LYS D 269 5.64 40.63 41.18
CA LYS D 269 5.82 42.00 41.66
C LYS D 269 6.53 41.99 42.97
N ASP D 270 7.83 41.98 42.93
CA ASP D 270 8.57 41.87 44.13
C ASP D 270 8.60 42.95 45.19
N SER D 271 8.65 44.22 44.83
CA SER D 271 8.86 45.24 45.87
C SER D 271 7.73 46.10 46.33
N THR D 272 7.75 46.47 47.61
CA THR D 272 6.69 47.27 48.17
C THR D 272 7.23 48.54 48.78
N MET D 273 6.60 49.68 48.52
CA MET D 273 7.07 50.94 49.00
C MET D 273 6.62 51.39 50.33
N THR D 274 7.55 51.81 51.16
CA THR D 274 7.23 52.28 52.47
C THR D 274 6.60 53.64 52.39
N PRO D 275 5.88 54.06 53.46
CA PRO D 275 5.34 55.42 53.46
C PRO D 275 6.28 56.58 53.19
N LYS D 276 7.52 56.51 53.64
CA LYS D 276 8.44 57.61 53.48
C LYS D 276 9.25 57.48 52.23
N GLY D 277 8.94 56.53 51.37
CA GLY D 277 9.78 56.29 50.22
C GLY D 277 10.70 55.14 50.62
N LYS D 278 11.24 54.35 49.69
CA LYS D 278 12.13 53.18 49.95
C LYS D 278 11.39 51.93 49.56
N GLN D 279 12.10 50.86 49.21
CA GLN D 279 11.42 49.67 48.75
C GLN D 279 11.89 48.45 49.44
N VAL D 280 11.00 47.56 49.82
CA VAL D 280 11.41 46.39 50.58
C VAL D 280 11.35 45.20 49.69
N GLY D 281 12.45 44.47 49.59
CA GLY D 281 12.51 43.36 48.66
C GLY D 281 13.72 42.52 48.91
N ASP D 282 13.95 41.53 48.06
CA ASP D 282 15.07 40.61 48.22
C ASP D 282 16.14 40.78 47.20
N ILE D 283 17.38 40.73 47.61
CA ILE D 283 18.48 40.83 46.69
C ILE D 283 19.09 39.46 46.57
N SER D 284 19.25 38.94 45.36
CA SER D 284 19.82 37.62 45.15
C SER D 284 21.28 37.56 45.46
N CYS D 285 21.74 36.54 46.18
CA CYS D 285 23.12 36.46 46.57
C CYS D 285 23.68 35.06 46.53
N VAL D 286 25.00 34.88 46.64
CA VAL D 286 25.64 33.58 46.71
C VAL D 286 26.56 33.52 47.92
N GLU D 287 26.54 32.44 48.69
CA GLU D 287 27.47 32.27 49.80
C GLU D 287 28.43 31.16 49.52
N ILE D 288 29.73 31.39 49.58
CA ILE D 288 30.73 30.39 49.22
C ILE D 288 31.78 30.24 50.30
N PHE D 289 32.27 29.04 50.52
CA PHE D 289 33.25 28.78 51.54
C PHE D 289 34.46 28.30 50.78
N VAL D 290 35.62 28.84 51.04
CA VAL D 290 36.77 28.46 50.26
C VAL D 290 37.96 28.12 51.13
N ARG D 291 38.84 27.26 50.65
CA ARG D 291 40.05 26.94 51.36
C ARG D 291 41.13 27.69 50.62
N LEU D 292 41.90 28.51 51.31
CA LEU D 292 42.84 29.37 50.62
C LEU D 292 44.14 29.63 51.29
N VAL D 293 45.15 30.00 50.52
CA VAL D 293 46.41 30.38 51.13
C VAL D 293 46.29 31.87 51.25
N PRO D 294 46.41 32.40 52.46
CA PRO D 294 46.16 33.82 52.60
C PRO D 294 47.10 34.70 51.79
N LYS D 295 48.38 34.45 51.76
CA LYS D 295 49.28 35.34 51.06
C LYS D 295 48.80 35.56 49.66
N ASP D 296 48.54 34.49 48.95
CA ASP D 296 48.14 34.58 47.57
C ASP D 296 46.85 35.31 47.35
N TRP D 297 45.84 35.04 48.16
CA TRP D 297 44.56 35.66 47.94
C TRP D 297 44.62 37.12 48.30
N GLY D 298 45.66 37.53 48.99
CA GLY D 298 45.81 38.93 49.31
C GLY D 298 45.26 39.38 50.63
N LEU D 299 44.84 38.46 51.46
CA LEU D 299 44.23 38.81 52.71
C LEU D 299 45.11 38.76 53.93
N GLY D 300 46.40 38.45 53.79
CA GLY D 300 47.26 38.31 54.95
C GLY D 300 48.61 37.74 54.66
N ASP D 301 49.37 37.28 55.66
CA ASP D 301 50.63 36.61 55.37
C ASP D 301 50.63 35.25 56.00
N SER D 302 50.56 34.21 55.20
CA SER D 302 50.64 32.89 55.73
C SER D 302 50.84 32.10 54.50
N GLU D 303 51.37 30.91 54.62
CA GLU D 303 51.48 30.09 53.46
C GLU D 303 50.73 28.82 53.68
N PHE D 304 49.83 28.81 54.63
CA PHE D 304 49.12 27.60 54.96
C PHE D 304 47.64 27.78 54.70
N PRO D 305 47.00 26.78 54.12
CA PRO D 305 45.59 26.92 53.78
C PRO D 305 44.63 27.10 54.94
N GLU D 306 43.62 27.97 54.82
CA GLU D 306 42.63 28.24 55.85
C GLU D 306 41.28 28.35 55.21
N MET D 307 40.21 28.31 56.00
CA MET D 307 38.85 28.45 55.47
C MET D 307 38.21 29.79 55.73
N TRP D 308 37.60 30.40 54.70
CA TRP D 308 36.94 31.68 54.83
C TRP D 308 35.57 31.63 54.16
N VAL D 309 34.62 32.47 54.55
CA VAL D 309 33.31 32.51 53.92
C VAL D 309 33.05 33.86 53.29
N PHE D 310 32.49 33.90 52.08
CA PHE D 310 32.18 35.15 51.41
C PHE D 310 30.77 35.16 50.90
N THR D 311 30.08 36.29 50.94
CA THR D 311 28.74 36.41 50.38
C THR D 311 28.82 37.47 49.32
N VAL D 312 28.38 37.18 48.12
CA VAL D 312 28.48 38.11 47.03
C VAL D 312 27.09 38.40 46.54
N ALA D 313 26.74 39.66 46.36
CA ALA D 313 25.39 40.02 45.98
C ALA D 313 25.23 40.42 44.55
N ASP D 314 24.42 39.70 43.81
CA ASP D 314 24.14 39.98 42.41
C ASP D 314 25.37 39.86 41.55
N LYS D 315 26.38 39.16 42.02
CA LYS D 315 27.62 38.97 41.31
C LYS D 315 28.29 40.27 41.02
N LYS D 316 28.08 41.28 41.84
CA LYS D 316 28.77 42.53 41.65
C LYS D 316 29.47 43.10 42.84
N TYR D 317 28.93 42.86 44.02
CA TYR D 317 29.51 43.46 45.21
C TYR D 317 29.65 42.40 46.25
N ILE D 318 30.62 42.55 47.13
CA ILE D 318 30.80 41.57 48.15
C ILE D 318 30.29 42.21 49.39
N VAL D 319 29.25 41.64 49.98
CA VAL D 319 28.65 42.20 51.16
C VAL D 319 29.13 41.63 52.46
N ALA D 320 29.81 40.50 52.46
CA ALA D 320 30.38 39.98 53.70
C ALA D 320 31.54 39.05 53.51
N ALA D 321 32.47 39.03 54.44
CA ALA D 321 33.59 38.12 54.38
C ALA D 321 34.13 37.92 55.77
N GLU D 322 34.54 36.70 56.12
CA GLU D 322 35.09 36.42 57.42
C GLU D 322 35.88 35.14 57.51
N PRO D 323 36.78 35.00 58.52
CA PRO D 323 37.43 33.70 58.65
C PRO D 323 36.48 32.72 59.31
N VAL D 324 36.70 31.43 59.17
CA VAL D 324 35.87 30.45 59.86
C VAL D 324 36.63 29.86 61.01
N ASN D 325 36.04 29.85 62.19
CA ASN D 325 36.76 29.39 63.34
C ASN D 325 35.99 28.36 64.12
N THR D 326 35.85 27.16 63.58
CA THR D 326 35.14 26.08 64.25
C THR D 326 36.19 25.07 64.34
N LEU D 327 36.22 24.31 65.41
CA LEU D 327 37.30 23.38 65.65
C LEU D 327 37.47 22.30 64.59
N ASP D 328 36.42 21.75 64.02
CA ASP D 328 36.53 20.82 62.91
C ASP D 328 36.88 21.61 61.68
N ASP D 329 37.45 21.01 60.65
CA ASP D 329 37.71 21.82 59.48
C ASP D 329 36.70 21.71 58.37
N LYS D 330 35.65 20.95 58.58
CA LYS D 330 34.69 20.70 57.55
C LYS D 330 33.77 21.82 57.09
N PHE D 331 33.39 21.83 55.83
CA PHE D 331 32.45 22.82 55.33
C PHE D 331 31.15 22.51 56.05
N PRO D 332 30.32 23.50 56.31
CA PRO D 332 29.11 23.18 57.04
C PRO D 332 27.94 22.68 56.21
N PHE D 333 28.00 21.52 55.54
CA PHE D 333 26.85 21.00 54.82
C PHE D 333 26.86 19.52 54.94
N HIS D 334 25.71 18.87 54.88
CA HIS D 334 25.64 17.43 54.96
C HIS D 334 24.84 16.78 53.82
N ILE D 335 25.38 15.79 53.10
CA ILE D 335 24.71 15.23 51.90
C ILE D 335 24.33 13.73 51.88
N LEU D 336 23.10 13.39 51.48
CA LEU D 336 22.62 12.01 51.44
C LEU D 336 22.27 11.57 50.03
N GLU D 337 22.79 10.27 49.74
CA GLU D 337 22.59 9.80 48.39
C GLU D 337 22.02 8.42 48.36
N CYS D 338 21.03 8.08 47.49
CA CYS D 338 20.38 6.79 47.44
C CYS D 338 21.27 5.63 46.98
N GLU D 339 22.12 6.02 45.89
CA GLU D 339 22.94 4.91 45.36
C GLU D 339 24.25 4.57 46.07
N ILE D 340 24.71 3.33 46.02
CA ILE D 340 25.90 2.91 46.79
C ILE D 340 27.26 2.85 46.09
N ASP D 341 27.41 3.31 44.87
CA ASP D 341 28.72 3.36 44.25
C ASP D 341 29.50 4.30 45.07
N GLY D 342 30.79 4.10 45.16
CA GLY D 342 31.63 5.00 45.93
C GLY D 342 32.50 5.90 45.11
N TYR D 343 32.29 5.92 43.81
CA TYR D 343 33.13 6.67 42.94
C TYR D 343 32.21 7.53 42.14
N MET D 344 32.74 8.43 41.33
CA MET D 344 31.90 9.38 40.63
C MET D 344 30.85 8.72 39.79
N ASN D 345 29.62 9.19 39.93
CA ASN D 345 28.51 8.60 39.23
C ASN D 345 27.39 9.58 39.24
N LYS D 346 26.33 9.32 38.49
CA LYS D 346 25.16 10.15 38.56
C LYS D 346 24.20 9.36 39.40
N SER D 347 23.85 9.82 40.59
CA SER D 347 23.00 9.04 41.48
C SER D 347 21.56 8.92 41.09
N ARG D 348 20.97 7.76 41.32
CA ARG D 348 19.63 7.52 40.90
C ARG D 348 18.74 7.50 42.06
N GLY D 349 17.45 7.59 41.84
CA GLY D 349 16.52 7.68 42.93
C GLY D 349 15.43 6.72 42.67
N LEU D 350 14.60 6.45 43.64
CA LEU D 350 13.62 5.44 43.46
C LEU D 350 12.72 5.76 42.28
N LEU D 351 12.31 6.99 42.08
CA LEU D 351 11.44 7.23 40.96
C LEU D 351 12.08 6.95 39.62
N GLU D 352 13.32 7.38 39.43
CA GLU D 352 14.00 7.18 38.19
C GLU D 352 14.27 5.75 37.87
N ILE D 353 14.68 4.98 38.84
CA ILE D 353 15.05 3.62 38.58
C ILE D 353 13.91 2.80 38.08
N SER D 354 12.70 3.02 38.58
CA SER D 354 11.58 2.21 38.20
C SER D 354 10.75 2.74 37.12
N ALA D 355 11.05 3.91 36.64
CA ALA D 355 10.22 4.53 35.64
C ALA D 355 10.15 3.77 34.37
N PRO D 356 11.26 3.16 33.98
CA PRO D 356 11.05 2.43 32.75
C PRO D 356 9.92 1.41 32.89
N MET D 357 9.86 0.68 33.98
CA MET D 357 8.80 -0.27 34.23
C MET D 357 7.41 0.30 34.43
N ASN D 358 7.29 1.41 35.12
CA ASN D 358 5.99 1.95 35.40
C ASN D 358 5.37 2.27 34.10
N ASP D 359 6.15 2.77 33.18
CA ASP D 359 5.60 3.17 31.95
C ASP D 359 5.02 1.98 31.28
N ILE D 360 5.69 0.86 31.31
CA ILE D 360 5.02 -0.32 30.73
C ILE D 360 3.65 -0.55 31.37
N LEU D 361 3.56 -0.40 32.68
CA LEU D 361 2.19 -0.58 33.23
C LEU D 361 1.12 0.36 32.72
N THR D 362 1.46 1.61 32.55
CA THR D 362 0.53 2.57 32.03
C THR D 362 0.11 2.19 30.63
N TRP D 363 1.03 1.76 29.80
CA TRP D 363 0.61 1.32 28.49
C TRP D 363 -0.37 0.22 28.57
N LEU D 364 -0.10 -0.78 29.37
CA LEU D 364 -1.12 -1.81 29.41
C LEU D 364 -2.51 -1.33 29.82
N PHE D 365 -2.58 -0.55 30.91
CA PHE D 365 -3.92 -0.16 31.33
C PHE D 365 -4.59 0.63 30.24
N ASP D 366 -3.88 1.55 29.63
CA ASP D 366 -4.53 2.38 28.63
C ASP D 366 -5.00 1.62 27.41
N SER D 367 -4.21 0.67 26.96
CA SER D 367 -4.69 -0.09 25.85
C SER D 367 -5.97 -0.82 26.18
N HIS D 368 -5.99 -1.48 27.34
CA HIS D 368 -7.21 -2.19 27.57
C HIS D 368 -8.35 -1.24 27.59
N MET D 369 -8.18 -0.12 28.27
CA MET D 369 -9.33 0.75 28.39
C MET D 369 -9.84 1.30 27.08
N TYR D 370 -8.95 1.73 26.22
CA TYR D 370 -9.43 2.17 24.92
C TYR D 370 -10.13 1.10 24.09
N ASN D 371 -9.64 -0.11 24.04
CA ASN D 371 -10.32 -1.12 23.27
C ASN D 371 -11.69 -1.42 23.84
N LYS D 372 -11.87 -1.33 25.13
CA LYS D 372 -13.20 -1.50 25.72
C LYS D 372 -14.13 -0.43 25.30
N ARG D 373 -13.67 0.80 25.26
CA ARG D 373 -14.53 1.91 24.97
C ARG D 373 -15.13 1.74 23.63
N GLN D 374 -14.35 1.29 22.68
CA GLN D 374 -14.84 1.18 21.33
C GLN D 374 -15.91 0.18 21.09
N ILE D 375 -15.78 -1.01 21.64
CA ILE D 375 -16.76 -2.01 21.29
C ILE D 375 -17.75 -2.52 22.30
N MET D 376 -17.73 -2.09 23.53
CA MET D 376 -18.65 -2.68 24.51
C MET D 376 -20.14 -2.52 24.41
N ASN D 377 -20.63 -1.34 24.08
CA ASN D 377 -22.05 -1.10 23.95
C ASN D 377 -22.78 -2.21 23.22
N ASN D 378 -23.98 -2.56 23.66
CA ASN D 378 -24.74 -3.65 23.06
C ASN D 378 -25.55 -3.27 21.87
N GLN D 379 -25.15 -3.72 20.70
CA GLN D 379 -25.83 -3.33 19.50
C GLN D 379 -26.35 -4.47 18.66
N PHE D 380 -27.42 -4.25 17.92
CA PHE D 380 -28.04 -5.27 17.15
C PHE D 380 -27.96 -5.01 15.67
N ILE D 381 -27.85 -6.05 14.86
CA ILE D 381 -27.83 -5.92 13.42
C ILE D 381 -29.07 -6.53 12.83
N GLY D 382 -29.76 -5.84 11.94
CA GLY D 382 -31.02 -6.36 11.44
C GLY D 382 -31.57 -5.88 10.11
N ASP D 383 -32.63 -6.51 9.60
CA ASP D 383 -33.26 -6.06 8.37
C ASP D 383 -34.41 -5.16 8.69
N PRO D 384 -34.31 -3.91 8.27
CA PRO D 384 -35.36 -2.95 8.63
C PRO D 384 -36.71 -3.28 8.08
N SER D 385 -36.77 -3.80 6.89
CA SER D 385 -38.02 -4.05 6.23
C SER D 385 -38.97 -5.00 6.86
N ALA D 386 -38.50 -6.05 7.46
CA ALA D 386 -39.40 -7.07 7.95
C ALA D 386 -40.25 -6.83 9.17
N LEU D 387 -40.03 -5.78 9.91
CA LEU D 387 -40.72 -5.59 11.15
C LEU D 387 -41.44 -4.27 11.22
N VAL D 388 -42.43 -4.12 12.10
CA VAL D 388 -43.08 -2.84 12.30
C VAL D 388 -42.23 -2.12 13.31
N VAL D 389 -41.68 -0.96 13.00
CA VAL D 389 -40.69 -0.26 13.84
C VAL D 389 -40.99 0.31 15.22
N LYS D 390 -42.13 0.89 15.41
CA LYS D 390 -42.48 1.50 16.65
C LYS D 390 -42.47 0.45 17.70
N ASP D 391 -42.77 -0.78 17.34
CA ASP D 391 -42.74 -1.89 18.26
C ASP D 391 -41.36 -2.18 18.77
N VAL D 392 -40.34 -2.06 17.93
CA VAL D 392 -38.98 -2.32 18.33
C VAL D 392 -38.61 -1.36 19.39
N GLU D 393 -39.02 -0.12 19.25
CA GLU D 393 -38.70 0.89 20.18
C GLU D 393 -39.61 1.06 21.33
N SER D 394 -39.85 0.02 22.11
CA SER D 394 -40.65 0.15 23.30
C SER D 394 -40.04 -0.61 24.37
N LYS D 395 -40.07 -0.11 25.59
CA LYS D 395 -39.41 -0.75 26.71
C LYS D 395 -40.36 -1.41 27.66
N GLU D 396 -41.60 -1.57 27.29
CA GLU D 396 -42.59 -2.14 28.14
C GLU D 396 -42.26 -3.55 28.44
N PRO D 397 -42.70 -4.02 29.59
CA PRO D 397 -42.25 -5.36 29.87
C PRO D 397 -42.63 -6.47 28.94
N GLY D 398 -43.83 -6.62 28.42
CA GLY D 398 -44.09 -7.74 27.55
C GLY D 398 -44.56 -7.15 26.28
N LYS D 399 -43.92 -7.46 25.18
CA LYS D 399 -44.28 -6.77 23.96
C LYS D 399 -44.02 -7.71 22.86
N PHE D 400 -44.85 -7.70 21.84
CA PHE D 400 -44.72 -8.62 20.75
C PHE D 400 -44.28 -7.71 19.64
N ILE D 401 -43.16 -7.99 19.01
CA ILE D 401 -42.72 -7.20 17.91
C ILE D 401 -43.34 -7.88 16.73
N ARG D 402 -44.33 -7.25 16.08
CA ARG D 402 -45.06 -7.91 15.03
C ARG D 402 -44.37 -7.85 13.72
N LEU D 403 -44.43 -8.89 12.94
CA LEU D 403 -43.91 -8.84 11.60
C LEU D 403 -44.86 -8.00 10.81
N ARG D 404 -44.40 -7.31 9.79
CA ARG D 404 -45.21 -6.44 8.97
C ARG D 404 -46.04 -7.24 8.05
N PRO D 405 -47.04 -6.63 7.44
CA PRO D 405 -47.92 -7.36 6.56
C PRO D 405 -47.22 -8.07 5.44
N THR D 406 -46.23 -7.44 4.87
CA THR D 406 -45.53 -8.00 3.74
C THR D 406 -44.65 -9.16 4.16
N ALA D 407 -44.45 -9.31 5.44
CA ALA D 407 -43.67 -10.40 5.92
C ALA D 407 -44.49 -11.31 6.79
N TYR D 408 -45.78 -11.43 6.59
CA TYR D 408 -46.59 -12.19 7.54
C TYR D 408 -46.17 -13.61 7.77
N GLY D 409 -45.65 -14.30 6.78
CA GLY D 409 -45.33 -15.70 6.96
C GLY D 409 -43.91 -16.06 7.27
N ARG D 410 -43.06 -15.10 7.49
CA ARG D 410 -41.64 -15.36 7.68
C ARG D 410 -41.31 -16.02 9.00
N ASP D 411 -40.16 -16.66 9.11
CA ASP D 411 -39.73 -17.21 10.40
C ASP D 411 -39.14 -16.11 11.26
N VAL D 412 -39.55 -15.99 12.52
CA VAL D 412 -39.08 -14.93 13.40
C VAL D 412 -37.60 -14.91 13.73
N ARG D 413 -36.98 -16.06 13.87
CA ARG D 413 -35.60 -16.12 14.26
C ARG D 413 -34.63 -15.42 13.35
N SER D 414 -34.84 -15.50 12.05
CA SER D 414 -33.94 -14.90 11.08
C SER D 414 -33.75 -13.41 11.03
N ILE D 415 -34.78 -12.62 11.26
CA ILE D 415 -34.68 -11.18 11.09
C ILE D 415 -33.75 -10.31 11.92
N ILE D 416 -33.65 -10.49 13.24
CA ILE D 416 -32.81 -9.59 14.06
C ILE D 416 -31.85 -10.38 14.92
N SER D 417 -30.64 -9.88 15.18
CA SER D 417 -29.65 -10.60 15.98
C SER D 417 -28.67 -9.63 16.58
N GLN D 418 -27.97 -10.02 17.63
CA GLN D 418 -27.07 -9.14 18.29
C GLN D 418 -25.68 -9.48 17.94
N LEU D 419 -24.88 -8.49 17.59
CA LEU D 419 -23.53 -8.71 17.16
C LEU D 419 -22.72 -9.18 18.31
N PRO D 420 -21.89 -10.18 18.09
CA PRO D 420 -21.04 -10.67 19.14
C PRO D 420 -19.71 -9.94 19.25
N VAL D 421 -19.32 -9.54 20.46
CA VAL D 421 -18.10 -8.80 20.66
C VAL D 421 -17.36 -9.41 21.81
N THR D 422 -16.03 -9.39 21.78
CA THR D 422 -15.20 -9.96 22.82
C THR D 422 -14.03 -9.04 23.03
N ASP D 423 -13.46 -8.95 24.22
CA ASP D 423 -12.27 -8.14 24.40
C ASP D 423 -11.12 -9.07 24.52
N VAL D 424 -10.16 -8.94 23.62
CA VAL D 424 -9.03 -9.80 23.61
C VAL D 424 -7.96 -9.20 24.43
N THR D 425 -8.18 -8.01 24.92
CA THR D 425 -7.19 -7.31 25.68
C THR D 425 -7.54 -7.40 27.12
N ALA D 426 -8.33 -8.37 27.47
CA ALA D 426 -8.78 -8.50 28.81
C ALA D 426 -7.90 -9.38 29.65
N GLN D 427 -6.84 -9.91 29.07
CA GLN D 427 -5.95 -10.79 29.80
C GLN D 427 -4.71 -10.06 30.18
N ASN D 428 -4.66 -8.79 29.91
CA ASN D 428 -3.52 -7.99 30.25
C ASN D 428 -3.33 -8.02 31.74
N ILE D 429 -4.28 -8.51 32.48
CA ILE D 429 -4.18 -8.54 33.92
C ILE D 429 -3.10 -9.45 34.45
N GLN D 430 -2.90 -10.60 33.86
CA GLN D 430 -1.80 -11.47 34.26
C GLN D 430 -0.50 -10.81 34.01
N ASP D 431 -0.37 -10.12 32.91
CA ASP D 431 0.81 -9.34 32.63
C ASP D 431 1.05 -8.19 33.58
N VAL D 432 0.04 -7.50 34.03
CA VAL D 432 0.23 -6.48 35.01
C VAL D 432 0.84 -7.08 36.24
N GLN D 433 0.38 -8.21 36.68
CA GLN D 433 0.88 -8.77 37.89
C GLN D 433 2.28 -9.11 37.82
N VAL D 434 2.78 -9.57 36.70
CA VAL D 434 4.21 -9.82 36.60
C VAL D 434 5.07 -8.60 36.70
N VAL D 435 4.72 -7.54 36.01
CA VAL D 435 5.51 -6.33 36.00
C VAL D 435 5.54 -5.74 37.37
N GLU D 436 4.49 -5.81 38.12
CA GLU D 436 4.53 -5.32 39.46
C GLU D 436 5.48 -6.08 40.33
N ARG D 437 5.56 -7.38 40.22
CA ARG D 437 6.51 -8.14 40.98
C ARG D 437 7.89 -7.79 40.63
N ASN D 438 8.16 -7.58 39.38
CA ASN D 438 9.44 -7.14 38.94
C ASN D 438 9.79 -5.80 39.48
N MET D 439 8.85 -4.90 39.65
CA MET D 439 9.08 -3.61 40.28
C MET D 439 9.42 -3.64 41.72
N GLN D 440 8.87 -4.60 42.45
CA GLN D 440 9.21 -4.78 43.85
C GLN D 440 10.61 -5.24 43.98
N ARG D 441 11.12 -5.97 43.03
CA ARG D 441 12.49 -6.40 43.04
C ARG D 441 13.52 -5.33 42.84
N ILE D 442 13.34 -4.41 41.93
CA ILE D 442 14.31 -3.34 41.82
C ILE D 442 14.38 -2.46 43.03
N VAL D 443 13.26 -1.94 43.50
CA VAL D 443 13.22 -1.03 44.63
C VAL D 443 13.52 -1.70 45.91
N GLY D 444 13.00 -2.89 46.08
CA GLY D 444 13.19 -3.55 47.34
C GLY D 444 12.24 -3.15 48.42
N VAL D 445 11.12 -2.55 48.08
CA VAL D 445 10.11 -2.27 49.07
C VAL D 445 9.16 -3.41 48.93
N ASN D 446 9.18 -4.34 49.88
CA ASN D 446 8.35 -5.56 49.83
C ASN D 446 8.89 -6.38 48.71
N ASP D 447 9.97 -7.12 48.95
CA ASP D 447 10.63 -7.85 47.87
C ASP D 447 10.58 -9.37 47.97
N ASP D 448 10.36 -10.03 46.84
CA ASP D 448 10.30 -11.49 46.83
C ASP D 448 11.62 -12.15 47.21
N VAL D 449 12.74 -11.55 46.79
CA VAL D 449 14.07 -12.10 47.10
C VAL D 449 14.46 -11.97 48.54
N ALA D 450 15.36 -12.84 49.02
CA ALA D 450 15.87 -12.90 50.40
C ALA D 450 15.04 -13.88 51.06
N GLY D 451 13.91 -14.17 50.46
CA GLY D 451 12.98 -15.05 51.10
C GLY D 451 12.50 -16.06 50.17
N GLN D 452 12.14 -17.21 50.69
CA GLN D 452 11.75 -18.28 49.85
C GLN D 452 10.57 -17.76 49.06
N SER D 453 9.64 -17.06 49.70
CA SER D 453 8.58 -16.39 48.94
C SER D 453 7.96 -15.16 49.59
N SER D 454 8.02 -14.00 48.95
CA SER D 454 7.28 -12.84 49.47
C SER D 454 5.77 -12.90 49.32
N PRO D 455 5.28 -13.40 48.17
CA PRO D 455 3.83 -13.33 47.97
C PRO D 455 2.99 -14.57 48.25
N SER D 456 3.52 -15.58 48.93
CA SER D 456 2.69 -16.73 49.27
C SER D 456 1.54 -16.30 50.14
N SER D 457 0.38 -16.91 49.94
CA SER D 457 -0.79 -16.54 50.72
C SER D 457 -1.21 -17.66 51.66
N ARG D 458 -2.19 -17.44 52.55
CA ARG D 458 -2.52 -18.45 53.59
C ARG D 458 -1.28 -18.86 54.36
N ARG D 459 -0.45 -17.89 54.66
CA ARG D 459 0.79 -18.12 55.36
C ARG D 459 0.66 -18.47 56.82
N SER D 460 1.68 -19.13 57.37
CA SER D 460 1.63 -19.56 58.75
C SER D 460 2.15 -18.53 59.68
N ALA D 461 2.29 -18.88 60.96
CA ALA D 461 2.87 -17.96 61.93
C ALA D 461 4.30 -17.62 61.53
N THR D 462 4.91 -18.47 60.72
CA THR D 462 6.27 -18.27 60.28
C THR D 462 6.49 -17.40 59.05
N GLU D 463 5.63 -17.46 58.06
CA GLU D 463 5.74 -16.54 56.89
C GLU D 463 5.55 -15.12 57.30
N PHE D 464 4.64 -14.91 58.23
CA PHE D 464 4.38 -13.59 58.71
C PHE D 464 5.69 -13.13 59.26
N ARG D 465 6.43 -14.01 59.89
CA ARG D 465 7.73 -13.64 60.37
C ARG D 465 8.84 -13.92 59.37
N GLY D 466 8.55 -14.37 58.15
CA GLY D 466 9.67 -14.57 57.25
C GLY D 466 9.80 -13.69 56.06
N THR D 467 8.76 -13.47 55.27
CA THR D 467 8.92 -12.54 54.16
C THR D 467 9.16 -11.11 54.65
N THR D 468 8.46 -10.69 55.68
CA THR D 468 8.66 -9.35 56.23
C THR D 468 10.01 -9.13 56.86
N SER D 469 10.58 -10.13 57.53
CA SER D 469 11.90 -9.94 58.05
C SER D 469 12.78 -9.73 56.88
N PHE D 470 12.56 -10.53 55.86
CA PHE D 470 13.36 -10.42 54.66
C PHE D 470 13.14 -9.16 53.90
N ALA D 471 11.91 -8.71 53.75
CA ALA D 471 11.67 -7.54 52.89
C ALA D 471 12.29 -6.30 53.47
N SER D 472 12.21 -6.15 54.78
CA SER D 472 12.78 -5.02 55.44
C SER D 472 14.25 -4.95 55.25
N SER D 473 14.90 -6.06 54.99
CA SER D 473 16.33 -6.04 54.94
C SER D 473 16.98 -5.17 53.91
N ARG D 474 16.33 -4.95 52.80
CA ARG D 474 16.91 -4.12 51.80
C ARG D 474 16.69 -2.69 52.11
N LEU D 475 15.67 -2.38 52.87
CA LEU D 475 15.42 -1.05 53.32
C LEU D 475 16.32 -0.69 54.46
N ALA D 476 16.59 -1.61 55.35
CA ALA D 476 17.51 -1.36 56.44
C ALA D 476 18.90 -1.07 55.98
N ASN D 477 19.34 -1.71 54.93
CA ASN D 477 20.63 -1.44 54.34
C ASN D 477 20.67 -0.04 53.81
N LEU D 478 19.59 0.49 53.26
CA LEU D 478 19.62 1.88 52.84
C LEU D 478 19.79 2.73 54.03
N ALA D 479 19.11 2.43 55.10
CA ALA D 479 19.18 3.29 56.27
C ALA D 479 20.54 3.30 56.77
N TYR D 480 21.20 2.17 56.76
CA TYR D 480 22.50 2.12 57.32
C TYR D 480 23.40 3.02 56.54
N PHE D 481 23.27 3.06 55.23
CA PHE D 481 24.07 3.93 54.41
C PHE D 481 23.81 5.36 54.76
N PHE D 482 22.57 5.72 54.89
CA PHE D 482 22.22 7.08 55.18
C PHE D 482 22.79 7.45 56.52
N SER D 483 22.71 6.58 57.49
CA SER D 483 23.19 6.90 58.80
C SER D 483 24.64 7.18 58.90
N VAL D 484 25.46 6.35 58.28
CA VAL D 484 26.90 6.54 58.30
C VAL D 484 27.34 7.74 57.51
N THR D 485 26.80 7.90 56.31
CA THR D 485 27.20 9.00 55.45
C THR D 485 26.81 10.41 55.79
N GLY D 486 25.57 10.65 56.15
CA GLY D 486 25.16 12.01 56.34
C GLY D 486 24.56 12.40 57.65
N PHE D 487 23.89 11.49 58.29
CA PHE D 487 23.35 11.77 59.59
C PHE D 487 24.49 11.94 60.51
N ARG D 488 25.53 11.15 60.34
CA ARG D 488 26.66 11.20 61.23
C ARG D 488 27.32 12.51 61.13
N SER D 489 27.43 13.02 59.94
CA SER D 489 28.08 14.28 59.74
C SER D 489 27.34 15.34 60.47
N LEU D 490 26.03 15.35 60.37
CA LEU D 490 25.29 16.40 61.01
C LEU D 490 25.48 16.31 62.45
N ALA D 491 25.39 15.12 62.98
CA ALA D 491 25.43 14.97 64.39
C ALA D 491 26.71 15.38 65.01
N LYS D 492 27.80 15.04 64.38
CA LYS D 492 29.09 15.38 64.88
C LYS D 492 29.23 16.88 64.90
N SER D 493 28.72 17.55 63.88
CA SER D 493 28.79 19.01 63.79
C SER D 493 28.04 19.73 64.84
N LEU D 494 26.86 19.25 65.16
CA LEU D 494 26.09 19.84 66.22
C LEU D 494 26.82 19.70 67.50
N ILE D 495 27.44 18.56 67.72
CA ILE D 495 28.12 18.33 68.97
C ILE D 495 29.31 19.28 69.15
N VAL D 496 30.04 19.55 68.08
CA VAL D 496 31.15 20.45 68.22
C VAL D 496 30.71 21.83 68.59
N LYS D 497 29.68 22.33 67.94
CA LYS D 497 29.27 23.68 68.20
C LYS D 497 28.74 23.84 69.60
N THR D 498 27.98 22.89 70.09
CA THR D 498 27.38 23.05 71.40
C THR D 498 28.44 23.11 72.43
N GLN D 499 29.48 22.32 72.26
CA GLN D 499 30.61 22.36 73.16
C GLN D 499 31.44 23.61 73.12
N GLN D 500 31.69 24.15 71.94
CA GLN D 500 32.55 25.31 71.84
C GLN D 500 31.85 26.61 71.94
N LEU D 501 30.79 26.78 71.20
CA LEU D 501 30.11 28.05 71.16
C LEU D 501 29.33 28.51 72.40
N TYR D 502 28.65 27.63 73.10
CA TYR D 502 27.87 28.06 74.23
C TYR D 502 28.77 28.52 75.32
N THR D 503 28.40 29.56 76.02
CA THR D 503 29.16 29.99 77.18
C THR D 503 28.75 29.17 78.37
N VAL D 504 29.52 29.18 79.44
CA VAL D 504 29.19 28.35 80.57
C VAL D 504 27.85 28.78 81.13
N GLU D 505 27.60 30.07 81.17
CA GLU D 505 26.37 30.52 81.79
C GLU D 505 25.21 29.94 81.04
N MET D 506 25.27 29.98 79.72
CA MET D 506 24.20 29.47 78.92
C MET D 506 24.03 28.00 79.12
N LYS D 507 25.11 27.29 79.32
CA LYS D 507 25.04 25.86 79.54
C LYS D 507 24.26 25.52 80.80
N VAL D 508 24.40 26.28 81.88
CA VAL D 508 23.56 26.02 83.04
C VAL D 508 22.11 26.25 82.69
N LYS D 509 21.81 27.31 81.96
CA LYS D 509 20.43 27.60 81.65
C LYS D 509 19.77 26.56 80.79
N VAL D 510 20.43 26.09 79.74
CA VAL D 510 19.91 25.01 78.90
C VAL D 510 19.89 23.67 79.59
N ALA D 511 20.94 23.34 80.32
CA ALA D 511 21.05 22.02 80.94
C ALA D 511 20.70 21.78 82.38
N GLY D 512 20.62 22.82 83.18
CA GLY D 512 20.17 22.67 84.54
C GLY D 512 20.80 21.73 85.53
N ASP D 513 19.99 20.95 86.23
CA ASP D 513 20.50 20.09 87.29
C ASP D 513 21.26 18.90 86.78
N ASN D 514 21.20 18.64 85.50
CA ASN D 514 21.96 17.58 84.89
C ASN D 514 23.45 17.85 85.02
N ILE D 515 23.85 19.10 85.26
CA ILE D 515 25.25 19.43 85.46
C ILE D 515 25.59 19.28 86.89
N LYS D 516 26.08 18.11 87.27
CA LYS D 516 26.43 17.80 88.66
C LYS D 516 27.79 18.31 89.11
N GLY D 517 28.50 19.01 88.24
CA GLY D 517 29.76 19.57 88.66
C GLY D 517 30.59 20.06 87.50
N ALA D 518 31.85 20.33 87.75
CA ALA D 518 32.74 20.78 86.72
C ALA D 518 32.93 19.79 85.61
N GLN D 519 33.13 18.53 85.97
CA GLN D 519 33.39 17.51 84.97
C GLN D 519 32.32 17.39 83.97
N SER D 520 31.09 17.56 84.40
CA SER D 520 29.97 17.33 83.52
C SER D 520 29.95 18.21 82.31
N ILE D 521 30.34 19.46 82.46
CA ILE D 521 30.24 20.36 81.36
C ILE D 521 31.58 20.83 80.83
N ILE D 522 32.46 21.30 81.70
CA ILE D 522 33.72 21.88 81.23
C ILE D 522 34.54 20.93 80.40
N VAL D 523 35.18 21.45 79.39
CA VAL D 523 35.91 20.61 78.50
C VAL D 523 37.04 21.47 77.94
N LYS D 524 38.19 20.87 77.70
CA LYS D 524 39.32 21.57 77.12
C LYS D 524 39.17 21.60 75.62
N PRO D 525 39.79 22.60 74.93
CA PRO D 525 39.57 22.60 73.49
C PRO D 525 40.18 21.43 72.78
N GLU D 526 41.10 20.74 73.43
CA GLU D 526 41.76 19.61 72.80
C GLU D 526 40.75 18.55 72.52
N ASP D 527 39.87 18.31 73.47
CA ASP D 527 38.87 17.29 73.30
C ASP D 527 37.94 17.63 72.19
N ILE D 528 37.58 18.89 72.06
CA ILE D 528 36.63 19.25 71.05
C ILE D 528 37.23 18.96 69.70
N SER D 529 38.49 19.31 69.50
CA SER D 529 39.17 19.03 68.23
C SER D 529 39.42 17.56 67.94
N GLY D 530 39.81 16.79 68.92
CA GLY D 530 40.09 15.41 68.70
C GLY D 530 38.93 14.49 68.94
N GLN D 531 37.77 15.01 69.28
CA GLN D 531 36.59 14.19 69.44
C GLN D 531 36.71 13.03 70.39
N PHE D 532 37.20 13.27 71.59
CA PHE D 532 37.44 12.19 72.48
C PHE D 532 36.37 11.98 73.49
N ASP D 533 36.11 10.74 73.89
CA ASP D 533 35.19 10.38 74.98
C ASP D 533 33.74 10.15 74.75
N ILE D 534 33.18 10.56 73.63
CA ILE D 534 31.77 10.43 73.41
C ILE D 534 31.57 10.24 71.94
N MET D 535 30.59 9.44 71.59
CA MET D 535 30.34 9.17 70.22
C MET D 535 28.90 9.37 69.94
N PRO D 536 28.60 9.88 68.78
CA PRO D 536 27.22 10.01 68.40
C PRO D 536 26.50 8.70 68.13
N VAL D 537 25.22 8.57 68.47
CA VAL D 537 24.45 7.36 68.20
C VAL D 537 23.13 7.74 67.53
N ASP D 538 22.50 6.83 66.81
CA ASP D 538 21.30 7.12 66.04
C ASP D 538 20.22 6.09 66.14
N GLY D 539 19.21 6.23 65.33
CA GLY D 539 18.10 5.31 65.33
C GLY D 539 18.40 3.90 64.96
N THR D 540 19.30 3.65 64.06
CA THR D 540 19.53 2.31 63.60
C THR D 540 19.95 1.37 64.70
N LEU D 541 20.80 1.76 65.63
CA LEU D 541 21.12 0.90 66.76
C LEU D 541 21.01 1.69 68.00
N PRO D 542 19.82 1.84 68.54
CA PRO D 542 19.60 2.69 69.69
C PRO D 542 20.09 2.17 71.03
N VAL D 543 20.33 3.04 72.01
CA VAL D 543 20.74 2.61 73.34
C VAL D 543 19.55 2.56 74.29
N ASP D 544 19.42 1.53 75.11
CA ASP D 544 18.28 1.39 75.99
C ASP D 544 18.67 1.84 77.35
N ARG D 545 18.21 3.00 77.76
CA ARG D 545 18.49 3.51 79.07
C ARG D 545 17.82 2.72 80.17
N MET D 546 16.65 2.20 79.89
CA MET D 546 15.93 1.43 80.88
C MET D 546 16.64 0.18 81.32
N ALA D 547 17.23 -0.55 80.41
CA ALA D 547 17.97 -1.70 80.79
C ALA D 547 19.13 -1.31 81.62
N GLN D 548 19.77 -0.23 81.28
CA GLN D 548 20.95 0.13 82.01
C GLN D 548 20.57 0.38 83.42
N ALA D 549 19.44 1.02 83.65
CA ALA D 549 18.98 1.33 84.98
C ALA D 549 18.76 0.12 85.81
N GLN D 550 18.25 -0.93 85.19
CA GLN D 550 18.04 -2.16 85.90
C GLN D 550 19.32 -2.85 86.31
N PHE D 551 20.32 -2.86 85.46
CA PHE D 551 21.57 -3.45 85.87
C PHE D 551 22.15 -2.66 87.00
N TRP D 552 22.06 -1.35 86.94
CA TRP D 552 22.57 -0.52 88.01
C TRP D 552 21.88 -0.80 89.32
N MET D 553 20.60 -1.06 89.29
CA MET D 553 19.89 -1.38 90.50
C MET D 553 20.36 -2.68 91.11
N GLN D 554 20.65 -3.67 90.30
CA GLN D 554 21.21 -4.88 90.84
C GLN D 554 22.53 -4.57 91.48
N ILE D 555 23.31 -3.70 90.88
CA ILE D 555 24.60 -3.34 91.42
C ILE D 555 24.42 -2.71 92.75
N MET D 556 23.42 -1.86 92.86
CA MET D 556 23.17 -1.18 94.12
C MET D 556 22.81 -2.12 95.25
N SER D 557 22.01 -3.13 94.98
CA SER D 557 21.66 -4.08 96.00
C SER D 557 22.90 -4.80 96.50
N MET D 558 23.80 -5.15 95.60
CA MET D 558 25.04 -5.82 95.98
C MET D 558 25.93 -4.95 96.82
N VAL D 559 25.97 -3.67 96.54
CA VAL D 559 26.74 -2.75 97.35
C VAL D 559 26.21 -2.73 98.77
N ALA D 560 24.90 -2.79 98.94
CA ALA D 560 24.31 -2.74 100.26
C ALA D 560 24.68 -3.96 101.08
N GLY D 561 24.68 -5.15 100.50
CA GLY D 561 25.16 -6.33 101.19
C GLY D 561 26.67 -6.25 101.12
N ASN D 562 27.38 -7.15 101.76
CA ASN D 562 28.83 -7.14 101.65
C ASN D 562 29.36 -5.82 102.06
N PRO D 563 29.39 -5.55 103.37
CA PRO D 563 29.76 -4.21 103.82
C PRO D 563 31.09 -3.75 103.31
N VAL D 564 32.03 -4.63 103.02
CA VAL D 564 33.27 -4.16 102.45
C VAL D 564 33.04 -3.46 101.11
N LEU D 565 32.13 -3.95 100.29
CA LEU D 565 31.82 -3.31 99.02
C LEU D 565 31.29 -1.94 99.30
N GLY D 566 30.47 -1.82 100.32
CA GLY D 566 29.87 -0.55 100.66
C GLY D 566 30.88 0.51 101.01
N ALA D 567 31.96 0.12 101.66
CA ALA D 567 32.92 1.11 102.08
C ALA D 567 33.52 1.89 100.93
N GLU D 568 33.78 1.25 99.80
CA GLU D 568 34.46 1.94 98.71
C GLU D 568 33.61 2.54 97.60
N TYR D 569 32.31 2.56 97.75
CA TYR D 569 31.46 3.20 96.76
C TYR D 569 30.54 4.20 97.40
N ARG D 570 30.10 5.19 96.65
CA ARG D 570 29.13 6.15 97.17
C ARG D 570 27.74 5.74 96.79
N LEU D 571 26.99 5.18 97.71
CA LEU D 571 25.65 4.67 97.41
C LEU D 571 24.64 5.71 97.02
N GLY D 572 24.69 6.87 97.64
CA GLY D 572 23.68 7.83 97.35
C GLY D 572 23.74 8.19 95.90
N ASP D 573 24.94 8.39 95.40
CA ASP D 573 25.10 8.79 94.02
C ASP D 573 24.61 7.75 93.06
N ILE D 574 24.81 6.49 93.38
CA ILE D 574 24.32 5.45 92.52
C ILE D 574 22.80 5.53 92.45
N PHE D 575 22.16 5.81 93.58
CA PHE D 575 20.73 5.96 93.59
C PHE D 575 20.27 7.15 92.76
N SER D 576 20.93 8.28 92.89
CA SER D 576 20.57 9.42 92.10
C SER D 576 20.79 9.18 90.63
N TYR D 577 21.90 8.58 90.29
CA TYR D 577 22.17 8.34 88.91
C TYR D 577 21.17 7.40 88.31
N THR D 578 20.81 6.34 89.00
CA THR D 578 19.92 5.37 88.38
C THR D 578 18.60 5.98 88.11
N ALA D 579 18.13 6.80 89.04
CA ALA D 579 16.85 7.42 88.86
C ALA D 579 16.84 8.38 87.69
N ARG D 580 17.88 9.18 87.55
CA ARG D 580 17.90 10.12 86.46
C ARG D 580 17.93 9.41 85.13
N LEU D 581 18.68 8.33 85.04
CA LEU D 581 18.80 7.60 83.79
C LEU D 581 17.47 7.04 83.39
N ALA D 582 16.74 6.51 84.36
CA ALA D 582 15.42 5.96 84.09
C ALA D 582 14.47 7.00 83.63
N GLY D 583 14.72 8.26 83.96
CA GLY D 583 13.88 9.31 83.46
C GLY D 583 13.21 10.16 84.50
N LEU D 584 13.48 9.93 85.77
CA LEU D 584 12.78 10.70 86.77
C LEU D 584 13.08 12.16 86.61
N LYS D 585 14.32 12.60 86.80
CA LYS D 585 14.73 13.98 86.53
C LYS D 585 14.24 14.99 87.52
N GLY D 586 13.54 14.56 88.55
CA GLY D 586 13.14 15.47 89.58
C GLY D 586 13.67 14.98 90.90
N ILE D 587 14.55 14.00 90.89
CA ILE D 587 14.99 13.42 92.14
C ILE D 587 15.68 14.43 92.99
N ASP D 588 16.51 15.24 92.40
CA ASP D 588 17.28 16.19 93.16
C ASP D 588 16.43 17.18 93.89
N LYS D 589 15.34 17.60 93.28
CA LYS D 589 14.48 18.59 93.87
C LYS D 589 13.84 18.12 95.14
N MET D 590 13.73 16.81 95.31
CA MET D 590 13.11 16.25 96.50
C MET D 590 14.06 16.00 97.65
N LYS D 591 15.33 16.31 97.46
CA LYS D 591 16.30 16.15 98.53
C LYS D 591 16.11 17.26 99.49
N ILE D 592 16.63 17.11 100.69
CA ILE D 592 16.43 18.14 101.70
C ILE D 592 17.07 19.45 101.31
N ARG D 593 18.26 19.40 100.73
CA ARG D 593 18.86 20.63 100.24
C ARG D 593 18.79 20.65 98.74
N ILE D 594 18.29 21.74 98.18
CA ILE D 594 18.13 21.83 96.75
C ILE D 594 19.01 22.93 96.18
N LEU D 595 19.72 22.64 95.10
CA LEU D 595 20.58 23.62 94.46
C LEU D 595 19.94 24.41 93.35
N ASP D 596 19.95 25.73 93.44
CA ASP D 596 19.39 26.59 92.40
C ASP D 596 20.40 26.85 91.32
N ASP D 597 19.98 27.46 90.22
CA ASP D 597 20.90 27.68 89.10
C ASP D 597 22.08 28.54 89.48
N ASP D 598 21.85 29.57 90.28
CA ASP D 598 22.92 30.41 90.73
C ASP D 598 23.89 29.63 91.56
N GLN D 599 23.37 28.77 92.39
CA GLN D 599 24.22 27.95 93.21
C GLN D 599 25.07 27.00 92.39
N ILE D 600 24.51 26.42 91.34
CA ILE D 600 25.26 25.52 90.49
C ILE D 600 26.41 26.24 89.82
N LEU D 601 26.19 27.45 89.35
CA LEU D 601 27.23 28.19 88.64
C LEU D 601 28.39 28.41 89.56
N ALA D 602 28.09 28.74 90.80
CA ALA D 602 29.15 28.98 91.75
C ALA D 602 29.98 27.74 91.96
N LEU D 603 29.34 26.60 92.03
CA LEU D 603 30.06 25.36 92.18
C LEU D 603 30.95 25.08 91.00
N ILE D 604 30.44 25.32 89.80
CA ILE D 604 31.20 25.07 88.60
C ILE D 604 32.38 25.99 88.62
N LEU D 605 32.19 27.20 89.10
CA LEU D 605 33.27 28.18 89.08
C LEU D 605 34.40 27.66 89.92
N ALA D 606 34.08 26.90 90.95
CA ALA D 606 35.10 26.30 91.78
C ALA D 606 35.95 27.41 92.28
N MET E 1 -22.80 8.88 -25.66
CA MET E 1 -23.59 8.86 -26.88
C MET E 1 -24.69 9.90 -26.82
N ASP E 2 -25.35 10.16 -27.96
CA ASP E 2 -26.44 11.12 -28.02
C ASP E 2 -27.65 10.46 -28.66
N LYS E 3 -28.69 11.26 -28.88
CA LYS E 3 -29.95 10.73 -29.39
C LYS E 3 -29.78 10.17 -30.81
N ALA E 4 -29.06 10.87 -31.67
CA ALA E 4 -28.90 10.42 -33.04
C ALA E 4 -28.14 9.09 -33.10
N THR E 5 -27.03 9.00 -32.37
CA THR E 5 -26.27 7.75 -32.34
C THR E 5 -27.10 6.63 -31.72
N LEU E 6 -27.89 6.94 -30.70
CA LEU E 6 -28.75 5.94 -30.08
C LEU E 6 -29.75 5.39 -31.09
N VAL E 7 -30.41 6.27 -31.84
CA VAL E 7 -31.40 5.82 -32.82
C VAL E 7 -30.71 4.99 -33.91
N LYS E 8 -29.55 5.45 -34.38
CA LYS E 8 -28.84 4.71 -35.42
C LYS E 8 -28.45 3.32 -34.94
N THR E 9 -27.92 3.21 -33.72
CA THR E 9 -27.52 1.91 -33.20
C THR E 9 -28.71 1.00 -32.97
N ILE E 10 -29.83 1.55 -32.47
CA ILE E 10 -31.02 0.75 -32.26
C ILE E 10 -31.54 0.21 -33.59
N ALA E 11 -31.54 1.06 -34.63
CA ALA E 11 -31.98 0.59 -35.94
C ALA E 11 -31.03 -0.47 -36.49
N TYR E 12 -29.73 -0.29 -36.30
CA TYR E 12 -28.76 -1.24 -36.85
C TYR E 12 -28.88 -2.61 -36.18
N ARG E 13 -28.91 -2.63 -34.85
CA ARG E 13 -28.88 -3.89 -34.12
C ARG E 13 -30.22 -4.59 -34.06
N MET E 14 -31.27 -3.99 -34.60
CA MET E 14 -32.59 -4.60 -34.66
C MET E 14 -32.80 -5.40 -35.94
N GLY E 15 -31.79 -5.48 -36.80
CA GLY E 15 -31.90 -6.12 -38.08
C GLY E 15 -31.73 -5.19 -39.27
N ASN E 16 -30.97 -4.09 -39.12
CA ASN E 16 -30.78 -3.12 -40.18
C ASN E 16 -32.12 -2.57 -40.69
N VAL E 17 -33.03 -2.32 -39.76
CA VAL E 17 -34.32 -1.74 -40.10
C VAL E 17 -34.12 -0.29 -40.55
N LYS E 18 -34.87 0.12 -41.57
CA LYS E 18 -34.72 1.47 -42.11
C LYS E 18 -36.02 2.24 -42.19
N GLY E 19 -37.16 1.56 -42.31
CA GLY E 19 -38.42 2.27 -42.44
C GLY E 19 -38.82 3.04 -41.20
N GLN E 20 -38.67 2.41 -40.03
CA GLN E 20 -39.17 3.01 -38.80
C GLN E 20 -38.11 3.90 -38.17
N ASP E 21 -38.51 5.15 -37.90
CA ASP E 21 -37.62 6.07 -37.20
C ASP E 21 -38.36 6.80 -36.08
N THR E 22 -39.67 6.99 -36.23
CA THR E 22 -40.43 7.70 -35.20
C THR E 22 -40.80 6.77 -34.05
N ALA E 23 -41.15 5.51 -34.36
CA ALA E 23 -41.45 4.55 -33.31
C ALA E 23 -40.23 4.32 -32.42
N ILE E 24 -39.03 4.40 -33.00
CA ILE E 24 -37.82 4.23 -32.22
C ILE E 24 -37.71 5.36 -31.18
N ASP E 25 -37.99 6.60 -31.59
CA ASP E 25 -37.96 7.71 -30.64
C ASP E 25 -39.04 7.55 -29.57
N PHE E 26 -40.24 7.13 -29.98
CA PHE E 26 -41.32 6.95 -29.02
C PHE E 26 -40.96 5.92 -27.96
N GLU E 27 -40.47 4.76 -28.38
CA GLU E 27 -40.12 3.70 -27.46
C GLU E 27 -38.78 3.94 -26.76
N LEU E 28 -37.99 4.90 -27.23
CA LEU E 28 -36.82 5.35 -26.49
C LEU E 28 -37.18 6.29 -25.36
N ALA E 29 -38.18 7.14 -25.56
CA ALA E 29 -38.70 7.93 -24.44
C ALA E 29 -39.42 7.04 -23.44
N LEU E 30 -40.25 6.13 -23.93
CA LEU E 30 -40.98 5.23 -23.04
C LEU E 30 -40.03 4.33 -22.26
N SER E 31 -38.87 3.99 -22.84
CA SER E 31 -37.92 3.15 -22.12
C SER E 31 -37.37 3.88 -20.89
N ILE E 32 -37.02 5.16 -21.04
CA ILE E 32 -36.56 5.95 -19.90
C ILE E 32 -37.68 6.09 -18.88
N GLU E 33 -38.90 6.34 -19.36
CA GLU E 33 -40.03 6.46 -18.44
C GLU E 33 -40.24 5.18 -17.63
N ARG E 34 -40.09 4.03 -18.28
CA ARG E 34 -40.24 2.75 -17.58
C ARG E 34 -39.10 2.52 -16.59
N LEU E 35 -37.88 2.84 -16.98
CA LEU E 35 -36.74 2.61 -16.10
C LEU E 35 -36.80 3.49 -14.86
N GLU E 36 -37.34 4.70 -15.00
CA GLU E 36 -37.43 5.59 -13.84
C GLU E 36 -38.45 5.08 -12.82
N GLY E 37 -39.37 4.20 -13.26
CA GLY E 37 -40.40 3.71 -12.36
C GLY E 37 -39.99 2.53 -11.50
N GLN E 38 -38.84 1.93 -11.77
CA GLN E 38 -38.42 0.75 -11.04
C GLN E 38 -37.72 1.12 -9.74
N GLU E 39 -37.34 0.10 -8.97
CA GLU E 39 -36.86 0.33 -7.61
C GLU E 39 -35.45 0.91 -7.58
N PHE E 40 -34.60 0.51 -8.53
CA PHE E 40 -33.20 0.92 -8.50
C PHE E 40 -33.05 2.33 -9.08
N VAL E 41 -32.39 3.20 -8.31
CA VAL E 41 -32.15 4.59 -8.70
C VAL E 41 -30.65 4.79 -8.84
N PRO E 42 -30.15 5.16 -10.01
CA PRO E 42 -28.70 5.37 -10.16
C PRO E 42 -28.26 6.65 -9.46
N TRP E 43 -26.93 6.85 -9.46
CA TRP E 43 -26.37 8.02 -8.80
C TRP E 43 -26.61 9.30 -9.57
N PHE E 44 -26.81 9.23 -10.88
CA PHE E 44 -26.91 10.47 -11.66
C PHE E 44 -28.30 11.10 -11.58
N LEU E 45 -29.23 10.51 -10.84
CA LEU E 45 -30.53 11.12 -10.61
C LEU E 45 -30.58 11.91 -9.33
N LEU E 46 -29.47 12.02 -8.61
CA LEU E 46 -29.44 12.83 -7.40
C LEU E 46 -29.44 14.31 -7.76
N SER E 47 -30.29 15.06 -7.07
CA SER E 47 -30.47 16.48 -7.36
C SER E 47 -29.43 17.33 -6.64
N GLU E 48 -29.63 18.63 -6.63
CA GLU E 48 -28.80 19.56 -5.88
C GLU E 48 -29.57 20.05 -4.67
N ASN E 49 -28.93 20.88 -3.86
CA ASN E 49 -29.58 21.42 -2.67
C ASN E 49 -30.74 22.32 -3.07
N ASN E 50 -31.92 22.00 -2.54
CA ASN E 50 -33.14 22.75 -2.81
C ASN E 50 -33.72 23.23 -1.49
N PHE E 51 -34.19 24.48 -1.48
CA PHE E 51 -34.71 25.09 -0.27
C PHE E 51 -36.19 25.43 -0.45
N PHE E 52 -36.93 25.32 0.64
CA PHE E 52 -38.37 25.57 0.66
C PHE E 52 -38.68 26.59 1.75
N GLU E 53 -39.49 27.59 1.42
CA GLU E 53 -39.95 28.59 2.38
C GLU E 53 -41.44 28.36 2.64
N GLY E 54 -41.79 28.43 3.92
CA GLY E 54 -43.14 28.16 4.27
C GLY E 54 -43.74 29.07 5.28
N THR E 55 -45.05 29.26 5.18
CA THR E 55 -45.75 30.12 6.10
C THR E 55 -45.98 29.52 7.45
N ALA E 56 -46.20 30.39 8.43
CA ALA E 56 -46.43 29.95 9.77
C ALA E 56 -47.74 29.25 9.87
N GLN E 57 -47.84 28.24 10.73
CA GLN E 57 -49.07 27.50 10.96
C GLN E 57 -49.39 26.39 10.01
N GLU E 58 -48.56 26.16 9.01
CA GLU E 58 -48.77 25.02 8.13
C GLU E 58 -47.64 24.09 8.39
N ASN E 59 -47.93 22.89 8.86
CA ASN E 59 -46.92 21.91 9.08
C ASN E 59 -46.65 21.11 7.82
N ARG E 60 -47.56 21.14 6.86
CA ARG E 60 -47.40 20.33 5.68
C ARG E 60 -46.59 20.99 4.61
N ILE E 61 -45.56 20.33 4.13
CA ILE E 61 -44.68 20.87 3.12
C ILE E 61 -44.82 19.98 1.96
N PRO E 62 -45.17 20.52 0.80
CA PRO E 62 -45.39 19.56 -0.27
C PRO E 62 -44.14 18.89 -0.75
N VAL E 63 -44.25 17.71 -1.31
CA VAL E 63 -43.09 16.97 -1.81
C VAL E 63 -42.54 17.65 -3.04
N PRO E 64 -41.24 17.57 -3.27
CA PRO E 64 -40.63 18.26 -4.39
C PRO E 64 -41.16 17.69 -5.66
N ARG E 65 -41.02 18.36 -6.80
CA ARG E 65 -41.69 17.88 -8.00
C ARG E 65 -41.44 16.49 -8.52
N GLY E 66 -40.21 16.04 -8.63
CA GLY E 66 -39.97 14.75 -9.22
C GLY E 66 -39.55 13.74 -8.22
N PHE E 67 -39.91 13.93 -6.95
CA PHE E 67 -39.39 13.08 -5.91
C PHE E 67 -39.57 11.63 -6.18
N ILE E 68 -38.51 10.85 -6.01
CA ILE E 68 -38.63 9.43 -6.13
C ILE E 68 -38.35 8.94 -4.75
N ARG E 69 -37.26 9.37 -4.14
CA ARG E 69 -36.87 8.90 -2.81
C ARG E 69 -36.10 10.01 -2.12
N GLU E 70 -35.76 9.76 -0.86
CA GLU E 70 -34.94 10.67 -0.08
C GLU E 70 -33.53 10.11 0.00
N TYR E 71 -32.54 10.98 -0.25
CA TYR E 71 -31.15 10.55 -0.22
C TYR E 71 -30.78 10.04 1.16
N GLU E 72 -30.31 8.79 1.22
CA GLU E 72 -30.01 8.15 2.50
C GLU E 72 -28.89 8.89 3.23
N GLU E 73 -27.76 9.13 2.60
CA GLU E 73 -26.72 9.86 3.25
C GLU E 73 -26.98 11.32 3.08
N GLY E 74 -28.21 11.74 3.39
CA GLY E 74 -28.64 13.12 3.20
C GLY E 74 -29.58 13.39 4.35
N SER E 75 -30.08 14.60 4.50
CA SER E 75 -31.00 14.95 5.58
C SER E 75 -31.83 16.17 5.28
N LEU E 76 -32.87 16.44 6.07
CA LEU E 76 -33.63 17.68 5.88
C LEU E 76 -33.07 18.60 6.89
N TYR E 77 -32.62 19.77 6.48
CA TYR E 77 -31.91 20.67 7.38
C TYR E 77 -32.64 21.95 7.54
N LEU E 78 -32.83 22.42 8.75
CA LEU E 78 -33.44 23.71 8.93
C LEU E 78 -32.37 24.75 8.87
N ARG E 79 -32.53 25.76 8.04
CA ARG E 79 -31.55 26.84 8.04
C ARG E 79 -32.11 28.03 8.73
N ARG E 80 -31.52 28.38 9.86
CA ARG E 80 -32.03 29.49 10.60
C ARG E 80 -31.56 30.73 9.92
N VAL E 81 -32.09 31.87 10.29
CA VAL E 81 -31.75 33.10 9.59
C VAL E 81 -30.27 33.43 9.66
N ALA E 82 -29.63 33.14 10.77
CA ALA E 82 -28.24 33.46 10.97
C ALA E 82 -27.31 32.62 10.14
N GLY E 83 -27.83 31.60 9.49
CA GLY E 83 -27.01 30.71 8.69
C GLY E 83 -26.74 29.38 9.37
N THR E 84 -27.02 29.27 10.66
CA THR E 84 -26.86 28.02 11.38
C THR E 84 -28.00 27.07 11.09
N GLY E 85 -27.83 25.80 11.41
CA GLY E 85 -28.91 24.85 11.22
C GLY E 85 -28.90 23.58 12.04
N LYS E 86 -29.99 22.82 11.97
CA LYS E 86 -30.10 21.59 12.72
C LYS E 86 -30.68 20.62 11.74
N CYS E 87 -30.45 19.33 11.94
CA CYS E 87 -30.98 18.32 11.07
C CYS E 87 -32.21 17.70 11.64
N LEU E 88 -33.34 17.79 10.94
CA LEU E 88 -34.60 17.27 11.43
C LEU E 88 -34.63 15.74 11.41
N ILE E 89 -35.36 15.08 12.31
CA ILE E 89 -35.34 13.61 12.42
C ILE E 89 -36.64 12.91 12.03
N LYS E 90 -36.58 11.85 11.24
CA LYS E 90 -37.78 11.21 10.73
C LYS E 90 -38.33 10.14 11.59
N LYS E 91 -39.61 10.16 11.84
CA LYS E 91 -40.27 9.20 12.68
C LYS E 91 -41.59 8.93 12.02
N SER E 92 -42.33 7.92 12.44
CA SER E 92 -43.65 7.65 11.90
C SER E 92 -44.66 8.53 12.54
N GLN E 93 -45.80 8.76 11.91
CA GLN E 93 -46.76 9.71 12.43
C GLN E 93 -47.37 9.41 13.76
N ASP E 94 -47.64 8.17 14.02
CA ASP E 94 -48.15 7.77 15.29
C ASP E 94 -47.18 8.24 16.30
N GLN E 95 -45.90 8.07 16.04
CA GLN E 95 -44.90 8.41 17.03
C GLN E 95 -44.78 9.88 17.30
N LEU E 96 -45.32 10.72 16.44
CA LEU E 96 -45.15 12.16 16.56
C LEU E 96 -46.38 12.88 16.95
N LEU E 97 -47.30 12.23 17.62
CA LEU E 97 -48.47 12.95 18.08
C LEU E 97 -48.38 13.55 19.48
N LYS E 98 -47.37 13.18 20.23
CA LYS E 98 -47.16 13.74 21.55
C LYS E 98 -46.92 15.19 21.38
N TYR E 99 -46.22 15.55 20.34
CA TYR E 99 -45.80 16.91 20.14
C TYR E 99 -46.84 17.93 19.81
N GLU E 100 -48.07 17.54 19.52
CA GLU E 100 -49.01 18.56 19.09
C GLU E 100 -49.15 19.57 20.17
N GLY E 101 -48.88 20.82 19.85
CA GLY E 101 -48.98 21.89 20.82
C GLY E 101 -47.76 22.23 21.67
N MET E 102 -46.75 21.37 21.71
CA MET E 102 -45.55 21.70 22.45
C MET E 102 -45.00 22.71 21.53
N THR E 103 -44.32 23.73 22.02
CA THR E 103 -43.91 24.80 21.13
C THR E 103 -42.43 25.09 20.95
N GLY E 104 -42.03 25.45 19.73
CA GLY E 104 -40.62 25.70 19.46
C GLY E 104 -40.20 25.60 18.00
N GLU E 105 -38.90 25.45 17.76
CA GLU E 105 -38.42 25.28 16.42
C GLU E 105 -38.78 23.89 16.04
N PRO E 106 -38.91 23.65 14.75
CA PRO E 106 -39.21 22.32 14.30
C PRO E 106 -38.12 21.34 14.63
N SER E 107 -38.44 20.13 15.08
CA SER E 107 -37.40 19.14 15.30
C SER E 107 -37.53 17.74 14.67
N HIS E 108 -38.69 17.35 14.17
CA HIS E 108 -38.91 16.01 13.66
C HIS E 108 -39.80 16.04 12.46
N TYR E 109 -39.91 14.95 11.72
CA TYR E 109 -40.82 14.90 10.59
C TYR E 109 -41.38 13.59 10.19
N SER E 110 -42.43 13.58 9.40
CA SER E 110 -42.96 12.33 8.87
C SER E 110 -43.32 12.48 7.41
N LEU E 111 -43.18 11.45 6.61
CA LEU E 111 -43.64 11.53 5.23
C LEU E 111 -44.86 10.72 5.05
N THR E 112 -45.95 11.32 4.68
CA THR E 112 -47.16 10.61 4.51
C THR E 112 -47.64 10.90 3.09
N ASN E 113 -47.37 10.02 2.13
CA ASN E 113 -47.76 10.23 0.73
C ASN E 113 -47.15 11.44 0.13
N GLN E 114 -47.93 12.50 -0.02
CA GLN E 114 -47.45 13.68 -0.68
C GLN E 114 -47.01 14.79 0.18
N TYR E 115 -46.89 14.59 1.49
CA TYR E 115 -46.58 15.69 2.36
C TYR E 115 -45.56 15.51 3.45
N PHE E 116 -44.58 16.39 3.57
CA PHE E 116 -43.69 16.36 4.72
C PHE E 116 -44.34 17.17 5.84
N ARG E 117 -44.35 16.61 7.04
CA ARG E 117 -45.01 17.24 8.18
C ARG E 117 -43.99 17.61 9.24
N ILE E 118 -44.02 18.85 9.68
CA ILE E 118 -43.19 19.34 10.78
C ILE E 118 -44.10 19.48 11.99
N TYR E 119 -44.00 18.53 12.92
CA TYR E 119 -44.99 18.41 13.99
C TYR E 119 -44.80 19.45 15.09
N PRO E 120 -43.56 19.80 15.48
CA PRO E 120 -43.44 21.00 16.33
C PRO E 120 -43.78 22.25 15.53
N VAL E 121 -45.09 22.44 15.35
CA VAL E 121 -45.66 23.43 14.43
C VAL E 121 -45.01 24.79 14.60
N PRO E 122 -44.30 25.28 13.59
CA PRO E 122 -43.65 26.60 13.70
C PRO E 122 -44.68 27.70 13.84
N GLN E 123 -44.34 28.72 14.64
CA GLN E 123 -45.16 29.91 14.78
C GLN E 123 -44.60 31.08 13.98
N GLU E 124 -43.65 30.82 13.08
CA GLU E 124 -43.01 31.86 12.28
C GLU E 124 -42.48 31.21 11.02
N ASP E 125 -42.28 32.03 9.99
CA ASP E 125 -41.79 31.51 8.72
C ASP E 125 -40.44 30.83 8.88
N PHE E 126 -40.25 29.74 8.15
CA PHE E 126 -39.05 28.91 8.26
C PHE E 126 -38.47 28.65 6.88
N LYS E 127 -37.44 27.80 6.84
CA LYS E 127 -36.74 27.46 5.60
C LYS E 127 -35.99 26.16 5.82
N VAL E 128 -36.18 25.20 4.91
CA VAL E 128 -35.55 23.90 5.00
C VAL E 128 -34.87 23.57 3.68
N GLU E 129 -33.91 22.65 3.75
CA GLU E 129 -33.17 22.18 2.58
C GLU E 129 -33.18 20.67 2.54
N LEU E 130 -33.06 20.11 1.34
CA LEU E 130 -33.14 18.66 1.17
C LEU E 130 -32.38 18.24 -0.08
N LEU E 131 -31.80 17.04 -0.02
CA LEU E 131 -31.23 16.35 -1.16
C LEU E 131 -32.04 15.09 -1.41
N PHE E 132 -32.44 14.87 -2.66
CA PHE E 132 -33.32 13.76 -2.98
C PHE E 132 -33.12 13.34 -4.43
N TYR E 133 -33.70 12.21 -4.81
CA TYR E 133 -33.59 11.69 -6.14
C TYR E 133 -34.73 12.24 -6.95
N ARG E 134 -34.59 12.42 -8.25
CA ARG E 134 -35.60 13.10 -9.07
C ARG E 134 -35.76 12.41 -10.37
N LYS E 135 -36.86 12.61 -11.06
CA LYS E 135 -37.01 12.07 -12.38
C LYS E 135 -36.19 12.94 -13.25
N SER E 136 -35.60 12.42 -14.31
CA SER E 136 -34.67 13.19 -15.11
C SER E 136 -35.26 14.36 -15.79
N SER E 137 -36.48 14.24 -16.25
CA SER E 137 -37.06 15.31 -17.01
C SER E 137 -37.09 16.54 -16.22
N THR E 138 -36.96 16.41 -14.91
CA THR E 138 -37.00 17.57 -14.04
C THR E 138 -35.63 18.02 -13.57
N LEU E 139 -34.56 17.33 -13.97
CA LEU E 139 -33.22 17.75 -13.58
C LEU E 139 -32.81 19.02 -14.31
N ASN E 140 -31.90 19.75 -13.71
CA ASN E 140 -31.43 20.98 -14.30
C ASN E 140 -30.08 20.73 -14.88
N VAL E 141 -30.00 19.83 -15.83
CA VAL E 141 -28.74 19.46 -16.42
C VAL E 141 -28.90 19.60 -17.93
N GLU E 142 -27.81 19.74 -18.67
CA GLU E 142 -27.90 19.91 -20.11
C GLU E 142 -28.45 18.77 -20.97
N ASP E 143 -28.00 17.54 -20.73
CA ASP E 143 -28.45 16.41 -21.52
C ASP E 143 -28.90 15.31 -20.62
N ASN E 144 -29.75 14.43 -21.11
CA ASN E 144 -30.28 13.43 -20.23
C ASN E 144 -29.12 12.66 -19.73
N PRO E 145 -29.11 12.44 -18.45
CA PRO E 145 -27.98 11.76 -17.88
C PRO E 145 -27.91 10.37 -18.41
N TRP E 146 -29.05 9.77 -18.68
CA TRP E 146 -29.11 8.40 -19.08
C TRP E 146 -28.36 8.19 -20.34
N TYR E 147 -28.41 9.13 -21.25
CA TYR E 147 -27.79 8.94 -22.53
C TYR E 147 -26.32 8.76 -22.37
N GLU E 148 -25.69 9.56 -21.54
CA GLU E 148 -24.28 9.44 -21.29
C GLU E 148 -23.84 8.24 -20.54
N TYR E 149 -24.52 7.88 -19.50
CA TYR E 149 -24.03 6.84 -18.64
C TYR E 149 -24.55 5.45 -18.73
N ALA E 150 -25.73 5.26 -19.29
CA ALA E 150 -26.33 3.95 -19.31
C ALA E 150 -26.82 3.63 -20.67
N ALA E 151 -26.07 3.98 -21.68
CA ALA E 151 -26.57 3.82 -23.04
C ALA E 151 -26.90 2.44 -23.49
N GLU E 152 -26.11 1.47 -23.18
CA GLU E 152 -26.45 0.13 -23.55
C GLU E 152 -27.70 -0.40 -22.92
N LEU E 153 -27.96 -0.09 -21.68
CA LEU E 153 -29.16 -0.55 -21.08
C LEU E 153 -30.27 -0.03 -21.91
N LEU E 154 -30.18 1.21 -22.35
CA LEU E 154 -31.25 1.81 -23.09
C LEU E 154 -31.51 1.15 -24.41
N VAL E 155 -30.48 0.78 -25.13
CA VAL E 155 -30.66 0.20 -26.43
C VAL E 155 -31.39 -1.10 -26.34
N ALA E 156 -31.00 -1.96 -25.43
CA ALA E 156 -31.62 -3.25 -25.34
C ALA E 156 -33.04 -3.14 -24.99
N GLU E 157 -33.35 -2.28 -24.07
CA GLU E 157 -34.70 -2.18 -23.64
C GLU E 157 -35.54 -1.73 -24.80
N THR E 158 -35.08 -0.79 -25.60
CA THR E 158 -35.89 -0.31 -26.67
C THR E 158 -36.15 -1.41 -27.63
N ILE E 159 -35.15 -2.21 -27.92
CA ILE E 159 -35.30 -3.28 -28.92
C ILE E 159 -36.32 -4.29 -28.49
N TRP E 160 -36.39 -4.60 -27.22
CA TRP E 160 -37.36 -5.54 -26.74
C TRP E 160 -38.69 -5.04 -27.04
N ALA E 161 -38.95 -3.79 -26.78
CA ALA E 161 -40.29 -3.32 -26.97
C ALA E 161 -40.71 -3.42 -28.37
N MET E 162 -39.85 -2.99 -29.27
CA MET E 162 -40.19 -2.98 -30.66
C MET E 162 -40.40 -4.36 -31.20
N LEU E 163 -39.52 -5.27 -30.84
CA LEU E 163 -39.65 -6.64 -31.27
C LEU E 163 -40.85 -7.32 -30.70
N SER E 164 -41.20 -7.04 -29.48
CA SER E 164 -42.30 -7.73 -28.85
C SER E 164 -43.56 -7.44 -29.60
N ALA E 165 -43.67 -6.27 -30.19
CA ALA E 165 -44.81 -6.05 -31.02
C ALA E 165 -44.83 -6.79 -32.33
N ARG E 166 -43.69 -7.17 -32.84
CA ARG E 166 -43.62 -7.84 -34.10
C ARG E 166 -43.64 -9.28 -33.83
N ARG E 167 -43.65 -9.63 -32.57
CA ARG E 167 -43.62 -11.01 -32.14
C ARG E 167 -42.42 -11.87 -32.51
N ASP E 168 -41.22 -11.31 -32.53
CA ASP E 168 -40.05 -12.15 -32.75
C ASP E 168 -39.74 -12.72 -31.42
N LYS E 169 -39.03 -13.83 -31.40
CA LYS E 169 -38.67 -14.46 -30.17
C LYS E 169 -37.35 -13.98 -29.76
N MET E 170 -36.75 -13.12 -30.54
CA MET E 170 -35.50 -12.55 -30.14
C MET E 170 -35.67 -11.72 -28.88
N ALA E 171 -36.76 -11.01 -28.69
CA ALA E 171 -36.98 -10.29 -27.45
C ALA E 171 -36.39 -10.84 -26.13
N ASP E 172 -36.85 -11.96 -25.58
CA ASP E 172 -36.28 -12.55 -24.38
C ASP E 172 -34.78 -12.40 -24.34
N TYR E 173 -34.10 -12.59 -25.47
CA TYR E 173 -32.66 -12.41 -25.53
C TYR E 173 -32.26 -10.99 -25.14
N TRP E 174 -32.94 -10.00 -25.71
CA TRP E 174 -32.60 -8.62 -25.40
C TRP E 174 -33.01 -8.22 -23.99
N LYS E 175 -34.08 -8.80 -23.44
CA LYS E 175 -34.41 -8.56 -22.04
C LYS E 175 -33.33 -9.12 -21.11
N SER E 176 -32.80 -10.30 -21.44
CA SER E 176 -31.69 -10.84 -20.66
C SER E 176 -30.47 -9.93 -20.75
N VAL E 177 -30.20 -9.41 -21.95
CA VAL E 177 -29.08 -8.47 -22.11
C VAL E 177 -29.28 -7.24 -21.23
N ALA E 178 -30.48 -6.68 -21.24
CA ALA E 178 -30.77 -5.50 -20.43
C ALA E 178 -30.63 -5.81 -18.94
N ALA E 179 -31.09 -6.99 -18.52
CA ALA E 179 -30.95 -7.38 -17.12
C ALA E 179 -29.48 -7.47 -16.72
N ASP E 180 -28.64 -8.04 -17.59
CA ASP E 180 -27.21 -8.11 -17.30
C ASP E 180 -26.61 -6.71 -17.21
N GLN E 181 -27.01 -5.82 -18.10
CA GLN E 181 -26.48 -4.46 -18.07
C GLN E 181 -26.86 -3.75 -16.78
N MET E 182 -28.11 -3.91 -16.33
CA MET E 182 -28.53 -3.29 -15.07
C MET E 182 -27.80 -3.90 -13.88
N ARG E 183 -27.56 -5.22 -13.93
CA ARG E 183 -26.80 -5.87 -12.87
C ARG E 183 -25.40 -5.29 -12.76
N ARG E 184 -24.74 -5.08 -13.91
CA ARG E 184 -23.42 -4.48 -13.89
C ARG E 184 -23.46 -3.03 -13.42
N LEU E 185 -24.52 -2.29 -13.81
CA LEU E 185 -24.63 -0.90 -13.38
C LEU E 185 -24.77 -0.78 -11.87
N THR E 186 -25.50 -1.71 -11.25
CA THR E 186 -25.63 -1.68 -9.80
C THR E 186 -24.27 -1.84 -9.11
N ILE E 187 -23.40 -2.68 -9.63
CA ILE E 187 -22.15 -2.84 -8.93
C ILE E 187 -21.31 -1.60 -8.97
N LEU E 188 -21.32 -0.89 -10.07
CA LEU E 188 -20.52 0.31 -10.17
C LEU E 188 -20.97 1.32 -9.21
N ASP E 189 -22.26 1.40 -8.95
CA ASP E 189 -22.72 2.43 -8.10
C ASP E 189 -22.11 2.26 -6.77
N ALA E 190 -22.04 1.05 -6.28
CA ALA E 190 -21.43 0.80 -5.01
C ALA E 190 -19.99 1.11 -5.01
N GLU E 191 -19.29 0.70 -6.02
CA GLU E 191 -17.88 0.92 -6.08
C GLU E 191 -17.56 2.36 -6.10
N ARG E 192 -18.32 3.13 -6.83
CA ARG E 192 -18.06 4.53 -6.95
C ARG E 192 -18.22 5.14 -5.64
N ARG E 193 -19.24 4.71 -4.94
CA ARG E 193 -19.54 5.27 -3.66
C ARG E 193 -18.58 4.81 -2.62
N LEU E 194 -18.29 3.52 -2.59
CA LEU E 194 -17.46 3.07 -1.48
C LEU E 194 -15.98 3.36 -1.66
N ALA E 195 -15.58 4.02 -2.73
CA ALA E 195 -14.16 4.23 -3.00
C ALA E 195 -13.57 5.22 -1.99
N ASN E 196 -12.34 4.92 -1.55
CA ASN E 196 -11.58 5.80 -0.66
C ASN E 196 -12.32 6.09 0.64
N GLN E 197 -13.02 5.10 1.18
CA GLN E 197 -13.76 5.25 2.43
C GLN E 197 -13.31 4.18 3.42
N GLU E 198 -13.01 4.60 4.65
CA GLU E 198 -12.56 3.70 5.71
C GLU E 198 -13.61 3.67 6.80
N ILE E 199 -13.94 2.46 7.27
CA ILE E 199 -15.01 2.25 8.23
C ILE E 199 -14.39 1.77 9.54
N PHE E 200 -14.76 2.45 10.64
CA PHE E 200 -14.32 2.08 11.97
C PHE E 200 -15.55 1.76 12.81
N MET E 201 -15.49 0.65 13.55
CA MET E 201 -16.59 0.29 14.43
C MET E 201 -16.66 1.25 15.60
N GLY E 202 -17.84 1.81 15.85
CA GLY E 202 -18.02 2.77 16.91
C GLY E 202 -17.50 4.15 16.58
N TYR F 202 -14.15 21.84 -14.56
CA TYR F 202 -13.61 23.12 -14.96
C TYR F 202 -12.10 23.11 -14.95
N ASP F 203 -11.53 23.56 -13.84
CA ASP F 203 -10.09 23.71 -13.78
C ASP F 203 -9.25 22.55 -13.35
N TRP F 204 -9.07 21.57 -14.20
CA TRP F 204 -8.17 20.51 -13.85
C TRP F 204 -7.06 20.56 -14.86
N GLY F 205 -5.83 20.36 -14.44
CA GLY F 205 -4.68 20.42 -15.32
C GLY F 205 -3.88 19.17 -15.07
N ARG F 206 -2.94 18.84 -15.93
CA ARG F 206 -2.20 17.57 -15.83
C ARG F 206 -0.70 17.81 -15.74
N PRO F 207 0.06 16.82 -15.23
CA PRO F 207 1.50 16.97 -15.06
C PRO F 207 2.32 16.55 -16.27
N VAL F 208 3.40 17.27 -16.56
CA VAL F 208 4.25 16.94 -17.70
C VAL F 208 5.03 15.66 -17.47
N LYS F 209 5.27 14.89 -18.51
CA LYS F 209 5.87 13.58 -18.36
C LYS F 209 7.32 13.47 -18.04
N PRO F 210 7.71 12.33 -17.43
CA PRO F 210 9.08 12.21 -16.99
C PRO F 210 9.94 12.21 -18.21
N VAL F 211 10.89 13.15 -18.31
CA VAL F 211 11.69 13.27 -19.51
C VAL F 211 12.68 12.14 -19.84
N GLY F 212 13.45 11.67 -18.85
CA GLY F 212 14.38 10.56 -19.10
C GLY F 212 13.53 9.34 -19.39
N SER F 213 13.83 8.59 -20.45
CA SER F 213 12.95 7.48 -20.78
C SER F 213 13.48 6.09 -21.04
N ASP F 214 14.79 5.88 -21.10
CA ASP F 214 15.23 4.52 -21.42
C ASP F 214 16.12 3.69 -20.55
N TRP F 215 15.70 2.47 -20.31
CA TRP F 215 16.44 1.54 -19.54
C TRP F 215 17.43 0.91 -20.45
N SER F 216 18.49 0.35 -19.93
CA SER F 216 19.52 -0.27 -20.72
C SER F 216 19.56 -1.72 -20.46
N THR F 217 20.72 -2.34 -20.61
CA THR F 217 20.76 -3.78 -20.48
C THR F 217 21.97 -4.39 -19.83
N ASP F 218 21.80 -5.62 -19.37
CA ASP F 218 22.92 -6.36 -18.83
C ASP F 218 23.25 -7.33 -19.96
N THR F 219 24.45 -7.26 -20.53
CA THR F 219 24.82 -8.09 -21.68
C THR F 219 25.08 -9.56 -21.39
N PRO F 220 24.98 -10.43 -22.43
CA PRO F 220 25.14 -11.87 -22.14
C PRO F 220 26.52 -12.30 -21.67
N MET G 1 -3.39 -31.38 -92.59
CA MET G 1 -2.50 -32.29 -91.88
C MET G 1 -1.07 -32.22 -92.40
N ALA G 2 -0.58 -30.97 -92.49
CA ALA G 2 0.77 -30.71 -92.94
C ALA G 2 1.63 -30.41 -91.72
N LEU G 3 1.47 -31.21 -90.68
CA LEU G 3 2.18 -30.96 -89.46
C LEU G 3 2.77 -32.28 -89.14
N GLU G 4 3.54 -32.33 -88.07
CA GLU G 4 4.13 -33.55 -87.68
C GLU G 4 2.99 -34.47 -87.46
N THR G 5 3.10 -35.68 -87.99
CA THR G 5 2.06 -36.64 -87.78
C THR G 5 2.08 -36.86 -86.31
N TRP G 6 0.93 -36.80 -85.68
CA TRP G 6 0.92 -36.90 -84.25
C TRP G 6 -0.22 -37.73 -83.79
N ASP G 7 -0.08 -38.28 -82.60
CA ASP G 7 -1.10 -39.16 -82.09
C ASP G 7 -1.25 -38.86 -80.64
N ALA G 8 -2.23 -39.45 -79.97
CA ALA G 8 -2.50 -39.11 -78.58
C ALA G 8 -1.35 -39.39 -77.63
N ASN G 9 -0.62 -40.49 -77.84
CA ASN G 9 0.44 -40.89 -76.90
C ASN G 9 1.87 -40.60 -77.30
N SER G 10 2.04 -39.70 -78.25
CA SER G 10 3.37 -39.36 -78.73
C SER G 10 4.29 -38.62 -77.79
N THR G 11 5.58 -38.93 -77.87
CA THR G 11 6.57 -38.29 -77.03
C THR G 11 7.06 -37.01 -77.69
N PRO G 12 7.84 -36.18 -76.99
CA PRO G 12 8.41 -35.01 -77.64
C PRO G 12 9.40 -35.33 -78.77
N ALA G 13 9.84 -36.57 -78.88
CA ALA G 13 10.78 -36.94 -79.92
C ALA G 13 10.09 -36.67 -81.23
N THR G 14 8.78 -36.90 -81.29
CA THR G 14 8.01 -36.73 -82.52
C THR G 14 8.01 -35.32 -83.07
N LEU G 15 8.02 -34.31 -82.21
CA LEU G 15 7.95 -32.94 -82.64
C LEU G 15 9.09 -32.54 -83.58
N ASN G 16 8.78 -31.72 -84.58
CA ASN G 16 9.80 -31.27 -85.51
C ASN G 16 9.96 -29.77 -85.37
N THR G 17 11.19 -29.29 -85.41
CA THR G 17 11.44 -27.86 -85.26
C THR G 17 10.95 -26.89 -86.33
N ALA G 18 11.09 -27.22 -87.60
CA ALA G 18 10.76 -26.23 -88.63
C ALA G 18 9.43 -26.25 -89.30
N TRP G 19 8.58 -27.22 -88.99
CA TRP G 19 7.31 -27.35 -89.72
C TRP G 19 6.30 -26.22 -89.64
N PRO G 20 6.22 -25.53 -88.51
CA PRO G 20 5.29 -24.41 -88.57
C PRO G 20 6.03 -23.33 -89.29
N GLU G 21 6.02 -23.33 -90.63
CA GLU G 21 6.65 -22.29 -91.45
C GLU G 21 5.75 -21.08 -91.59
N ALA G 22 6.28 -19.98 -92.08
CA ALA G 22 5.51 -18.75 -92.20
C ALA G 22 4.33 -18.77 -93.13
N THR G 23 4.47 -19.45 -94.26
CA THR G 23 3.41 -19.47 -95.24
C THR G 23 2.26 -20.32 -94.78
N ASP G 24 2.46 -21.08 -93.72
CA ASP G 24 1.43 -22.01 -93.28
C ASP G 24 0.12 -21.38 -92.82
N PRO G 25 -1.01 -22.07 -93.05
CA PRO G 25 -2.34 -21.56 -92.65
C PRO G 25 -2.56 -21.38 -91.15
N LEU G 26 -3.21 -20.31 -90.75
CA LEU G 26 -3.46 -20.03 -89.35
C LEU G 26 -4.36 -21.08 -88.72
N ASN G 27 -5.23 -21.69 -89.50
CA ASN G 27 -6.17 -22.64 -88.94
C ASN G 27 -5.53 -23.82 -88.26
N LYS G 28 -4.37 -24.26 -88.75
CA LYS G 28 -3.73 -25.44 -88.19
C LYS G 28 -2.85 -25.08 -87.00
N GLY G 29 -2.83 -23.81 -86.62
CA GLY G 29 -2.08 -23.37 -85.46
C GLY G 29 -2.58 -23.97 -84.17
N ASP G 30 -3.88 -24.17 -84.06
CA ASP G 30 -4.40 -24.79 -82.87
C ASP G 30 -3.83 -26.17 -82.79
N ASP G 31 -3.72 -26.84 -83.92
CA ASP G 31 -3.20 -28.18 -83.93
C ASP G 31 -1.76 -28.18 -83.43
N HIS G 32 -0.97 -27.19 -83.81
CA HIS G 32 0.38 -27.07 -83.26
C HIS G 32 0.45 -26.75 -81.77
N ILE G 33 -0.41 -25.87 -81.23
CA ILE G 33 -0.41 -25.63 -79.80
C ILE G 33 -0.79 -26.85 -78.99
N ARG G 34 -1.85 -27.54 -79.40
CA ARG G 34 -2.29 -28.72 -78.68
C ARG G 34 -1.29 -29.84 -78.80
N LEU G 35 -0.56 -29.92 -79.91
CA LEU G 35 0.46 -30.93 -80.10
C LEU G 35 1.50 -30.70 -79.07
N LEU G 36 1.85 -29.44 -78.86
CA LEU G 36 2.84 -29.09 -77.87
C LEU G 36 2.42 -29.44 -76.47
N LYS G 37 1.16 -29.20 -76.11
CA LYS G 37 0.69 -29.55 -74.80
C LYS G 37 0.73 -31.02 -74.55
N THR G 38 0.32 -31.82 -75.51
CA THR G 38 0.24 -33.26 -75.30
C THR G 38 1.60 -33.81 -75.04
N VAL G 39 2.57 -33.35 -75.79
CA VAL G 39 3.91 -33.87 -75.63
C VAL G 39 4.54 -33.55 -74.29
N VAL G 40 4.37 -32.31 -73.83
CA VAL G 40 4.99 -31.93 -72.59
C VAL G 40 4.42 -32.75 -71.48
N VAL G 41 3.11 -32.95 -71.45
CA VAL G 41 2.53 -33.67 -70.34
C VAL G 41 3.05 -35.09 -70.35
N ASN G 42 3.13 -35.71 -71.51
CA ASN G 42 3.54 -37.09 -71.55
C ASN G 42 4.94 -37.31 -71.06
N PHE G 43 5.85 -36.44 -71.44
CA PHE G 43 7.24 -36.54 -71.03
C PHE G 43 7.29 -36.40 -69.54
N TRP G 44 6.52 -35.46 -69.02
CA TRP G 44 6.55 -35.21 -67.60
C TRP G 44 6.12 -36.40 -66.79
N ASN G 45 4.99 -36.97 -67.08
CA ASN G 45 4.49 -38.08 -66.32
C ASN G 45 5.37 -39.31 -66.43
N LYS G 46 5.95 -39.54 -67.58
CA LYS G 46 6.80 -40.72 -67.78
C LYS G 46 8.06 -40.72 -66.92
N VAL G 47 8.74 -39.60 -66.83
CA VAL G 47 9.97 -39.52 -66.06
C VAL G 47 9.85 -38.83 -64.73
N PHE G 48 9.16 -37.70 -64.64
CA PHE G 48 9.14 -36.99 -63.35
C PHE G 48 8.47 -37.70 -62.19
N ASP G 49 7.28 -38.21 -62.39
CA ASP G 49 6.66 -38.98 -61.34
C ASP G 49 5.94 -40.13 -62.01
N GLY G 50 6.70 -41.04 -62.59
CA GLY G 50 6.11 -42.20 -63.23
C GLY G 50 7.17 -43.27 -63.16
N MET H 1 -12.75 -23.75 -71.80
CA MET H 1 -11.97 -23.87 -73.01
C MET H 1 -10.97 -22.76 -73.15
N ALA H 2 -11.29 -21.61 -72.58
CA ALA H 2 -10.42 -20.48 -72.85
C ALA H 2 -9.00 -20.65 -72.38
N LEU H 3 -8.80 -20.99 -71.12
CA LEU H 3 -7.46 -21.09 -70.62
C LEU H 3 -7.53 -21.85 -69.30
N GLU H 4 -6.48 -22.57 -68.95
CA GLU H 4 -6.44 -23.22 -67.67
C GLU H 4 -6.25 -22.12 -66.69
N THR H 5 -6.94 -22.13 -65.54
CA THR H 5 -6.67 -21.08 -64.59
C THR H 5 -5.21 -21.23 -64.24
N TRP H 6 -4.43 -20.16 -64.29
CA TRP H 6 -2.99 -20.28 -64.12
C TRP H 6 -2.22 -19.13 -63.52
N ASP H 7 -1.03 -19.40 -63.00
CA ASP H 7 -0.20 -18.39 -62.34
C ASP H 7 1.25 -18.75 -62.60
N ALA H 8 2.18 -18.01 -62.02
CA ALA H 8 3.59 -18.26 -62.30
C ALA H 8 4.11 -19.63 -61.93
N ASN H 9 3.50 -20.25 -60.93
CA ASN H 9 3.90 -21.59 -60.57
C ASN H 9 2.86 -22.64 -60.92
N SER H 10 2.30 -22.59 -62.13
CA SER H 10 1.36 -23.61 -62.57
C SER H 10 1.87 -25.01 -62.91
N THR H 11 3.00 -25.16 -63.58
CA THR H 11 3.60 -26.48 -63.84
C THR H 11 2.81 -27.31 -64.90
N PRO H 12 3.33 -28.47 -65.32
CA PRO H 12 2.63 -29.23 -66.35
C PRO H 12 1.31 -29.82 -65.92
N ALA H 13 1.03 -29.82 -64.63
CA ALA H 13 -0.22 -30.35 -64.12
C ALA H 13 -1.43 -29.60 -64.64
N THR H 14 -1.32 -28.28 -64.75
CA THR H 14 -2.42 -27.51 -65.23
C THR H 14 -2.34 -27.34 -66.71
N LEU H 15 -2.45 -28.42 -67.49
CA LEU H 15 -2.50 -28.27 -68.94
C LEU H 15 -3.66 -29.09 -69.41
N ASN H 16 -4.62 -28.51 -70.14
CA ASN H 16 -5.70 -29.31 -70.71
C ASN H 16 -5.35 -29.41 -72.15
N THR H 17 -5.12 -30.62 -72.63
CA THR H 17 -4.69 -30.81 -74.00
C THR H 17 -5.76 -30.34 -74.94
N ALA H 18 -7.00 -30.57 -74.61
CA ALA H 18 -8.10 -30.23 -75.49
C ALA H 18 -8.47 -28.79 -75.49
N TRP H 19 -7.88 -28.01 -74.61
CA TRP H 19 -8.32 -26.64 -74.48
C TRP H 19 -8.21 -25.66 -75.63
N PRO H 20 -7.15 -25.75 -76.42
CA PRO H 20 -7.22 -24.79 -77.53
C PRO H 20 -8.19 -25.39 -78.53
N GLU H 21 -9.48 -25.15 -78.34
CA GLU H 21 -10.51 -25.71 -79.22
C GLU H 21 -10.61 -25.05 -80.60
N ALA H 22 -11.23 -25.70 -81.56
CA ALA H 22 -11.25 -25.19 -82.92
C ALA H 22 -11.93 -23.85 -83.16
N THR H 23 -13.05 -23.61 -82.51
CA THR H 23 -13.79 -22.37 -82.70
C THR H 23 -13.41 -21.33 -81.68
N ASP H 24 -12.43 -21.62 -80.84
CA ASP H 24 -12.04 -20.70 -79.78
C ASP H 24 -11.39 -19.44 -80.29
N PRO H 25 -11.49 -18.35 -79.53
CA PRO H 25 -11.00 -17.06 -80.01
C PRO H 25 -9.52 -16.89 -80.20
N LEU H 26 -9.12 -16.10 -81.19
CA LEU H 26 -7.73 -15.79 -81.43
C LEU H 26 -7.14 -14.98 -80.31
N ASN H 27 -7.95 -14.14 -79.68
CA ASN H 27 -7.42 -13.25 -78.66
C ASN H 27 -6.85 -14.03 -77.51
N LYS H 28 -7.23 -15.29 -77.37
CA LYS H 28 -6.71 -16.16 -76.31
C LYS H 28 -5.45 -16.88 -76.72
N GLY H 29 -4.99 -16.63 -77.94
CA GLY H 29 -3.78 -17.28 -78.42
C GLY H 29 -2.51 -16.94 -77.70
N ASP H 30 -2.35 -15.68 -77.34
CA ASP H 30 -1.15 -15.29 -76.66
C ASP H 30 -1.04 -16.00 -75.35
N ASP H 31 -2.15 -16.12 -74.64
CA ASP H 31 -2.14 -16.70 -73.32
C ASP H 31 -1.70 -18.13 -73.34
N HIS H 32 -2.18 -18.88 -74.32
CA HIS H 32 -1.84 -20.30 -74.39
C HIS H 32 -0.36 -20.51 -74.58
N ILE H 33 0.28 -19.67 -75.37
CA ILE H 33 1.72 -19.79 -75.56
C ILE H 33 2.43 -19.56 -74.25
N ARG H 34 2.02 -18.53 -73.54
CA ARG H 34 2.66 -18.20 -72.29
C ARG H 34 2.48 -19.26 -71.21
N LEU H 35 1.33 -19.90 -71.15
CA LEU H 35 1.13 -20.96 -70.18
C LEU H 35 2.16 -22.01 -70.46
N LEU H 36 2.36 -22.34 -71.72
CA LEU H 36 3.33 -23.34 -72.09
C LEU H 36 4.75 -22.93 -71.73
N LYS H 37 5.10 -21.67 -71.93
CA LYS H 37 6.43 -21.23 -71.58
C LYS H 37 6.68 -21.37 -70.08
N THR H 38 5.73 -20.95 -69.25
CA THR H 38 5.92 -21.01 -67.80
C THR H 38 6.09 -22.42 -67.37
N VAL H 39 5.28 -23.30 -67.93
CA VAL H 39 5.33 -24.68 -67.55
C VAL H 39 6.67 -25.29 -67.84
N VAL H 40 7.22 -25.01 -69.02
CA VAL H 40 8.51 -25.59 -69.39
C VAL H 40 9.64 -25.10 -68.49
N VAL H 41 9.66 -23.82 -68.19
CA VAL H 41 10.71 -23.28 -67.37
C VAL H 41 10.66 -23.93 -65.99
N ASN H 42 9.49 -24.03 -65.37
CA ASN H 42 9.43 -24.58 -64.02
C ASN H 42 9.85 -26.04 -64.03
N PHE H 43 9.46 -26.81 -65.03
CA PHE H 43 9.82 -28.20 -65.09
C PHE H 43 11.32 -28.32 -65.19
N TRP H 44 11.95 -27.50 -66.01
CA TRP H 44 13.41 -27.52 -66.12
C TRP H 44 14.08 -27.10 -64.83
N ASN H 45 13.56 -26.09 -64.17
CA ASN H 45 14.15 -25.69 -62.91
C ASN H 45 14.00 -26.79 -61.87
N LYS H 46 12.86 -27.47 -61.83
CA LYS H 46 12.67 -28.55 -60.89
C LYS H 46 13.59 -29.72 -61.09
N VAL H 47 13.73 -30.19 -62.31
CA VAL H 47 14.53 -31.37 -62.51
C VAL H 47 15.96 -31.19 -62.95
N PHE H 48 16.39 -29.97 -63.22
CA PHE H 48 17.80 -29.74 -63.50
C PHE H 48 18.40 -29.03 -62.30
N ASP H 49 17.59 -28.85 -61.26
CA ASP H 49 18.04 -28.24 -60.00
C ASP H 49 17.32 -28.99 -58.89
N MET I 1 10.16 -5.66 -80.63
CA MET I 1 10.33 -7.00 -81.16
C MET I 1 9.58 -8.00 -80.32
N ALA I 2 9.96 -8.12 -79.06
CA ALA I 2 9.34 -9.08 -78.18
C ALA I 2 9.45 -10.49 -78.72
N LEU I 3 10.59 -10.82 -79.31
CA LEU I 3 10.84 -12.19 -79.72
C LEU I 3 12.25 -12.40 -79.23
N GLU I 4 12.50 -13.46 -78.48
CA GLU I 4 13.83 -13.70 -77.93
C GLU I 4 14.81 -14.00 -79.01
N THR I 5 16.04 -13.55 -78.90
CA THR I 5 17.00 -13.97 -79.91
C THR I 5 17.17 -15.47 -79.73
N TRP I 6 17.13 -16.22 -80.82
CA TRP I 6 17.34 -17.65 -80.69
C TRP I 6 18.11 -18.35 -81.79
N ASP I 7 18.75 -19.45 -81.46
CA ASP I 7 19.51 -20.22 -82.43
C ASP I 7 19.17 -21.68 -82.23
N ALA I 8 19.42 -22.50 -83.23
CA ALA I 8 19.10 -23.91 -83.17
C ALA I 8 19.60 -24.67 -81.95
N ASN I 9 20.53 -24.08 -81.22
CA ASN I 9 21.07 -24.74 -80.06
C ASN I 9 20.47 -24.17 -78.75
N SER I 10 19.38 -23.43 -78.86
CA SER I 10 18.82 -22.81 -77.66
C SER I 10 18.35 -23.78 -76.57
N THR I 11 18.67 -23.48 -75.32
CA THR I 11 18.28 -24.33 -74.18
C THR I 11 16.95 -23.84 -73.65
N PRO I 12 16.37 -24.52 -72.62
CA PRO I 12 15.15 -23.96 -72.04
C PRO I 12 15.39 -22.64 -71.38
N ALA I 13 16.64 -22.31 -71.12
CA ALA I 13 17.00 -21.07 -70.48
C ALA I 13 16.63 -19.80 -71.25
N THR I 14 16.61 -19.86 -72.57
CA THR I 14 16.36 -18.65 -73.36
C THR I 14 15.01 -17.91 -73.28
N LEU I 15 13.91 -18.62 -73.13
CA LEU I 15 12.59 -18.00 -73.13
C LEU I 15 12.32 -17.03 -72.03
N ASN I 16 11.64 -15.94 -72.32
CA ASN I 16 11.23 -15.07 -71.26
C ASN I 16 9.74 -15.14 -71.31
N THR I 17 9.13 -15.40 -70.17
CA THR I 17 7.69 -15.44 -70.13
C THR I 17 7.20 -14.02 -70.27
N ALA I 18 5.96 -13.82 -70.69
CA ALA I 18 5.37 -12.49 -70.92
C ALA I 18 5.65 -12.00 -72.33
N TRP I 19 6.48 -12.73 -73.07
CA TRP I 19 6.86 -12.27 -74.41
C TRP I 19 5.84 -12.23 -75.51
N PRO I 20 5.01 -13.26 -75.61
CA PRO I 20 4.00 -13.06 -76.65
C PRO I 20 3.14 -12.07 -75.96
N GLU I 21 2.92 -10.92 -76.53
CA GLU I 21 2.18 -9.92 -75.78
C GLU I 21 0.93 -9.47 -76.50
N ALA I 22 -0.01 -8.94 -75.75
CA ALA I 22 -1.27 -8.53 -76.33
C ALA I 22 -1.08 -7.57 -77.47
N THR I 23 -0.10 -6.68 -77.35
CA THR I 23 0.19 -5.74 -78.42
C THR I 23 0.99 -6.34 -79.55
N ASP I 24 1.74 -7.39 -79.29
CA ASP I 24 2.60 -7.96 -80.31
C ASP I 24 1.88 -8.35 -81.57
N PRO I 25 2.52 -8.20 -82.72
CA PRO I 25 1.94 -8.65 -83.98
C PRO I 25 1.67 -10.16 -84.10
N LEU I 26 0.60 -10.55 -84.77
CA LEU I 26 0.31 -11.98 -84.98
C LEU I 26 1.28 -12.70 -85.90
N ASN I 27 2.00 -11.95 -86.71
CA ASN I 27 2.95 -12.55 -87.65
C ASN I 27 4.08 -13.27 -86.95
N LYS I 28 4.30 -12.96 -85.68
CA LYS I 28 5.38 -13.59 -84.93
C LYS I 28 4.89 -14.80 -84.17
N GLY I 29 3.62 -15.14 -84.32
CA GLY I 29 3.07 -16.27 -83.61
C GLY I 29 3.71 -17.57 -83.96
N ASP I 30 3.97 -17.81 -85.23
CA ASP I 30 4.66 -19.02 -85.63
C ASP I 30 6.06 -19.09 -85.06
N ASP I 31 6.77 -17.98 -85.03
CA ASP I 31 8.13 -17.99 -84.55
C ASP I 31 8.17 -18.38 -83.10
N HIS I 32 7.26 -17.81 -82.32
CA HIS I 32 7.21 -18.13 -80.89
C HIS I 32 6.89 -19.58 -80.67
N ILE I 33 5.98 -20.13 -81.47
CA ILE I 33 5.68 -21.53 -81.37
C ILE I 33 6.92 -22.38 -81.70
N ARG I 34 7.66 -21.99 -82.72
CA ARG I 34 8.85 -22.73 -83.08
C ARG I 34 9.94 -22.68 -82.03
N LEU I 35 10.07 -21.58 -81.32
CA LEU I 35 11.04 -21.53 -80.25
C LEU I 35 10.69 -22.57 -79.24
N LEU I 36 9.42 -22.70 -78.92
CA LEU I 36 9.03 -23.63 -77.90
C LEU I 36 9.37 -25.01 -78.33
N LYS I 37 9.15 -25.32 -79.58
CA LYS I 37 9.54 -26.63 -80.05
C LYS I 37 11.05 -26.89 -79.95
N THR I 38 11.91 -25.95 -80.31
CA THR I 38 13.34 -26.24 -80.15
C THR I 38 13.74 -26.44 -78.69
N VAL I 39 13.17 -25.64 -77.80
CA VAL I 39 13.49 -25.73 -76.37
C VAL I 39 13.09 -27.06 -75.77
N VAL I 40 11.88 -27.52 -76.06
CA VAL I 40 11.43 -28.78 -75.54
C VAL I 40 12.26 -29.97 -76.02
N VAL I 41 12.61 -29.98 -77.30
CA VAL I 41 13.33 -31.14 -77.81
C VAL I 41 14.69 -31.32 -77.18
N ASN I 42 15.40 -30.23 -76.95
CA ASN I 42 16.74 -30.33 -76.40
C ASN I 42 16.75 -30.93 -75.01
N PHE I 43 15.82 -30.56 -74.14
CA PHE I 43 15.81 -31.22 -72.84
C PHE I 43 15.44 -32.69 -72.82
N TRP I 44 14.48 -33.11 -73.60
CA TRP I 44 14.16 -34.53 -73.68
C TRP I 44 15.40 -35.21 -74.14
N ASN I 45 16.12 -34.63 -75.08
CA ASN I 45 17.38 -35.20 -75.51
C ASN I 45 18.49 -35.21 -74.47
N LYS I 46 18.69 -34.10 -73.77
CA LYS I 46 19.76 -34.04 -72.78
C LYS I 46 19.48 -34.99 -71.63
N VAL I 47 18.23 -35.03 -71.16
CA VAL I 47 17.90 -35.86 -70.02
C VAL I 47 17.38 -37.25 -70.31
N PHE I 48 17.04 -37.56 -71.55
CA PHE I 48 16.41 -38.85 -71.81
C PHE I 48 16.84 -39.46 -73.09
N ASP I 49 16.72 -40.77 -73.18
CA ASP I 49 17.11 -41.47 -74.37
C ASP I 49 15.93 -42.27 -74.93
#